data_1SP8
#
_entry.id   1SP8
#
_cell.length_a   89
_cell.length_b   110.9
_cell.length_c   174.8
_cell.angle_alpha   90
_cell.angle_beta   90
_cell.angle_gamma   90
#
_symmetry.space_group_name_H-M   'P 21 21 21'
#
loop_
_entity.id
_entity.type
_entity.pdbx_description
1 polymer '4-Hydroxyphenylpyruvate Dioxygenase'
2 non-polymer 'FE (II) ION'
3 water water
#
_entity_poly.entity_id   1
_entity_poly.type   'polypeptide(L)'
_entity_poly.pdbx_seq_one_letter_code
;ASAAEQAAFRLVGHRNFVRFNPRSDRFHTLAFHHVELWCADAASAAGRFSFGLGAPLAARSDLSTGNSAHASLLLRSGSL
SFLFTAPYAHGADAATAALPSFSAAAARRFAADHGLAVRAVALRVADAEDAFRASVAAGARPAFGPVDLGRGFRLAEVEL
YGDVVLRYVSYPDGAAGEPFLPGFEGVASPGAADYGLSRFDHIVGNVPELAPAAAYFAGFTGFHEFAEFTTEDVGTAESG
LNSMVLANNSENVLLPLNEPVHGTKRRSQIQTFLDHHGGPGVQHMALASDDVLRTLREMQARSAMGGFEFMAPPTSDYYD
GVRRRAGDVLTEAQIKECQELGVLVDRDDQGVLLQIFTKPVGDRPTLFLEIIQRIGCMEKDEKGQEYQKGGCGGFGKGNF
SQLFKSIEDYEKSLEAKQ
;
_entity_poly.pdbx_strand_id   A,B,C,D
#
# COMPACT_ATOMS: atom_id res chain seq x y z
N ARG A 19 43.39 31.11 34.55
CA ARG A 19 42.67 32.13 35.38
C ARG A 19 42.49 33.43 34.61
N PHE A 20 43.53 33.84 33.90
CA PHE A 20 43.50 35.06 33.12
C PHE A 20 43.20 34.84 31.64
N ASN A 21 42.14 35.48 31.15
CA ASN A 21 41.82 35.33 29.75
C ASN A 21 42.33 36.59 29.07
N PRO A 22 43.51 36.50 28.44
CA PRO A 22 44.14 37.62 27.74
C PRO A 22 43.34 38.09 26.53
N ARG A 23 42.42 37.25 26.07
CA ARG A 23 41.63 37.59 24.90
C ARG A 23 42.56 38.06 23.78
N SER A 24 43.56 37.22 23.49
CA SER A 24 44.57 37.52 22.47
C SER A 24 44.27 37.06 21.04
N ASP A 25 43.02 36.77 20.69
CA ASP A 25 42.76 36.32 19.31
C ASP A 25 43.27 37.29 18.24
N ARG A 26 43.97 36.74 17.23
CA ARG A 26 44.51 37.54 16.13
C ARG A 26 43.46 37.82 15.08
N PHE A 27 42.32 37.15 15.19
CA PHE A 27 41.22 37.37 14.26
C PHE A 27 39.95 36.94 14.96
N HIS A 28 38.82 37.46 14.50
CA HIS A 28 37.55 37.16 15.11
C HIS A 28 37.06 35.73 14.84
N THR A 29 37.16 34.88 15.85
CA THR A 29 36.76 33.47 15.81
C THR A 29 35.40 33.29 16.46
N LEU A 30 34.36 33.16 15.64
CA LEU A 30 33.00 33.04 16.14
C LEU A 30 32.62 31.75 16.83
N ALA A 31 32.96 30.61 16.21
CA ALA A 31 32.62 29.29 16.76
C ALA A 31 32.97 28.16 15.81
N PHE A 32 32.75 26.93 16.25
CA PHE A 32 33.02 25.76 15.44
C PHE A 32 31.98 25.76 14.31
N HIS A 33 32.41 25.47 13.08
CA HIS A 33 31.48 25.45 11.95
C HIS A 33 31.14 24.01 11.52
N HIS A 34 32.18 23.18 11.34
CA HIS A 34 32.00 21.78 10.97
C HIS A 34 33.33 21.05 11.08
N VAL A 35 33.28 19.74 10.89
CA VAL A 35 34.49 18.94 10.91
C VAL A 35 34.36 18.04 9.70
N GLU A 36 35.41 17.97 8.88
CA GLU A 36 35.36 17.12 7.69
C GLU A 36 36.28 15.90 7.81
N LEU A 37 35.71 14.72 7.58
CA LEU A 37 36.49 13.48 7.61
C LEU A 37 36.68 13.03 6.16
N TRP A 38 37.89 12.65 5.83
CA TRP A 38 38.20 12.17 4.51
C TRP A 38 38.23 10.65 4.56
N CYS A 39 37.72 10.03 3.50
CA CYS A 39 37.71 8.59 3.37
C CYS A 39 37.64 8.19 1.89
N ALA A 40 37.81 6.90 1.61
CA ALA A 40 37.73 6.45 0.23
C ALA A 40 36.27 6.08 -0.02
N ASP A 41 35.52 5.98 1.07
CA ASP A 41 34.11 5.63 1.00
C ASP A 41 33.30 6.48 1.97
N ALA A 42 32.74 7.59 1.48
CA ALA A 42 31.99 8.48 2.35
C ALA A 42 30.58 7.98 2.68
N ALA A 43 29.94 7.31 1.73
CA ALA A 43 28.58 6.82 1.93
C ALA A 43 28.51 5.92 3.15
N SER A 44 29.43 4.98 3.25
CA SER A 44 29.41 4.08 4.38
C SER A 44 29.62 4.84 5.69
N ALA A 45 30.67 5.65 5.75
CA ALA A 45 30.96 6.41 6.94
C ALA A 45 29.78 7.30 7.37
N ALA A 46 29.24 8.05 6.43
CA ALA A 46 28.12 8.95 6.69
C ALA A 46 26.90 8.21 7.21
N GLY A 47 26.54 7.11 6.54
CA GLY A 47 25.39 6.32 6.98
C GLY A 47 25.53 5.75 8.39
N ARG A 48 26.67 5.13 8.68
CA ARG A 48 26.92 4.54 9.99
C ARG A 48 26.92 5.68 11.04
N PHE A 49 27.63 6.77 10.77
CA PHE A 49 27.65 7.89 11.72
C PHE A 49 26.24 8.49 11.91
N SER A 50 25.48 8.60 10.83
CA SER A 50 24.13 9.20 10.91
C SER A 50 23.25 8.41 11.88
N PHE A 51 23.23 7.10 11.69
CA PHE A 51 22.50 6.15 12.53
C PHE A 51 23.07 6.07 13.95
N GLY A 52 24.39 6.13 14.06
CA GLY A 52 25.01 6.01 15.37
C GLY A 52 24.93 7.23 16.24
N LEU A 53 24.92 8.39 15.62
CA LEU A 53 24.90 9.66 16.33
C LEU A 53 23.52 10.31 16.35
N GLY A 54 22.68 9.93 15.40
CA GLY A 54 21.36 10.52 15.33
C GLY A 54 21.46 11.88 14.66
N ALA A 55 22.20 11.94 13.55
CA ALA A 55 22.37 13.18 12.83
C ALA A 55 21.95 12.97 11.39
N PRO A 56 20.71 13.37 11.07
CA PRO A 56 20.28 13.17 9.67
C PRO A 56 21.07 13.97 8.65
N LEU A 57 21.09 13.45 7.44
CA LEU A 57 21.72 14.06 6.30
C LEU A 57 21.05 15.43 6.11
N ALA A 58 21.85 16.48 5.95
CA ALA A 58 21.31 17.83 5.74
C ALA A 58 21.72 18.49 4.42
N ALA A 59 22.79 17.98 3.79
CA ALA A 59 23.25 18.53 2.53
C ALA A 59 24.22 17.59 1.82
N ARG A 60 24.27 17.69 0.51
CA ARG A 60 25.15 16.85 -0.26
C ARG A 60 25.70 17.56 -1.49
N SER A 61 26.87 17.10 -1.93
CA SER A 61 27.51 17.63 -3.11
C SER A 61 28.22 16.45 -3.76
N ASP A 62 27.74 16.06 -4.92
CA ASP A 62 28.32 14.94 -5.63
C ASP A 62 27.84 14.87 -7.08
N LEU A 63 28.03 13.72 -7.71
CA LEU A 63 27.63 13.53 -9.10
C LEU A 63 26.20 14.01 -9.34
N SER A 64 25.32 13.77 -8.37
CA SER A 64 23.92 14.17 -8.53
C SER A 64 23.72 15.70 -8.51
N THR A 65 24.74 16.43 -8.05
CA THR A 65 24.72 17.90 -8.01
C THR A 65 25.72 18.50 -8.97
N GLY A 66 26.24 17.70 -9.91
CA GLY A 66 27.21 18.20 -10.87
C GLY A 66 28.67 18.12 -10.41
N ASN A 67 28.92 17.58 -9.23
CA ASN A 67 30.29 17.48 -8.69
C ASN A 67 30.90 16.11 -9.05
N SER A 68 31.82 16.08 -10.00
CA SER A 68 32.40 14.80 -10.38
C SER A 68 33.78 14.60 -9.76
N ALA A 69 34.17 15.54 -8.91
CA ALA A 69 35.48 15.47 -8.28
C ALA A 69 35.39 14.69 -6.97
N HIS A 70 34.42 15.04 -6.13
CA HIS A 70 34.25 14.37 -4.86
C HIS A 70 32.81 14.20 -4.42
N ALA A 71 32.59 13.19 -3.59
CA ALA A 71 31.27 12.94 -3.05
C ALA A 71 31.36 13.39 -1.62
N SER A 72 30.49 14.33 -1.25
CA SER A 72 30.46 14.87 0.09
C SER A 72 29.09 14.76 0.71
N LEU A 73 29.07 14.36 1.98
CA LEU A 73 27.82 14.22 2.70
C LEU A 73 27.97 14.95 4.02
N LEU A 74 27.00 15.82 4.30
CA LEU A 74 26.97 16.62 5.51
C LEU A 74 25.85 16.18 6.46
N LEU A 75 26.22 15.70 7.63
CA LEU A 75 25.26 15.29 8.64
C LEU A 75 25.14 16.43 9.66
N ARG A 76 23.97 16.53 10.28
CA ARG A 76 23.77 17.59 11.24
C ARG A 76 22.83 17.21 12.38
N SER A 77 23.19 17.67 13.58
CA SER A 77 22.43 17.47 14.79
C SER A 77 22.57 18.77 15.57
N GLY A 78 21.51 19.57 15.63
CA GLY A 78 21.62 20.84 16.32
C GLY A 78 22.68 21.66 15.60
N SER A 79 23.70 22.11 16.32
CA SER A 79 24.79 22.91 15.74
C SER A 79 25.97 22.10 15.25
N LEU A 80 25.87 20.77 15.36
CA LEU A 80 26.94 19.88 14.94
C LEU A 80 26.84 19.55 13.47
N SER A 81 27.94 19.72 12.76
CA SER A 81 27.99 19.46 11.34
C SER A 81 29.18 18.57 11.02
N PHE A 82 28.90 17.39 10.47
CA PHE A 82 29.97 16.46 10.12
C PHE A 82 29.95 16.32 8.62
N LEU A 83 31.08 16.56 7.98
CA LEU A 83 31.13 16.40 6.55
C LEU A 83 31.96 15.14 6.20
N PHE A 84 31.44 14.29 5.32
CA PHE A 84 32.18 13.08 4.89
C PHE A 84 32.48 13.20 3.43
N THR A 85 33.77 13.12 3.09
CA THR A 85 34.20 13.27 1.71
C THR A 85 35.13 12.19 1.17
N ALA A 86 34.84 11.74 -0.03
CA ALA A 86 35.65 10.74 -0.71
C ALA A 86 35.85 11.22 -2.15
N PRO A 87 36.99 10.90 -2.76
CA PRO A 87 37.25 11.33 -4.13
C PRO A 87 36.72 10.33 -5.16
N TYR A 88 36.28 10.81 -6.32
CA TYR A 88 35.86 9.92 -7.41
C TYR A 88 37.19 9.57 -8.11
N ALA A 89 37.29 8.40 -8.72
CA ALA A 89 38.54 7.97 -9.39
C ALA A 89 38.62 8.10 -10.90
N HIS A 90 37.56 7.71 -11.61
CA HIS A 90 37.55 7.75 -13.07
C HIS A 90 36.61 8.80 -13.66
N GLY A 91 37.02 9.43 -14.75
CA GLY A 91 36.21 10.44 -15.40
C GLY A 91 35.88 11.64 -14.52
N ALA A 92 36.81 12.03 -13.65
CA ALA A 92 36.57 13.14 -12.76
C ALA A 92 37.06 14.50 -13.25
N ASP A 93 36.26 15.53 -13.02
CA ASP A 93 36.67 16.87 -13.42
C ASP A 93 36.94 17.67 -12.14
N ALA A 94 38.22 17.89 -11.87
CA ALA A 94 38.64 18.60 -10.67
C ALA A 94 37.95 19.94 -10.53
N ALA A 95 37.73 20.61 -11.66
CA ALA A 95 37.10 21.92 -11.62
C ALA A 95 35.74 21.91 -10.95
N THR A 96 35.04 20.79 -11.02
CA THR A 96 33.70 20.76 -10.45
C THR A 96 33.58 20.59 -8.94
N ALA A 97 34.70 20.61 -8.22
CA ALA A 97 34.67 20.45 -6.77
C ALA A 97 33.93 21.59 -6.08
N ALA A 98 33.11 21.23 -5.10
CA ALA A 98 32.36 22.22 -4.34
C ALA A 98 33.32 22.80 -3.30
N LEU A 99 34.30 21.99 -2.88
CA LEU A 99 35.32 22.44 -1.95
C LEU A 99 36.55 22.63 -2.82
N PRO A 100 36.83 23.88 -3.23
CA PRO A 100 37.98 24.13 -4.09
C PRO A 100 39.33 23.66 -3.54
N SER A 101 39.41 23.49 -2.24
CA SER A 101 40.67 23.04 -1.64
C SER A 101 40.90 21.55 -1.88
N PHE A 102 39.84 20.84 -2.24
CA PHE A 102 39.95 19.42 -2.46
C PHE A 102 40.94 19.02 -3.55
N SER A 103 41.75 18.00 -3.25
CA SER A 103 42.73 17.45 -4.17
C SER A 103 42.56 15.92 -4.13
N ALA A 104 42.21 15.35 -5.28
CA ALA A 104 41.99 13.91 -5.37
C ALA A 104 43.18 13.05 -4.90
N ALA A 105 44.37 13.36 -5.39
CA ALA A 105 45.56 12.59 -5.05
C ALA A 105 45.91 12.74 -3.58
N ALA A 106 45.74 13.93 -3.04
CA ALA A 106 46.07 14.13 -1.62
C ALA A 106 45.06 13.35 -0.78
N ALA A 107 43.80 13.32 -1.22
CA ALA A 107 42.76 12.59 -0.50
C ALA A 107 43.01 11.09 -0.56
N ARG A 108 43.38 10.57 -1.73
CA ARG A 108 43.68 9.13 -1.85
C ARG A 108 44.82 8.74 -0.94
N ARG A 109 45.88 9.56 -0.93
CA ARG A 109 47.05 9.32 -0.08
C ARG A 109 46.67 9.39 1.41
N PHE A 110 45.80 10.34 1.75
CA PHE A 110 45.34 10.54 3.12
C PHE A 110 44.62 9.33 3.67
N ALA A 111 43.73 8.78 2.84
CA ALA A 111 42.97 7.62 3.23
C ALA A 111 43.87 6.40 3.40
N ALA A 112 44.83 6.21 2.49
CA ALA A 112 45.69 5.02 2.62
C ALA A 112 46.65 5.18 3.78
N ASP A 113 46.94 6.42 4.17
CA ASP A 113 47.85 6.70 5.29
C ASP A 113 47.17 6.55 6.64
N HIS A 114 46.02 7.19 6.79
CA HIS A 114 45.32 7.17 8.07
C HIS A 114 44.02 6.40 8.17
N GLY A 115 43.50 5.89 7.06
CA GLY A 115 42.20 5.21 7.15
C GLY A 115 41.17 6.32 7.39
N LEU A 116 40.02 5.97 7.95
CA LEU A 116 38.97 6.95 8.23
C LEU A 116 39.46 7.97 9.29
N ALA A 117 39.59 9.24 8.91
CA ALA A 117 40.07 10.25 9.87
C ALA A 117 39.67 11.67 9.56
N VAL A 118 39.80 12.52 10.56
CA VAL A 118 39.50 13.93 10.41
C VAL A 118 40.60 14.63 9.64
N ARG A 119 40.18 15.28 8.56
CA ARG A 119 41.08 16.04 7.71
C ARG A 119 40.96 17.52 8.07
N ALA A 120 39.75 17.98 8.32
CA ALA A 120 39.57 19.40 8.62
C ALA A 120 38.79 19.78 9.87
N VAL A 121 39.32 20.76 10.61
CA VAL A 121 38.63 21.31 11.76
C VAL A 121 38.29 22.73 11.27
N ALA A 122 37.02 23.00 11.00
CA ALA A 122 36.63 24.31 10.48
C ALA A 122 35.93 25.22 11.47
N LEU A 123 36.42 26.45 11.54
CA LEU A 123 35.86 27.45 12.44
C LEU A 123 35.14 28.51 11.60
N ARG A 124 34.09 29.11 12.15
CA ARG A 124 33.40 30.21 11.44
C ARG A 124 34.08 31.49 11.95
N VAL A 125 34.56 32.33 11.04
CA VAL A 125 35.23 33.56 11.43
C VAL A 125 34.54 34.76 10.78
N ALA A 126 34.98 35.96 11.16
CA ALA A 126 34.43 37.20 10.64
C ALA A 126 34.70 37.30 9.16
N ASP A 127 35.97 37.14 8.79
CA ASP A 127 36.40 37.21 7.40
C ASP A 127 37.48 36.15 7.19
N ALA A 128 37.18 35.16 6.36
CA ALA A 128 38.11 34.07 6.12
C ALA A 128 39.45 34.53 5.56
N GLU A 129 39.43 35.56 4.71
CA GLU A 129 40.64 36.07 4.11
C GLU A 129 41.51 36.71 5.21
N ASP A 130 40.86 37.49 6.06
CA ASP A 130 41.54 38.16 7.16
C ASP A 130 42.14 37.15 8.14
N ALA A 131 41.43 36.05 8.37
CA ALA A 131 41.92 35.02 9.30
C ALA A 131 43.18 34.38 8.75
N PHE A 132 43.15 34.10 7.44
CA PHE A 132 44.30 33.48 6.74
C PHE A 132 45.51 34.43 6.78
N ARG A 133 45.32 35.65 6.27
CA ARG A 133 46.39 36.63 6.25
C ARG A 133 46.98 36.85 7.63
N ALA A 134 46.11 36.99 8.63
CA ALA A 134 46.58 37.18 10.00
C ALA A 134 47.31 35.94 10.51
N SER A 135 46.88 34.77 10.03
CA SER A 135 47.52 33.53 10.45
C SER A 135 48.91 33.34 9.86
N VAL A 136 49.04 33.46 8.54
CA VAL A 136 50.36 33.28 7.93
C VAL A 136 51.29 34.44 8.32
N ALA A 137 50.70 35.58 8.64
CA ALA A 137 51.50 36.71 9.07
C ALA A 137 52.15 36.31 10.39
N ALA A 138 51.59 35.30 11.05
CA ALA A 138 52.13 34.86 12.34
C ALA A 138 52.70 33.44 12.42
N GLY A 139 53.14 32.89 11.29
CA GLY A 139 53.72 31.55 11.35
C GLY A 139 52.97 30.39 10.74
N ALA A 140 51.67 30.53 10.53
CA ALA A 140 50.88 29.43 9.95
C ALA A 140 51.40 28.96 8.60
N ARG A 141 51.43 27.63 8.40
CA ARG A 141 51.84 27.06 7.12
C ARG A 141 50.62 27.15 6.24
N PRO A 142 50.70 27.84 5.11
CA PRO A 142 49.48 27.87 4.32
C PRO A 142 49.10 26.52 3.71
N ALA A 143 47.80 26.25 3.68
CA ALA A 143 47.26 25.03 3.12
C ALA A 143 46.47 25.34 1.87
N PHE A 144 45.63 26.38 1.90
CA PHE A 144 44.85 26.77 0.72
C PHE A 144 44.53 28.25 0.85
N GLY A 145 44.83 29.01 -0.20
CA GLY A 145 44.60 30.44 -0.18
C GLY A 145 43.13 30.80 -0.16
N PRO A 146 42.79 31.93 0.48
CA PRO A 146 41.40 32.38 0.57
C PRO A 146 40.76 32.50 -0.80
N VAL A 147 39.47 32.22 -0.86
CA VAL A 147 38.74 32.31 -2.10
C VAL A 147 37.31 32.61 -1.73
N ASP A 148 36.59 33.21 -2.67
CA ASP A 148 35.19 33.51 -2.44
C ASP A 148 34.41 32.37 -3.09
N LEU A 149 33.49 31.77 -2.35
CA LEU A 149 32.73 30.65 -2.86
C LEU A 149 31.44 31.11 -3.52
N GLY A 150 31.10 32.37 -3.28
CA GLY A 150 29.87 32.92 -3.83
C GLY A 150 28.97 33.32 -2.67
N ARG A 151 28.00 34.17 -2.96
CA ARG A 151 27.03 34.64 -1.97
C ARG A 151 27.60 35.13 -0.65
N GLY A 152 28.76 35.78 -0.70
CA GLY A 152 29.38 36.32 0.51
C GLY A 152 30.21 35.31 1.28
N PHE A 153 30.20 34.07 0.83
CA PHE A 153 30.95 33.01 1.51
C PHE A 153 32.43 33.05 1.15
N ARG A 154 33.28 32.92 2.16
CA ARG A 154 34.72 32.90 1.94
C ARG A 154 35.33 31.67 2.64
N LEU A 155 36.43 31.16 2.08
CA LEU A 155 37.07 29.99 2.65
C LEU A 155 38.59 29.99 2.46
N ALA A 156 39.28 29.48 3.47
CA ALA A 156 40.73 29.38 3.40
C ALA A 156 41.12 28.25 4.36
N GLU A 157 42.39 27.85 4.34
CA GLU A 157 42.87 26.75 5.19
C GLU A 157 44.35 26.91 5.51
N VAL A 158 44.76 26.48 6.70
CA VAL A 158 46.16 26.52 7.08
C VAL A 158 46.41 25.21 7.83
N GLU A 159 47.68 24.82 7.99
CA GLU A 159 47.98 23.57 8.69
C GLU A 159 47.87 23.66 10.22
N LEU A 160 47.19 22.68 10.80
CA LEU A 160 46.97 22.59 12.24
C LEU A 160 48.07 21.70 12.86
N TYR A 161 48.06 20.42 12.51
CA TYR A 161 49.05 19.42 12.92
C TYR A 161 48.94 18.27 11.92
N GLY A 162 50.07 17.63 11.61
CA GLY A 162 50.08 16.53 10.66
C GLY A 162 49.41 16.90 9.34
N ASP A 163 48.51 16.04 8.88
CA ASP A 163 47.77 16.26 7.64
C ASP A 163 46.38 16.85 7.91
N VAL A 164 46.19 17.37 9.12
CA VAL A 164 44.92 17.98 9.50
C VAL A 164 45.02 19.48 9.27
N VAL A 165 43.99 20.08 8.70
CA VAL A 165 44.05 21.53 8.47
C VAL A 165 43.00 22.28 9.29
N LEU A 166 43.29 23.53 9.60
CA LEU A 166 42.36 24.39 10.34
C LEU A 166 41.70 25.20 9.21
N ARG A 167 40.43 24.95 8.95
CA ARG A 167 39.71 25.63 7.88
C ARG A 167 38.91 26.84 8.39
N TYR A 168 38.97 27.92 7.63
CA TYR A 168 38.23 29.12 8.00
C TYR A 168 37.14 29.36 6.97
N VAL A 169 35.92 29.64 7.43
CA VAL A 169 34.82 29.97 6.52
C VAL A 169 34.15 31.24 7.09
N SER A 170 33.61 32.08 6.21
CA SER A 170 32.92 33.28 6.62
C SER A 170 31.75 33.54 5.68
N TYR A 171 30.72 34.18 6.21
CA TYR A 171 29.56 34.50 5.41
C TYR A 171 28.63 35.45 6.16
N PRO A 172 27.85 36.25 5.43
CA PRO A 172 26.94 37.18 6.10
C PRO A 172 25.85 36.45 6.87
N ASP A 173 25.35 37.08 7.92
CA ASP A 173 24.29 36.51 8.74
C ASP A 173 23.03 36.19 7.94
N GLY A 174 22.90 36.76 6.75
CA GLY A 174 21.75 36.50 5.92
C GLY A 174 21.92 35.22 5.10
N ALA A 175 23.17 34.82 4.90
CA ALA A 175 23.45 33.61 4.14
C ALA A 175 23.11 32.38 4.99
N ALA A 176 23.08 32.57 6.29
CA ALA A 176 22.78 31.47 7.20
C ALA A 176 21.56 30.67 6.75
N GLY A 177 20.74 31.25 5.87
CA GLY A 177 19.55 30.57 5.39
C GLY A 177 19.80 29.51 4.33
N GLU A 178 21.05 29.09 4.16
CA GLU A 178 21.38 28.10 3.16
C GLU A 178 21.92 26.77 3.76
N PRO A 179 21.80 25.66 3.01
CA PRO A 179 22.25 24.33 3.48
C PRO A 179 23.62 24.16 4.12
N PHE A 180 24.68 24.54 3.40
CA PHE A 180 26.01 24.38 3.95
C PHE A 180 27.00 25.42 3.43
N LEU A 181 27.45 25.22 2.20
CA LEU A 181 28.38 26.11 1.53
C LEU A 181 27.85 26.07 0.11
N PRO A 182 28.09 27.13 -0.67
CA PRO A 182 27.61 27.16 -2.05
C PRO A 182 28.05 25.90 -2.77
N GLY A 183 27.17 25.33 -3.57
CA GLY A 183 27.54 24.12 -4.30
C GLY A 183 26.93 22.89 -3.65
N PHE A 184 26.52 23.02 -2.39
CA PHE A 184 25.91 21.91 -1.69
C PHE A 184 24.40 22.08 -1.74
N GLU A 185 23.74 20.98 -2.07
CA GLU A 185 22.30 20.92 -2.18
C GLU A 185 21.73 20.55 -0.81
N GLY A 186 20.67 21.24 -0.41
CA GLY A 186 20.04 20.95 0.85
C GLY A 186 19.28 19.62 0.78
N VAL A 187 19.23 18.92 1.91
CA VAL A 187 18.51 17.65 1.98
C VAL A 187 17.58 17.73 3.17
N ALA A 188 16.27 17.63 2.92
CA ALA A 188 15.27 17.69 3.99
C ALA A 188 15.17 16.36 4.73
N SER A 189 14.97 16.41 6.04
CA SER A 189 14.85 15.18 6.83
C SER A 189 13.50 15.05 7.54
N PRO A 190 12.41 14.99 6.76
CA PRO A 190 11.07 14.86 7.35
C PRO A 190 10.91 13.61 8.23
N GLY A 191 11.45 12.48 7.77
CA GLY A 191 11.34 11.26 8.56
C GLY A 191 12.52 11.11 9.51
N ALA A 192 13.26 12.19 9.72
CA ALA A 192 14.44 12.11 10.56
C ALA A 192 14.43 12.93 11.84
N ALA A 193 14.80 12.31 12.95
CA ALA A 193 14.87 12.98 14.24
C ALA A 193 16.25 12.74 14.86
N ASP A 194 16.80 13.74 15.55
CA ASP A 194 18.11 13.58 16.18
C ASP A 194 17.99 13.02 17.59
N TYR A 195 19.12 12.75 18.24
CA TYR A 195 19.08 12.20 19.60
C TYR A 195 19.53 13.18 20.65
N GLY A 196 19.56 14.47 20.30
CA GLY A 196 19.99 15.45 21.29
C GLY A 196 21.44 15.94 21.29
N LEU A 197 22.28 15.49 20.37
CA LEU A 197 23.65 16.03 20.36
C LEU A 197 23.44 17.44 19.76
N SER A 198 24.02 18.49 20.35
CA SER A 198 23.81 19.83 19.82
C SER A 198 25.02 20.67 19.39
N ARG A 199 26.22 20.32 19.84
CA ARG A 199 27.40 21.10 19.50
C ARG A 199 28.72 20.44 19.87
N PHE A 200 29.79 20.88 19.23
CA PHE A 200 31.10 20.35 19.55
C PHE A 200 31.55 21.04 20.82
N ASP A 201 32.15 20.28 21.73
CA ASP A 201 32.63 20.89 22.95
C ASP A 201 34.13 21.14 22.81
N HIS A 202 34.85 20.12 22.35
CA HIS A 202 36.27 20.21 22.14
C HIS A 202 36.79 19.12 21.19
N ILE A 203 37.87 19.44 20.46
CA ILE A 203 38.48 18.52 19.49
C ILE A 203 39.96 18.40 19.83
N VAL A 204 40.38 17.19 20.17
CA VAL A 204 41.75 16.91 20.61
C VAL A 204 42.67 16.30 19.56
N GLY A 205 43.84 16.90 19.38
CA GLY A 205 44.82 16.35 18.45
C GLY A 205 45.96 15.76 19.26
N ASN A 206 46.61 14.71 18.72
CA ASN A 206 47.77 14.12 19.40
C ASN A 206 48.96 14.46 18.53
N VAL A 207 50.04 14.92 19.15
CA VAL A 207 51.25 15.24 18.38
C VAL A 207 52.43 14.60 19.09
N PRO A 208 53.53 14.39 18.36
CA PRO A 208 54.68 13.77 19.04
C PRO A 208 55.34 14.67 20.09
N GLU A 209 55.37 15.98 19.84
CA GLU A 209 55.98 16.93 20.78
C GLU A 209 55.05 18.12 20.99
N LEU A 210 54.56 18.26 22.21
CA LEU A 210 53.63 19.33 22.55
C LEU A 210 54.11 20.78 22.34
N ALA A 211 55.17 21.16 23.07
CA ALA A 211 55.72 22.51 23.04
C ALA A 211 55.81 23.15 21.66
N PRO A 212 56.55 22.55 20.73
CA PRO A 212 56.63 23.18 19.40
C PRO A 212 55.28 23.30 18.69
N ALA A 213 54.45 22.27 18.79
CA ALA A 213 53.13 22.25 18.15
C ALA A 213 52.23 23.33 18.75
N ALA A 214 52.20 23.40 20.06
CA ALA A 214 51.38 24.38 20.75
C ALA A 214 51.93 25.78 20.51
N ALA A 215 53.26 25.90 20.43
CA ALA A 215 53.88 27.19 20.21
C ALA A 215 53.45 27.66 18.84
N TYR A 216 53.51 26.74 17.88
CA TYR A 216 53.12 27.05 16.51
C TYR A 216 51.64 27.43 16.42
N PHE A 217 50.79 26.55 16.93
CA PHE A 217 49.34 26.73 16.89
C PHE A 217 48.87 27.97 17.65
N ALA A 218 49.22 28.09 18.93
CA ALA A 218 48.81 29.28 19.69
C ALA A 218 49.44 30.54 19.05
N GLY A 219 50.62 30.35 18.47
CA GLY A 219 51.33 31.43 17.83
C GLY A 219 50.61 32.08 16.67
N PHE A 220 50.04 31.29 15.77
CA PHE A 220 49.38 31.91 14.63
C PHE A 220 47.92 32.32 14.83
N THR A 221 47.27 31.74 15.84
CA THR A 221 45.87 32.04 16.12
C THR A 221 45.67 33.06 17.25
N GLY A 222 46.57 33.03 18.23
CA GLY A 222 46.41 33.94 19.36
C GLY A 222 45.52 33.32 20.42
N PHE A 223 45.10 32.07 20.17
CA PHE A 223 44.28 31.32 21.12
C PHE A 223 45.12 31.18 22.37
N HIS A 224 44.51 31.35 23.55
CA HIS A 224 45.26 31.27 24.80
C HIS A 224 45.14 29.93 25.52
N GLU A 225 45.96 29.74 26.55
CA GLU A 225 45.91 28.49 27.28
C GLU A 225 44.81 28.50 28.33
N PHE A 226 43.85 27.59 28.15
CA PHE A 226 42.68 27.47 29.03
C PHE A 226 42.95 26.51 30.18
N ALA A 227 43.52 25.36 29.85
CA ALA A 227 43.82 24.37 30.86
C ALA A 227 45.07 23.58 30.50
N GLU A 228 45.64 22.88 31.46
CA GLU A 228 46.83 22.08 31.21
C GLU A 228 46.86 20.89 32.16
N PHE A 229 47.32 19.76 31.66
CA PHE A 229 47.40 18.55 32.48
C PHE A 229 48.78 17.94 32.22
N THR A 230 49.60 17.91 33.26
CA THR A 230 50.96 17.38 33.15
C THR A 230 51.05 16.06 33.92
N THR A 231 50.54 15.00 33.30
CA THR A 231 50.55 13.68 33.92
C THR A 231 51.59 12.77 33.27
N GLY A 240 49.78 8.53 30.80
CA GLY A 240 51.06 8.93 30.25
C GLY A 240 50.97 10.01 29.18
N LEU A 241 50.56 11.21 29.55
CA LEU A 241 50.47 12.28 28.56
C LEU A 241 50.46 13.66 29.21
N ASN A 242 50.74 14.69 28.43
CA ASN A 242 50.67 16.06 28.94
C ASN A 242 49.68 16.74 28.00
N SER A 243 48.98 17.74 28.47
CA SER A 243 48.00 18.37 27.61
C SER A 243 47.80 19.84 27.84
N MET A 244 47.54 20.54 26.76
CA MET A 244 47.27 21.94 26.87
C MET A 244 45.99 22.11 26.10
N VAL A 245 45.15 23.00 26.58
CA VAL A 245 43.89 23.28 25.93
C VAL A 245 43.95 24.73 25.52
N LEU A 246 43.94 24.98 24.21
CA LEU A 246 43.98 26.35 23.69
C LEU A 246 42.53 26.74 23.39
N ALA A 247 42.23 28.05 23.43
CA ALA A 247 40.85 28.53 23.21
C ALA A 247 40.78 29.92 22.57
N ASN A 248 39.65 30.22 21.93
CA ASN A 248 39.46 31.53 21.32
C ASN A 248 39.02 32.54 22.39
N ASN A 249 38.67 33.75 22.00
CA ASN A 249 38.30 34.76 23.00
C ASN A 249 37.06 34.48 23.85
N SER A 250 35.99 34.03 23.21
CA SER A 250 34.77 33.76 23.93
C SER A 250 34.88 32.44 24.61
N GLU A 251 35.91 31.69 24.23
CA GLU A 251 36.19 30.38 24.78
C GLU A 251 35.16 29.34 24.38
N ASN A 252 34.41 29.58 23.32
CA ASN A 252 33.42 28.60 22.89
C ASN A 252 34.07 27.66 21.88
N VAL A 253 35.32 27.93 21.57
CA VAL A 253 36.07 27.07 20.68
C VAL A 253 37.26 26.56 21.51
N LEU A 254 37.29 25.25 21.75
CA LEU A 254 38.33 24.66 22.56
C LEU A 254 39.05 23.57 21.76
N LEU A 255 40.36 23.72 21.60
CA LEU A 255 41.15 22.78 20.81
C LEU A 255 42.42 22.35 21.55
N PRO A 256 42.32 21.29 22.36
CA PRO A 256 43.41 20.71 23.14
C PRO A 256 44.45 19.97 22.30
N LEU A 257 45.61 19.68 22.89
CA LEU A 257 46.72 18.96 22.25
C LEU A 257 47.33 18.01 23.26
N ASN A 258 47.71 16.80 22.83
CA ASN A 258 48.34 15.85 23.74
C ASN A 258 49.64 15.36 23.13
N GLU A 259 50.60 15.02 23.99
CA GLU A 259 51.86 14.45 23.57
C GLU A 259 52.01 13.28 24.54
N PRO A 260 52.74 12.24 24.14
CA PRO A 260 52.90 11.11 25.06
C PRO A 260 54.08 11.28 26.01
N VAL A 261 54.00 10.68 27.17
CA VAL A 261 55.10 10.74 28.12
C VAL A 261 55.64 9.32 28.10
N HIS A 262 56.89 9.15 27.69
CA HIS A 262 57.46 7.81 27.63
C HIS A 262 58.01 7.38 28.99
N GLY A 263 58.04 6.07 29.22
CA GLY A 263 58.55 5.55 30.48
C GLY A 263 57.75 4.40 31.07
N THR A 264 58.11 4.00 32.29
CA THR A 264 57.44 2.90 32.98
C THR A 264 57.29 1.66 32.08
N LYS A 265 56.12 1.05 32.09
CA LYS A 265 55.86 -0.14 31.28
C LYS A 265 54.87 0.12 30.15
N ARG A 266 53.59 0.22 30.49
CA ARG A 266 52.53 0.45 29.51
C ARG A 266 52.98 1.41 28.40
N ARG A 267 52.54 1.14 27.18
CA ARG A 267 52.88 2.01 26.06
C ARG A 267 51.83 3.11 26.07
N SER A 268 52.29 4.36 25.96
CA SER A 268 51.39 5.51 25.95
C SER A 268 50.22 5.36 24.96
N GLN A 269 48.99 5.57 25.43
CA GLN A 269 47.84 5.47 24.55
C GLN A 269 47.97 6.52 23.45
N ILE A 270 48.71 7.58 23.75
CA ILE A 270 48.95 8.66 22.79
C ILE A 270 49.91 8.18 21.70
N GLN A 271 50.86 7.33 22.08
CA GLN A 271 51.82 6.80 21.11
C GLN A 271 51.14 5.76 20.23
N THR A 272 50.24 4.99 20.84
CA THR A 272 49.50 3.97 20.12
C THR A 272 48.75 4.70 19.01
N PHE A 273 48.14 5.85 19.32
CA PHE A 273 47.44 6.57 18.27
C PHE A 273 48.44 6.95 17.22
N LEU A 274 49.47 7.69 17.60
CA LEU A 274 50.48 8.11 16.63
C LEU A 274 50.98 6.93 15.80
N ASP A 275 51.20 5.79 16.42
CA ASP A 275 51.68 4.62 15.65
C ASP A 275 50.68 4.14 14.59
N HIS A 276 49.47 3.77 15.03
CA HIS A 276 48.45 3.25 14.11
C HIS A 276 47.91 4.30 13.14
N HIS A 277 47.95 5.56 13.53
CA HIS A 277 47.44 6.62 12.65
C HIS A 277 48.50 7.04 11.64
N GLY A 278 49.76 6.92 12.03
CA GLY A 278 50.84 7.29 11.14
C GLY A 278 51.26 8.76 11.22
N GLY A 279 51.06 9.42 12.36
CA GLY A 279 51.45 10.82 12.48
C GLY A 279 50.51 11.63 13.33
N PRO A 280 50.70 12.95 13.45
CA PRO A 280 49.76 13.70 14.29
C PRO A 280 48.36 13.59 13.70
N GLY A 281 47.33 13.90 14.50
CA GLY A 281 45.97 13.82 13.99
C GLY A 281 44.95 13.95 15.09
N VAL A 282 43.68 14.10 14.72
CA VAL A 282 42.62 14.22 15.70
C VAL A 282 42.34 12.89 16.41
N GLN A 283 42.49 12.92 17.74
CA GLN A 283 42.28 11.73 18.56
C GLN A 283 40.82 11.53 18.91
N HIS A 284 40.17 12.57 19.43
CA HIS A 284 38.78 12.47 19.80
C HIS A 284 38.02 13.78 19.69
N MET A 285 36.70 13.67 19.52
CA MET A 285 35.85 14.84 19.47
C MET A 285 34.82 14.67 20.55
N ALA A 286 34.66 15.69 21.39
CA ALA A 286 33.68 15.60 22.43
C ALA A 286 32.43 16.28 21.88
N LEU A 287 31.32 15.57 21.92
CA LEU A 287 30.05 16.07 21.44
C LEU A 287 29.16 16.29 22.67
N ALA A 288 28.52 17.46 22.76
CA ALA A 288 27.67 17.77 23.91
C ALA A 288 26.18 17.68 23.66
N SER A 289 25.48 17.28 24.72
CA SER A 289 24.05 17.15 24.68
C SER A 289 23.53 17.86 25.89
N ASP A 290 22.32 18.40 25.79
CA ASP A 290 21.73 19.08 26.90
C ASP A 290 21.17 18.03 27.87
N ASP A 291 20.92 16.82 27.35
CA ASP A 291 20.40 15.71 28.16
C ASP A 291 21.12 14.42 27.72
N VAL A 292 22.36 14.31 28.13
CA VAL A 292 23.22 13.20 27.75
C VAL A 292 22.73 11.82 28.12
N LEU A 293 21.95 11.69 29.20
CA LEU A 293 21.45 10.36 29.56
C LEU A 293 20.41 9.94 28.53
N ARG A 294 19.60 10.88 28.10
CA ARG A 294 18.57 10.62 27.11
C ARG A 294 19.25 10.27 25.82
N THR A 295 20.32 11.00 25.51
CA THR A 295 21.06 10.81 24.27
C THR A 295 21.74 9.44 24.21
N LEU A 296 22.43 9.09 25.29
CA LEU A 296 23.12 7.81 25.38
C LEU A 296 22.20 6.59 25.26
N ARG A 297 20.98 6.68 25.78
CA ARG A 297 20.05 5.56 25.64
C ARG A 297 19.76 5.34 24.15
N GLU A 298 19.48 6.41 23.41
CA GLU A 298 19.22 6.26 21.97
C GLU A 298 20.46 5.66 21.29
N MET A 299 21.62 6.20 21.60
CA MET A 299 22.84 5.73 20.96
C MET A 299 23.15 4.27 21.27
N GLN A 300 23.04 3.91 22.54
CA GLN A 300 23.36 2.54 22.95
C GLN A 300 22.33 1.51 22.51
N ALA A 301 21.16 1.97 22.11
CA ALA A 301 20.15 1.03 21.68
C ALA A 301 20.50 0.57 20.29
N ARG A 302 21.42 1.28 19.66
CA ARG A 302 21.76 0.93 18.29
C ARG A 302 23.12 0.26 18.13
N SER A 303 23.87 0.15 19.21
CA SER A 303 25.19 -0.47 19.14
C SER A 303 25.16 -1.85 18.49
N ALA A 304 24.25 -2.70 18.96
CA ALA A 304 24.15 -4.07 18.48
C ALA A 304 23.92 -4.19 16.98
N MET A 305 23.34 -3.17 16.35
CA MET A 305 23.11 -3.25 14.92
C MET A 305 23.89 -2.31 14.04
N GLY A 306 25.15 -2.03 14.37
CA GLY A 306 25.93 -1.15 13.52
C GLY A 306 26.20 0.25 14.04
N GLY A 307 25.61 0.63 15.16
CA GLY A 307 25.88 1.94 15.70
C GLY A 307 27.21 1.87 16.44
N PHE A 308 27.47 2.83 17.30
CA PHE A 308 28.73 2.87 18.02
C PHE A 308 28.74 2.12 19.36
N GLU A 309 29.87 1.53 19.70
CA GLU A 309 30.00 0.86 20.97
C GLU A 309 30.73 1.79 21.91
N PHE A 310 30.51 1.57 23.20
CA PHE A 310 31.10 2.35 24.24
C PHE A 310 31.99 1.52 25.16
N MET A 311 32.76 2.25 25.95
CA MET A 311 33.67 1.69 26.96
C MET A 311 32.76 0.97 27.99
N ALA A 312 33.07 -0.29 28.31
CA ALA A 312 32.26 -1.02 29.28
C ALA A 312 32.07 -0.19 30.54
N PRO A 313 30.91 -0.30 31.18
CA PRO A 313 30.68 0.48 32.39
C PRO A 313 31.66 0.19 33.54
N PRO A 314 31.97 1.21 34.35
CA PRO A 314 32.89 0.95 35.47
C PRO A 314 32.13 0.07 36.48
N THR A 315 32.85 -0.67 37.32
CA THR A 315 32.23 -1.52 38.33
C THR A 315 31.61 -0.64 39.42
N SER A 316 30.71 -1.23 40.20
CA SER A 316 30.00 -0.50 41.24
C SER A 316 30.81 0.32 42.23
N ASP A 317 32.05 -0.08 42.52
CA ASP A 317 32.85 0.67 43.47
C ASP A 317 33.10 2.08 42.95
N TYR A 318 33.20 2.21 41.63
CA TYR A 318 33.43 3.53 41.05
C TYR A 318 32.22 4.42 41.36
N TYR A 319 31.03 3.84 41.27
CA TYR A 319 29.83 4.63 41.55
C TYR A 319 29.67 4.88 43.04
N ASP A 320 30.29 4.04 43.87
CA ASP A 320 30.28 4.32 45.31
C ASP A 320 31.06 5.65 45.41
N GLY A 321 32.08 5.77 44.57
CA GLY A 321 32.89 6.96 44.52
C GLY A 321 32.15 8.21 44.05
N VAL A 322 31.35 8.13 42.99
CA VAL A 322 30.67 9.35 42.56
C VAL A 322 29.64 9.78 43.60
N ARG A 323 29.18 8.86 44.42
CA ARG A 323 28.24 9.20 45.46
C ARG A 323 29.04 10.13 46.40
N ARG A 324 30.17 9.61 46.88
CA ARG A 324 31.05 10.38 47.75
C ARG A 324 31.46 11.73 47.19
N ARG A 325 31.76 11.78 45.89
CA ARG A 325 32.22 13.02 45.26
C ARG A 325 31.17 13.94 44.64
N ALA A 326 29.98 13.42 44.32
CA ALA A 326 28.96 14.27 43.70
C ALA A 326 27.57 13.99 44.21
N GLY A 327 27.51 13.23 45.32
CA GLY A 327 26.23 12.88 45.91
C GLY A 327 25.41 14.09 46.30
N ASP A 328 26.05 15.25 46.33
CA ASP A 328 25.35 16.46 46.71
C ASP A 328 24.70 17.13 45.51
N VAL A 329 25.15 16.80 44.31
CA VAL A 329 24.60 17.40 43.10
C VAL A 329 23.80 16.43 42.27
N LEU A 330 24.08 15.14 42.40
CA LEU A 330 23.33 14.13 41.64
C LEU A 330 22.52 13.27 42.59
N THR A 331 21.32 12.87 42.18
CA THR A 331 20.48 12.01 43.03
C THR A 331 20.89 10.56 42.82
N GLU A 332 20.37 9.69 43.68
CA GLU A 332 20.63 8.26 43.60
C GLU A 332 20.08 7.70 42.28
N ALA A 333 18.90 8.15 41.87
CA ALA A 333 18.31 7.67 40.63
C ALA A 333 19.19 8.10 39.47
N GLN A 334 19.71 9.32 39.57
CA GLN A 334 20.55 9.83 38.50
C GLN A 334 21.90 9.13 38.48
N ILE A 335 22.44 8.78 39.64
CA ILE A 335 23.72 8.10 39.62
C ILE A 335 23.59 6.70 39.03
N LYS A 336 22.49 6.00 39.34
CA LYS A 336 22.23 4.64 38.83
C LYS A 336 22.03 4.65 37.31
N GLU A 337 21.42 5.71 36.78
CA GLU A 337 21.20 5.85 35.35
C GLU A 337 22.57 5.93 34.69
N CYS A 338 23.43 6.77 35.27
CA CYS A 338 24.79 6.92 34.79
C CYS A 338 25.49 5.58 34.80
N GLN A 339 25.30 4.83 35.88
CA GLN A 339 25.95 3.53 36.00
C GLN A 339 25.48 2.54 34.95
N GLU A 340 24.18 2.58 34.64
CA GLU A 340 23.63 1.65 33.67
C GLU A 340 24.20 1.94 32.30
N LEU A 341 24.36 3.22 31.99
CA LEU A 341 24.90 3.63 30.69
C LEU A 341 26.44 3.63 30.66
N GLY A 342 27.06 3.62 31.84
CA GLY A 342 28.51 3.62 31.89
C GLY A 342 29.12 5.01 31.91
N VAL A 343 28.31 6.05 32.17
CA VAL A 343 28.89 7.39 32.18
C VAL A 343 29.66 7.71 33.45
N LEU A 344 30.77 8.43 33.26
CA LEU A 344 31.68 8.82 34.32
C LEU A 344 31.30 10.20 34.81
N VAL A 345 31.58 10.45 36.08
CA VAL A 345 31.23 11.73 36.67
C VAL A 345 32.43 12.44 37.28
N ASP A 346 32.49 13.76 37.09
CA ASP A 346 33.56 14.54 37.67
C ASP A 346 33.10 15.96 37.96
N ARG A 347 33.87 16.67 38.76
CA ARG A 347 33.51 18.04 39.12
C ARG A 347 34.72 18.92 39.43
N ASP A 348 34.44 20.21 39.54
CA ASP A 348 35.42 21.24 39.90
C ASP A 348 34.56 22.19 40.74
N ASP A 349 34.91 23.47 40.75
CA ASP A 349 34.12 24.44 41.48
C ASP A 349 32.98 24.94 40.57
N GLN A 350 31.77 25.01 41.10
CA GLN A 350 30.63 25.46 40.31
C GLN A 350 30.28 24.63 39.06
N GLY A 351 31.01 23.53 38.80
CA GLY A 351 30.68 22.74 37.64
C GLY A 351 30.79 21.22 37.76
N VAL A 352 29.85 20.52 37.12
CA VAL A 352 29.77 19.05 37.08
C VAL A 352 29.88 18.53 35.64
N LEU A 353 30.77 17.56 35.41
CA LEU A 353 30.89 17.01 34.05
C LEU A 353 30.47 15.56 33.94
N LEU A 354 29.61 15.26 32.98
CA LEU A 354 29.20 13.88 32.73
C LEU A 354 29.85 13.49 31.38
N GLN A 355 30.57 12.36 31.38
CA GLN A 355 31.25 11.99 30.14
C GLN A 355 31.35 10.48 29.88
N ILE A 356 31.41 10.10 28.61
CA ILE A 356 31.58 8.70 28.23
C ILE A 356 32.36 8.62 26.92
N PHE A 357 33.15 7.55 26.76
CA PHE A 357 33.95 7.37 25.57
C PHE A 357 33.52 6.19 24.74
N THR A 358 33.47 6.38 23.42
CA THR A 358 33.09 5.27 22.56
C THR A 358 34.38 4.54 22.24
N LYS A 359 34.22 3.37 21.64
CA LYS A 359 35.37 2.62 21.21
C LYS A 359 35.70 3.29 19.86
N PRO A 360 36.82 2.91 19.24
CA PRO A 360 37.20 3.50 17.95
C PRO A 360 36.00 3.47 16.98
N VAL A 361 35.83 4.53 16.18
CA VAL A 361 34.71 4.60 15.24
C VAL A 361 35.06 3.98 13.90
N GLY A 362 36.30 3.61 13.74
CA GLY A 362 36.71 2.98 12.50
C GLY A 362 37.52 1.76 12.85
N ASP A 363 38.17 1.19 11.84
CA ASP A 363 38.99 -0.01 12.03
C ASP A 363 40.23 0.17 12.86
N ARG A 364 40.89 1.32 12.76
CA ARG A 364 42.11 1.52 13.53
C ARG A 364 41.86 2.05 14.93
N PRO A 365 42.70 1.64 15.89
CA PRO A 365 42.59 2.07 17.28
C PRO A 365 43.12 3.49 17.35
N THR A 366 42.38 4.41 16.75
CA THR A 366 42.79 5.79 16.68
C THR A 366 41.69 6.76 17.09
N LEU A 367 40.89 7.18 16.12
CA LEU A 367 39.81 8.12 16.40
C LEU A 367 38.65 7.57 17.22
N PHE A 368 38.17 8.33 18.20
CA PHE A 368 36.99 7.93 18.98
C PHE A 368 36.22 9.18 19.38
N LEU A 369 35.03 8.97 19.93
CA LEU A 369 34.18 10.09 20.31
C LEU A 369 33.97 10.18 21.81
N GLU A 370 33.57 11.36 22.27
CA GLU A 370 33.30 11.55 23.67
C GLU A 370 31.94 12.21 23.74
N ILE A 371 31.02 11.62 24.52
CA ILE A 371 29.69 12.19 24.67
C ILE A 371 29.61 12.78 26.08
N ILE A 372 29.18 14.04 26.16
CA ILE A 372 29.13 14.73 27.45
C ILE A 372 27.97 15.66 27.60
N GLN A 373 27.90 16.19 28.82
CA GLN A 373 26.94 17.21 29.25
C GLN A 373 27.62 17.98 30.38
N ARG A 374 27.57 19.30 30.31
CA ARG A 374 28.19 20.09 31.38
C ARG A 374 27.06 20.67 32.22
N ILE A 375 27.22 20.57 33.54
CA ILE A 375 26.21 21.07 34.46
C ILE A 375 26.76 22.21 35.32
N GLY A 376 26.15 23.39 35.21
CA GLY A 376 26.59 24.52 36.00
C GLY A 376 27.05 25.75 35.24
N CYS A 377 27.94 26.52 35.87
CA CYS A 377 28.50 27.73 35.30
C CYS A 377 27.50 28.54 34.45
N MET A 378 26.29 28.69 34.96
CA MET A 378 25.25 29.43 34.25
C MET A 378 25.21 30.92 34.58
N GLU A 379 26.38 31.56 34.62
CA GLU A 379 26.50 32.99 34.92
C GLU A 379 25.54 33.87 34.10
N LYS A 380 24.59 34.51 34.78
CA LYS A 380 23.62 35.36 34.11
C LYS A 380 23.23 36.56 34.96
N ASP A 381 22.33 37.39 34.44
CA ASP A 381 21.85 38.57 35.15
C ASP A 381 20.40 38.39 35.59
N GLU A 382 20.07 37.18 36.03
CA GLU A 382 18.72 36.86 36.50
C GLU A 382 17.67 37.12 35.43
N LYS A 383 17.43 36.13 34.57
CA LYS A 383 16.45 36.25 33.50
C LYS A 383 16.16 34.88 32.91
N GLY A 384 17.12 33.96 33.05
CA GLY A 384 16.95 32.62 32.53
C GLY A 384 18.21 32.08 31.90
N GLN A 385 18.27 30.76 31.74
CA GLN A 385 19.43 30.10 31.15
C GLN A 385 19.68 30.63 29.74
N GLU A 386 20.88 31.16 29.50
CA GLU A 386 21.22 31.70 28.19
C GLU A 386 22.69 31.49 27.81
N TYR A 387 23.60 31.59 28.79
CA TYR A 387 25.03 31.40 28.54
C TYR A 387 25.80 30.72 29.68
N GLN A 388 26.35 29.55 29.38
CA GLN A 388 27.14 28.78 30.33
C GLN A 388 28.60 29.00 29.97
N LYS A 389 29.46 29.20 30.97
CA LYS A 389 30.87 29.39 30.68
C LYS A 389 31.36 28.12 30.00
N GLY A 390 32.27 28.26 29.03
CA GLY A 390 32.79 27.10 28.34
C GLY A 390 33.68 26.34 29.30
N GLY A 391 33.79 25.02 29.09
CA GLY A 391 34.63 24.21 29.96
C GLY A 391 34.07 23.92 31.35
N CYS A 392 32.82 24.29 31.59
CA CYS A 392 32.20 24.04 32.89
C CYS A 392 32.30 22.59 33.33
N GLY A 393 33.01 22.33 34.43
CA GLY A 393 33.14 20.97 34.92
C GLY A 393 34.50 20.32 34.68
N GLY A 394 35.32 20.95 33.85
CA GLY A 394 36.63 20.40 33.59
C GLY A 394 36.64 19.47 32.41
N PHE A 395 37.66 18.64 32.35
CA PHE A 395 37.82 17.70 31.25
C PHE A 395 37.89 16.23 31.65
N GLY A 396 37.62 15.92 32.92
CA GLY A 396 37.63 14.55 33.36
C GLY A 396 38.90 14.15 34.07
N LYS A 397 39.58 15.14 34.64
CA LYS A 397 40.81 14.89 35.37
C LYS A 397 40.57 13.85 36.45
N GLY A 398 39.46 13.96 37.16
CA GLY A 398 39.18 13.00 38.22
C GLY A 398 38.80 11.61 37.73
N ASN A 399 38.78 11.41 36.42
CA ASN A 399 38.38 10.12 35.89
C ASN A 399 39.48 9.39 35.15
N PHE A 400 40.64 10.00 35.04
CA PHE A 400 41.74 9.39 34.30
C PHE A 400 42.11 8.00 34.84
N SER A 401 42.13 7.85 36.16
CA SER A 401 42.46 6.56 36.78
C SER A 401 41.46 5.47 36.38
N GLN A 402 40.19 5.81 36.28
CA GLN A 402 39.20 4.82 35.87
C GLN A 402 39.42 4.52 34.38
N LEU A 403 39.88 5.54 33.66
CA LEU A 403 40.16 5.36 32.25
C LEU A 403 41.27 4.34 32.04
N PHE A 404 42.40 4.53 32.75
CA PHE A 404 43.53 3.63 32.63
C PHE A 404 43.10 2.21 32.97
N LYS A 405 42.23 2.10 33.97
CA LYS A 405 41.72 0.81 34.42
C LYS A 405 40.78 0.14 33.41
N SER A 406 39.93 0.94 32.76
CA SER A 406 38.99 0.39 31.79
C SER A 406 39.67 -0.24 30.57
N ILE A 407 40.78 0.31 30.12
CA ILE A 407 41.43 -0.28 28.97
C ILE A 407 42.32 -1.43 29.41
N GLU A 408 42.81 -1.35 30.65
CA GLU A 408 43.65 -2.40 31.22
C GLU A 408 42.74 -3.62 31.32
N ASP A 409 41.49 -3.39 31.71
CA ASP A 409 40.51 -4.46 31.82
C ASP A 409 40.14 -5.01 30.44
N TYR A 410 40.58 -4.35 29.38
CA TYR A 410 40.27 -4.82 28.04
C TYR A 410 41.38 -5.79 27.59
N GLU A 411 42.63 -5.38 27.77
CA GLU A 411 43.75 -6.24 27.38
C GLU A 411 43.74 -7.45 28.33
N LYS A 412 43.42 -7.20 29.60
CA LYS A 412 43.36 -8.25 30.61
C LYS A 412 42.00 -8.87 30.44
N SER A 413 41.73 -9.33 29.23
CA SER A 413 40.47 -9.96 28.85
C SER A 413 40.50 -10.23 27.36
N LEU A 414 41.60 -10.81 26.89
CA LEU A 414 41.73 -11.16 25.47
C LEU A 414 40.67 -12.22 25.13
N PHE B 17 11.80 -19.47 -21.36
CA PHE B 17 11.53 -20.93 -21.49
C PHE B 17 12.60 -21.66 -20.70
N VAL B 18 12.39 -22.94 -20.42
CA VAL B 18 13.39 -23.69 -19.67
C VAL B 18 14.49 -24.13 -20.63
N ARG B 19 15.71 -23.68 -20.37
CA ARG B 19 16.83 -24.02 -21.22
C ARG B 19 17.38 -25.37 -20.78
N PHE B 20 17.97 -26.10 -21.71
CA PHE B 20 18.46 -27.41 -21.34
C PHE B 20 19.50 -27.21 -20.27
N ASN B 21 19.70 -28.23 -19.45
CA ASN B 21 20.68 -28.19 -18.40
C ASN B 21 21.51 -29.47 -18.60
N PRO B 22 22.65 -29.33 -19.27
CA PRO B 22 23.58 -30.43 -19.56
C PRO B 22 24.36 -30.93 -18.32
N ARG B 23 24.02 -30.39 -17.15
CA ARG B 23 24.68 -30.77 -15.89
C ARG B 23 26.18 -31.00 -16.08
N SER B 24 26.85 -30.00 -16.63
CA SER B 24 28.27 -30.11 -16.90
C SER B 24 29.23 -29.40 -15.95
N ASP B 25 28.83 -29.17 -14.71
CA ASP B 25 29.75 -28.54 -13.76
C ASP B 25 31.05 -29.38 -13.77
N ARG B 26 32.21 -28.72 -13.73
CA ARG B 26 33.49 -29.44 -13.72
C ARG B 26 33.89 -29.85 -12.31
N PHE B 27 33.16 -29.33 -11.32
CA PHE B 27 33.42 -29.67 -9.93
C PHE B 27 32.10 -29.49 -9.21
N HIS B 28 31.90 -30.26 -8.14
CA HIS B 28 30.65 -30.20 -7.37
C HIS B 28 30.46 -28.84 -6.67
N THR B 29 29.49 -28.05 -7.17
CA THR B 29 29.18 -26.71 -6.64
C THR B 29 27.91 -26.77 -5.81
N LEU B 30 28.09 -26.74 -4.49
CA LEU B 30 26.98 -26.82 -3.54
C LEU B 30 26.04 -25.62 -3.43
N ALA B 31 26.60 -24.42 -3.24
CA ALA B 31 25.80 -23.20 -3.10
C ALA B 31 26.67 -21.96 -2.87
N PHE B 32 26.01 -20.81 -2.86
CA PHE B 32 26.72 -19.57 -2.54
C PHE B 32 27.17 -19.74 -1.08
N HIS B 33 28.33 -19.18 -0.74
CA HIS B 33 28.77 -19.29 0.62
C HIS B 33 28.86 -17.90 1.23
N HIS B 34 29.43 -16.96 0.49
CA HIS B 34 29.52 -15.58 0.95
C HIS B 34 30.05 -14.61 -0.11
N VAL B 35 30.02 -13.34 0.22
CA VAL B 35 30.53 -12.31 -0.66
C VAL B 35 31.43 -11.45 0.21
N GLU B 36 32.54 -10.99 -0.35
CA GLU B 36 33.43 -10.13 0.42
C GLU B 36 33.66 -8.83 -0.30
N LEU B 37 33.49 -7.73 0.42
CA LEU B 37 33.72 -6.41 -0.15
C LEU B 37 35.02 -5.96 0.46
N TRP B 38 35.96 -5.51 -0.36
CA TRP B 38 37.22 -4.98 0.18
C TRP B 38 36.87 -3.51 0.30
N CYS B 39 36.96 -2.96 1.52
CA CYS B 39 36.59 -1.58 1.77
C CYS B 39 37.72 -0.70 2.25
N ALA B 40 37.37 0.57 2.43
CA ALA B 40 38.28 1.60 2.93
C ALA B 40 38.27 1.46 4.45
N ASP B 41 37.11 1.14 4.98
CA ASP B 41 36.93 0.96 6.41
C ASP B 41 35.85 -0.10 6.58
N ALA B 42 36.20 -1.22 7.18
CA ALA B 42 35.24 -2.29 7.37
C ALA B 42 34.18 -1.89 8.39
N ALA B 43 34.60 -1.30 9.50
CA ALA B 43 33.64 -0.90 10.54
C ALA B 43 32.46 -0.14 9.95
N SER B 44 32.76 0.87 9.13
CA SER B 44 31.74 1.73 8.53
C SER B 44 30.75 0.99 7.64
N ALA B 45 31.31 0.27 6.67
CA ALA B 45 30.52 -0.48 5.72
C ALA B 45 29.69 -1.55 6.39
N ALA B 46 30.33 -2.38 7.22
CA ALA B 46 29.60 -3.44 7.91
C ALA B 46 28.55 -2.79 8.81
N GLY B 47 28.95 -1.76 9.55
CA GLY B 47 27.99 -1.11 10.43
C GLY B 47 26.74 -0.61 9.70
N ARG B 48 26.90 0.04 8.55
CA ARG B 48 25.74 0.54 7.83
C ARG B 48 24.90 -0.59 7.26
N PHE B 49 25.55 -1.57 6.62
CA PHE B 49 24.84 -2.71 6.04
C PHE B 49 24.12 -3.52 7.11
N SER B 50 24.67 -3.55 8.32
CA SER B 50 24.03 -4.31 9.39
C SER B 50 22.66 -3.71 9.72
N PHE B 51 22.59 -2.41 9.96
CA PHE B 51 21.26 -1.89 10.23
C PHE B 51 20.45 -1.64 8.95
N GLY B 52 21.11 -1.38 7.84
CA GLY B 52 20.38 -1.14 6.59
C GLY B 52 19.73 -2.36 5.97
N LEU B 53 20.29 -3.52 6.26
CA LEU B 53 19.82 -4.80 5.76
C LEU B 53 19.20 -5.69 6.85
N GLY B 54 19.55 -5.40 8.10
CA GLY B 54 19.06 -6.21 9.19
C GLY B 54 19.91 -7.46 9.29
N ALA B 55 21.23 -7.29 9.20
CA ALA B 55 22.11 -8.46 9.29
C ALA B 55 23.07 -8.27 10.46
N PRO B 56 22.75 -8.84 11.61
CA PRO B 56 23.63 -8.74 12.78
C PRO B 56 25.05 -9.28 12.55
N LEU B 57 26.02 -8.69 13.23
CA LEU B 57 27.40 -9.15 13.14
C LEU B 57 27.43 -10.60 13.68
N ALA B 58 28.10 -11.50 12.97
CA ALA B 58 28.18 -12.92 13.35
C ALA B 58 29.60 -13.47 13.59
N ALA B 59 30.61 -12.87 12.95
CA ALA B 59 31.99 -13.30 13.16
C ALA B 59 32.91 -12.13 12.91
N ARG B 60 34.14 -12.24 13.42
CA ARG B 60 35.12 -11.19 13.26
C ARG B 60 36.55 -11.68 13.36
N SER B 61 37.43 -11.00 12.64
CA SER B 61 38.85 -11.30 12.66
C SER B 61 39.54 -9.95 12.52
N ASP B 62 40.16 -9.51 13.60
CA ASP B 62 40.87 -8.24 13.59
C ASP B 62 41.84 -8.19 14.75
N LEU B 63 42.31 -6.98 15.07
CA LEU B 63 43.26 -6.81 16.16
C LEU B 63 42.79 -7.48 17.45
N SER B 64 41.50 -7.33 17.75
CA SER B 64 40.94 -7.92 18.96
C SER B 64 41.02 -9.42 18.93
N THR B 65 41.34 -9.99 17.78
CA THR B 65 41.40 -11.44 17.71
C THR B 65 42.78 -11.97 17.34
N GLY B 66 43.75 -11.07 17.22
CA GLY B 66 45.10 -11.51 16.88
C GLY B 66 45.48 -11.34 15.43
N ASN B 67 44.58 -10.77 14.65
CA ASN B 67 44.86 -10.52 13.24
C ASN B 67 45.23 -9.05 13.15
N SER B 68 46.51 -8.78 12.91
CA SER B 68 46.97 -7.39 12.83
C SER B 68 47.19 -6.96 11.39
N ALA B 69 46.79 -7.82 10.46
CA ALA B 69 46.93 -7.56 9.03
C ALA B 69 45.67 -6.92 8.45
N HIS B 70 44.51 -7.48 8.75
CA HIS B 70 43.28 -6.92 8.22
C HIS B 70 42.14 -7.04 9.22
N ALA B 71 41.18 -6.13 9.11
CA ALA B 71 40.02 -6.13 9.98
C ALA B 71 38.88 -6.70 9.12
N SER B 72 38.19 -7.71 9.61
CA SER B 72 37.12 -8.36 8.88
C SER B 72 35.86 -8.59 9.69
N LEU B 73 34.73 -8.15 9.17
CA LEU B 73 33.47 -8.31 9.86
C LEU B 73 32.50 -9.08 8.97
N LEU B 74 31.90 -10.12 9.51
CA LEU B 74 30.96 -10.91 8.74
C LEU B 74 29.53 -10.66 9.22
N LEU B 75 28.67 -10.15 8.34
CA LEU B 75 27.30 -9.89 8.72
C LEU B 75 26.51 -11.08 8.23
N ARG B 76 25.46 -11.47 8.95
CA ARG B 76 24.67 -12.60 8.50
C ARG B 76 23.18 -12.43 8.80
N SER B 77 22.36 -12.92 7.87
CA SER B 77 20.90 -12.92 7.98
C SER B 77 20.46 -14.19 7.26
N GLY B 78 19.93 -15.15 8.01
CA GLY B 78 19.53 -16.39 7.37
C GLY B 78 20.83 -17.05 6.87
N SER B 79 20.88 -17.40 5.60
CA SER B 79 22.07 -18.01 5.00
C SER B 79 22.94 -16.99 4.29
N LEU B 80 22.51 -15.73 4.30
CA LEU B 80 23.25 -14.63 3.69
C LEU B 80 24.47 -14.27 4.52
N SER B 81 25.64 -14.27 3.91
CA SER B 81 26.84 -13.90 4.64
C SER B 81 27.58 -12.82 3.88
N PHE B 82 27.81 -11.68 4.52
CA PHE B 82 28.52 -10.56 3.92
C PHE B 82 29.77 -10.34 4.71
N LEU B 83 30.91 -10.40 4.04
CA LEU B 83 32.20 -10.18 4.69
C LEU B 83 32.76 -8.84 4.28
N PHE B 84 33.12 -8.01 5.26
CA PHE B 84 33.68 -6.67 5.01
C PHE B 84 35.11 -6.66 5.53
N THR B 85 36.04 -6.34 4.63
CA THR B 85 37.45 -6.36 4.96
C THR B 85 38.23 -5.15 4.55
N ALA B 86 39.10 -4.69 5.45
CA ALA B 86 39.94 -3.52 5.20
C ALA B 86 41.35 -3.75 5.77
N PRO B 87 42.37 -3.20 5.12
CA PRO B 87 43.74 -3.37 5.61
C PRO B 87 44.13 -2.42 6.74
N TYR B 88 44.95 -2.92 7.66
CA TYR B 88 45.49 -2.09 8.73
C TYR B 88 46.69 -1.42 8.04
N ALA B 89 47.23 -0.36 8.60
CA ALA B 89 48.34 0.33 7.93
C ALA B 89 49.71 -0.02 8.43
N HIS B 90 49.94 0.22 9.71
CA HIS B 90 51.24 -0.02 10.29
C HIS B 90 51.16 -1.15 11.30
N GLY B 91 52.32 -1.71 11.64
CA GLY B 91 52.34 -2.79 12.61
C GLY B 91 51.65 -4.01 12.05
N ALA B 92 51.27 -3.92 10.78
CA ALA B 92 50.58 -5.02 10.13
C ALA B 92 51.55 -6.17 9.88
N ASP B 93 51.22 -7.34 10.39
CA ASP B 93 52.01 -8.55 10.21
C ASP B 93 51.21 -9.55 9.36
N ALA B 94 51.41 -9.46 8.05
CA ALA B 94 50.71 -10.29 7.08
C ALA B 94 50.41 -11.72 7.51
N ALA B 95 51.35 -12.34 8.21
CA ALA B 95 51.20 -13.73 8.63
C ALA B 95 50.06 -13.96 9.60
N THR B 96 49.45 -12.90 10.10
CA THR B 96 48.34 -13.03 11.04
C THR B 96 46.98 -12.91 10.35
N ALA B 97 46.98 -12.73 9.02
CA ALA B 97 45.72 -12.60 8.27
C ALA B 97 44.89 -13.88 8.34
N ALA B 98 43.64 -13.79 8.80
CA ALA B 98 42.83 -15.00 8.85
C ALA B 98 42.50 -15.45 7.42
N LEU B 99 42.55 -14.52 6.48
CA LEU B 99 42.30 -14.84 5.06
C LEU B 99 43.66 -14.75 4.37
N PRO B 100 44.34 -15.90 4.21
CA PRO B 100 45.66 -16.01 3.58
C PRO B 100 45.81 -15.32 2.24
N SER B 101 44.70 -15.18 1.50
CA SER B 101 44.77 -14.55 0.19
C SER B 101 44.76 -13.02 0.23
N PHE B 102 44.56 -12.44 1.41
CA PHE B 102 44.54 -10.98 1.53
C PHE B 102 45.82 -10.28 1.13
N SER B 103 45.70 -9.14 0.47
CA SER B 103 46.88 -8.35 0.11
C SER B 103 46.61 -6.91 0.48
N ALA B 104 47.32 -6.40 1.50
CA ALA B 104 47.08 -5.03 1.90
C ALA B 104 47.22 -4.05 0.75
N ALA B 105 48.29 -4.22 -0.02
CA ALA B 105 48.54 -3.32 -1.15
C ALA B 105 47.40 -3.40 -2.16
N ALA B 106 46.98 -4.62 -2.48
CA ALA B 106 45.89 -4.83 -3.43
C ALA B 106 44.56 -4.23 -2.95
N ALA B 107 44.26 -4.45 -1.67
CA ALA B 107 43.05 -3.95 -1.03
C ALA B 107 42.99 -2.43 -1.04
N ARG B 108 44.11 -1.80 -0.66
CA ARG B 108 44.22 -0.33 -0.63
C ARG B 108 43.95 0.28 -2.00
N ARG B 109 44.52 -0.35 -3.02
CA ARG B 109 44.33 0.09 -4.40
C ARG B 109 42.87 -0.16 -4.82
N PHE B 110 42.31 -1.29 -4.38
CA PHE B 110 40.93 -1.63 -4.72
C PHE B 110 39.94 -0.55 -4.23
N ALA B 111 40.06 -0.19 -2.95
CA ALA B 111 39.22 0.83 -2.35
C ALA B 111 39.29 2.19 -3.06
N ALA B 112 40.49 2.62 -3.45
CA ALA B 112 40.61 3.92 -4.14
C ALA B 112 40.06 3.79 -5.56
N ASP B 113 40.32 2.63 -6.17
CA ASP B 113 39.89 2.31 -7.51
C ASP B 113 38.37 2.32 -7.72
N HIS B 114 37.60 1.64 -6.86
CA HIS B 114 36.16 1.56 -7.06
C HIS B 114 35.24 2.10 -5.97
N GLY B 115 35.78 2.52 -4.84
CA GLY B 115 34.91 2.93 -3.76
C GLY B 115 34.37 1.60 -3.24
N LEU B 116 33.21 1.60 -2.57
CA LEU B 116 32.66 0.36 -2.05
C LEU B 116 32.34 -0.64 -3.17
N ALA B 117 32.95 -1.84 -3.10
CA ALA B 117 32.75 -2.83 -4.15
C ALA B 117 32.99 -4.28 -3.77
N VAL B 118 32.44 -5.18 -4.57
CA VAL B 118 32.64 -6.62 -4.33
C VAL B 118 33.97 -7.14 -4.89
N ARG B 119 34.77 -7.73 -4.01
CA ARG B 119 36.06 -8.32 -4.41
C ARG B 119 35.99 -9.84 -4.67
N ALA B 120 35.24 -10.55 -3.84
CA ALA B 120 35.11 -12.01 -3.95
C ALA B 120 33.69 -12.58 -3.92
N VAL B 121 33.39 -13.44 -4.88
CA VAL B 121 32.12 -14.13 -4.87
C VAL B 121 32.54 -15.54 -4.49
N ALA B 122 32.13 -15.99 -3.30
CA ALA B 122 32.51 -17.31 -2.80
C ALA B 122 31.40 -18.35 -2.84
N LEU B 123 31.77 -19.51 -3.39
CA LEU B 123 30.88 -20.65 -3.53
C LEU B 123 31.40 -21.77 -2.69
N ARG B 124 30.50 -22.50 -2.07
CA ARG B 124 30.91 -23.64 -1.31
C ARG B 124 30.99 -24.75 -2.36
N VAL B 125 32.07 -25.52 -2.33
CA VAL B 125 32.23 -26.60 -3.29
C VAL B 125 32.58 -27.83 -2.47
N ALA B 126 32.51 -29.00 -3.11
CA ALA B 126 32.82 -30.24 -2.40
C ALA B 126 34.27 -30.25 -1.95
N ASP B 127 35.18 -29.83 -2.81
CA ASP B 127 36.63 -29.80 -2.55
C ASP B 127 37.25 -28.57 -3.18
N ALA B 128 37.74 -27.65 -2.36
CA ALA B 128 38.34 -26.45 -2.93
C ALA B 128 39.58 -26.81 -3.76
N GLU B 129 40.37 -27.78 -3.30
CA GLU B 129 41.58 -28.16 -4.05
C GLU B 129 41.22 -28.74 -5.44
N ASP B 130 40.22 -29.60 -5.53
CA ASP B 130 39.85 -30.16 -6.85
C ASP B 130 39.13 -29.10 -7.73
N ALA B 131 38.34 -28.22 -7.14
CA ALA B 131 37.64 -27.18 -7.93
C ALA B 131 38.66 -26.22 -8.56
N PHE B 132 39.73 -25.91 -7.83
CA PHE B 132 40.79 -25.04 -8.36
C PHE B 132 41.45 -25.79 -9.51
N ARG B 133 41.95 -26.99 -9.19
CA ARG B 133 42.62 -27.83 -10.18
C ARG B 133 41.82 -27.98 -11.45
N ALA B 134 40.55 -28.35 -11.35
CA ALA B 134 39.73 -28.54 -12.54
C ALA B 134 39.51 -27.21 -13.24
N SER B 135 39.51 -26.12 -12.49
CA SER B 135 39.31 -24.78 -13.05
C SER B 135 40.50 -24.30 -13.87
N VAL B 136 41.69 -24.40 -13.28
CA VAL B 136 42.89 -23.99 -13.98
C VAL B 136 43.14 -24.89 -15.18
N ALA B 137 42.83 -26.18 -15.07
CA ALA B 137 43.02 -27.09 -16.20
C ALA B 137 42.10 -26.69 -17.36
N ALA B 138 41.01 -26.00 -17.04
CA ALA B 138 40.07 -25.60 -18.09
C ALA B 138 40.18 -24.13 -18.43
N GLY B 139 41.32 -23.53 -18.09
CA GLY B 139 41.53 -22.14 -18.41
C GLY B 139 41.46 -21.09 -17.31
N ALA B 140 40.97 -21.44 -16.13
CA ALA B 140 40.89 -20.39 -15.11
C ALA B 140 42.25 -19.76 -14.85
N ARG B 141 42.28 -18.47 -14.59
CA ARG B 141 43.56 -17.83 -14.27
C ARG B 141 43.61 -17.90 -12.75
N PRO B 142 44.64 -18.53 -12.18
CA PRO B 142 44.75 -18.63 -10.72
C PRO B 142 44.95 -17.31 -9.97
N ALA B 143 44.33 -17.20 -8.80
CA ALA B 143 44.44 -15.99 -8.01
C ALA B 143 45.09 -16.30 -6.66
N PHE B 144 44.80 -17.50 -6.14
CA PHE B 144 45.37 -17.96 -4.88
C PHE B 144 45.27 -19.48 -4.79
N GLY B 145 46.42 -20.14 -4.80
CA GLY B 145 46.47 -21.60 -4.74
C GLY B 145 45.74 -22.14 -3.54
N PRO B 146 45.34 -23.41 -3.55
CA PRO B 146 44.62 -24.04 -2.44
C PRO B 146 45.44 -24.13 -1.15
N VAL B 147 44.77 -23.90 -0.02
CA VAL B 147 45.40 -23.98 1.28
C VAL B 147 44.40 -24.52 2.26
N ASP B 148 44.90 -25.11 3.33
CA ASP B 148 44.03 -25.63 4.37
C ASP B 148 43.98 -24.51 5.41
N LEU B 149 42.82 -24.32 6.00
CA LEU B 149 42.65 -23.27 6.99
C LEU B 149 42.54 -23.88 8.37
N GLY B 150 42.27 -25.17 8.39
CA GLY B 150 42.09 -25.90 9.63
C GLY B 150 40.73 -26.54 9.60
N ARG B 151 40.58 -27.59 10.41
CA ARG B 151 39.34 -28.37 10.53
C ARG B 151 38.71 -28.83 9.23
N GLY B 152 39.54 -29.21 8.27
CA GLY B 152 39.01 -29.67 7.00
C GLY B 152 38.58 -28.53 6.10
N PHE B 153 38.84 -27.30 6.52
CA PHE B 153 38.47 -26.14 5.72
C PHE B 153 39.49 -25.87 4.63
N ARG B 154 39.02 -25.69 3.40
CA ARG B 154 39.91 -25.35 2.30
C ARG B 154 39.42 -24.11 1.55
N LEU B 155 40.37 -23.37 0.98
CA LEU B 155 40.06 -22.18 0.23
C LEU B 155 40.97 -22.04 -0.99
N ALA B 156 40.41 -21.54 -2.08
CA ALA B 156 41.17 -21.32 -3.30
C ALA B 156 40.45 -20.22 -4.08
N GLU B 157 41.18 -19.51 -4.95
CA GLU B 157 40.60 -18.43 -5.75
C GLU B 157 41.15 -18.39 -7.15
N VAL B 158 40.30 -17.95 -8.07
CA VAL B 158 40.68 -17.77 -9.47
C VAL B 158 40.00 -16.48 -9.91
N GLU B 159 40.50 -15.90 -10.98
CA GLU B 159 39.97 -14.64 -11.48
C GLU B 159 38.60 -14.84 -12.13
N LEU B 160 37.63 -13.97 -11.81
CA LEU B 160 36.29 -14.07 -12.40
C LEU B 160 36.13 -13.07 -13.54
N TYR B 161 36.09 -11.80 -13.19
CA TYR B 161 36.03 -10.74 -14.20
C TYR B 161 36.67 -9.52 -13.54
N GLY B 162 37.50 -8.79 -14.28
CA GLY B 162 38.18 -7.65 -13.70
C GLY B 162 38.97 -8.10 -12.48
N ASP B 163 38.87 -7.34 -11.39
CA ASP B 163 39.57 -7.68 -10.17
C ASP B 163 38.68 -8.36 -9.13
N VAL B 164 37.66 -9.05 -9.63
CA VAL B 164 36.74 -9.81 -8.81
C VAL B 164 37.25 -11.24 -8.93
N VAL B 165 37.33 -11.98 -7.83
CA VAL B 165 37.77 -13.36 -7.90
C VAL B 165 36.59 -14.26 -7.53
N LEU B 166 36.60 -15.49 -8.02
CA LEU B 166 35.58 -16.50 -7.71
C LEU B 166 36.32 -17.34 -6.63
N ARG B 167 35.79 -17.37 -5.42
CA ARG B 167 36.44 -18.09 -4.33
C ARG B 167 35.78 -19.41 -4.05
N TYR B 168 36.60 -20.44 -3.83
CA TYR B 168 36.10 -21.76 -3.53
C TYR B 168 36.40 -22.08 -2.09
N VAL B 169 35.38 -22.57 -1.39
CA VAL B 169 35.47 -22.91 0.03
C VAL B 169 34.83 -24.29 0.21
N SER B 170 35.52 -25.17 0.94
CA SER B 170 35.03 -26.52 1.19
C SER B 170 35.34 -26.91 2.63
N TYR B 171 34.49 -27.77 3.18
CA TYR B 171 34.65 -28.26 4.54
C TYR B 171 33.67 -29.42 4.78
N PRO B 172 33.98 -30.30 5.75
CA PRO B 172 33.12 -31.44 6.07
C PRO B 172 31.75 -30.92 6.45
N ASP B 173 30.69 -31.66 6.11
CA ASP B 173 29.35 -31.20 6.45
C ASP B 173 29.23 -30.96 7.94
N GLY B 174 29.98 -31.76 8.71
CA GLY B 174 29.96 -31.67 10.15
C GLY B 174 30.66 -30.47 10.74
N ALA B 175 31.37 -29.71 9.91
CA ALA B 175 32.05 -28.53 10.40
C ALA B 175 31.20 -27.27 10.16
N ALA B 176 29.99 -27.45 9.61
CA ALA B 176 29.12 -26.31 9.33
C ALA B 176 28.76 -25.45 10.55
N GLY B 177 29.17 -25.90 11.73
CA GLY B 177 28.90 -25.15 12.95
C GLY B 177 29.93 -24.05 13.17
N GLU B 178 30.94 -23.99 12.32
CA GLU B 178 31.98 -22.98 12.39
C GLU B 178 31.34 -21.60 12.25
N PRO B 179 31.76 -20.62 13.06
CA PRO B 179 31.16 -19.28 12.94
C PRO B 179 31.24 -18.79 11.49
N PHE B 180 32.42 -18.91 10.89
CA PHE B 180 32.61 -18.51 9.49
C PHE B 180 33.71 -19.36 8.87
N LEU B 181 34.93 -18.94 9.14
CA LEU B 181 36.13 -19.60 8.64
C LEU B 181 37.09 -19.64 9.80
N PRO B 182 37.94 -20.68 9.86
CA PRO B 182 38.91 -20.80 10.96
C PRO B 182 39.68 -19.49 11.13
N GLY B 183 39.86 -19.05 12.37
CA GLY B 183 40.56 -17.80 12.60
C GLY B 183 39.55 -16.71 12.93
N PHE B 184 38.30 -16.95 12.57
CA PHE B 184 37.25 -15.98 12.87
C PHE B 184 36.57 -16.36 14.16
N GLU B 185 36.41 -15.36 15.00
CA GLU B 185 35.78 -15.51 16.30
C GLU B 185 34.28 -15.30 16.09
N GLY B 186 33.47 -16.14 16.72
CA GLY B 186 32.03 -15.99 16.59
C GLY B 186 31.52 -14.81 17.39
N VAL B 187 30.47 -14.16 16.93
CA VAL B 187 29.92 -13.02 17.65
C VAL B 187 28.47 -13.33 17.86
N ALA B 188 28.04 -13.27 19.12
CA ALA B 188 26.65 -13.56 19.44
C ALA B 188 25.78 -12.32 19.28
N SER B 189 24.50 -12.55 18.99
CA SER B 189 23.52 -11.48 18.80
C SER B 189 22.30 -11.69 19.70
N PRO B 190 22.40 -11.32 21.00
CA PRO B 190 21.31 -11.45 21.97
C PRO B 190 20.31 -10.31 21.78
N GLY B 191 20.83 -9.08 21.75
CA GLY B 191 19.98 -7.92 21.53
C GLY B 191 19.95 -7.65 20.04
N ALA B 192 19.63 -8.69 19.26
CA ALA B 192 19.61 -8.54 17.81
C ALA B 192 18.61 -9.44 17.08
N ALA B 193 18.05 -8.91 15.99
CA ALA B 193 17.08 -9.65 15.18
C ALA B 193 17.24 -9.18 13.73
N ASP B 194 16.97 -10.06 12.78
CA ASP B 194 17.08 -9.71 11.37
C ASP B 194 15.77 -9.24 10.74
N TYR B 195 15.82 -8.85 9.47
CA TYR B 195 14.61 -8.37 8.79
C TYR B 195 14.00 -9.38 7.83
N GLY B 196 14.53 -10.61 7.82
CA GLY B 196 13.96 -11.62 6.94
C GLY B 196 14.73 -12.01 5.67
N LEU B 197 15.84 -11.35 5.38
CA LEU B 197 16.60 -11.72 4.19
C LEU B 197 17.18 -13.07 4.59
N SER B 198 17.15 -14.02 3.65
CA SER B 198 17.61 -15.37 3.92
C SER B 198 18.72 -15.92 3.04
N ARG B 199 18.78 -15.50 1.78
CA ARG B 199 19.82 -16.02 0.91
C ARG B 199 20.11 -15.21 -0.33
N PHE B 200 21.31 -15.40 -0.86
CA PHE B 200 21.71 -14.75 -2.09
C PHE B 200 20.92 -15.44 -3.17
N ASP B 201 20.34 -14.69 -4.10
CA ASP B 201 19.58 -15.33 -5.16
C ASP B 201 20.46 -15.39 -6.41
N HIS B 202 21.00 -14.23 -6.78
CA HIS B 202 21.91 -14.13 -7.92
C HIS B 202 22.89 -12.92 -7.77
N ILE B 203 24.06 -13.04 -8.38
CA ILE B 203 25.10 -12.01 -8.33
C ILE B 203 25.45 -11.70 -9.76
N VAL B 204 25.25 -10.45 -10.15
CA VAL B 204 25.47 -10.00 -11.51
C VAL B 204 26.72 -9.16 -11.75
N GLY B 205 27.45 -9.49 -12.81
CA GLY B 205 28.63 -8.73 -13.16
C GLY B 205 28.49 -8.05 -14.51
N ASN B 206 29.13 -6.88 -14.64
CA ASN B 206 29.11 -6.15 -15.91
C ASN B 206 30.49 -6.27 -16.55
N VAL B 207 30.50 -6.56 -17.84
CA VAL B 207 31.74 -6.72 -18.61
C VAL B 207 31.62 -5.95 -19.91
N PRO B 208 32.76 -5.63 -20.56
CA PRO B 208 32.72 -4.90 -21.82
C PRO B 208 32.15 -5.79 -22.92
N GLU B 209 32.46 -7.07 -22.86
CA GLU B 209 31.96 -8.00 -23.87
C GLU B 209 31.55 -9.33 -23.26
N LEU B 210 30.32 -9.71 -23.56
CA LEU B 210 29.71 -10.93 -23.05
C LEU B 210 30.34 -12.23 -23.48
N ALA B 211 30.39 -12.49 -24.79
CA ALA B 211 30.93 -13.74 -25.31
C ALA B 211 32.26 -14.19 -24.72
N PRO B 212 33.29 -13.34 -24.78
CA PRO B 212 34.59 -13.75 -24.23
C PRO B 212 34.59 -13.91 -22.71
N ALA B 213 33.79 -13.09 -22.03
CA ALA B 213 33.70 -13.16 -20.60
C ALA B 213 32.96 -14.46 -20.29
N ALA B 214 31.91 -14.73 -21.06
CA ALA B 214 31.12 -15.94 -20.89
C ALA B 214 31.90 -17.21 -21.23
N ALA B 215 32.68 -17.16 -22.31
CA ALA B 215 33.44 -18.33 -22.73
C ALA B 215 34.46 -18.72 -21.66
N TYR B 216 35.14 -17.71 -21.11
CA TYR B 216 36.12 -18.00 -20.09
C TYR B 216 35.45 -18.55 -18.83
N PHE B 217 34.41 -17.87 -18.37
CA PHE B 217 33.72 -18.25 -17.14
C PHE B 217 33.00 -19.58 -17.20
N ALA B 218 32.23 -19.78 -18.27
CA ALA B 218 31.51 -21.04 -18.47
C ALA B 218 32.53 -22.14 -18.78
N GLY B 219 33.56 -21.78 -19.51
CA GLY B 219 34.59 -22.73 -19.87
C GLY B 219 35.33 -23.31 -18.67
N PHE B 220 35.66 -22.51 -17.65
CA PHE B 220 36.36 -23.15 -16.55
C PHE B 220 35.44 -23.78 -15.48
N THR B 221 34.18 -23.37 -15.44
CA THR B 221 33.28 -23.94 -14.42
C THR B 221 32.41 -25.06 -14.97
N GLY B 222 32.03 -24.97 -16.24
CA GLY B 222 31.14 -25.98 -16.76
C GLY B 222 29.73 -25.49 -16.50
N PHE B 223 29.59 -24.29 -15.94
CA PHE B 223 28.27 -23.74 -15.69
C PHE B 223 27.55 -23.59 -17.02
N HIS B 224 26.24 -23.76 -17.03
CA HIS B 224 25.46 -23.64 -18.27
C HIS B 224 24.54 -22.43 -18.28
N GLU B 225 24.02 -22.13 -19.45
CA GLU B 225 23.13 -21.00 -19.56
C GLU B 225 21.74 -21.41 -19.07
N PHE B 226 21.16 -20.56 -18.22
CA PHE B 226 19.87 -20.75 -17.61
C PHE B 226 18.83 -19.80 -18.21
N ALA B 227 19.30 -18.62 -18.64
CA ALA B 227 18.45 -17.58 -19.24
C ALA B 227 19.24 -16.48 -19.95
N GLU B 228 18.54 -15.65 -20.73
CA GLU B 228 19.18 -14.54 -21.43
C GLU B 228 18.15 -13.48 -21.81
N PHE B 229 18.60 -12.24 -21.83
CA PHE B 229 17.76 -11.12 -22.18
C PHE B 229 18.65 -10.33 -23.12
N THR B 230 18.19 -10.18 -24.36
CA THR B 230 18.96 -9.49 -25.37
C THR B 230 18.14 -8.41 -26.07
N THR B 231 18.82 -7.47 -26.71
CA THR B 231 18.13 -6.39 -27.42
C THR B 231 18.72 -6.19 -28.82
N SER B 239 16.85 -2.50 -24.13
CA SER B 239 17.87 -1.65 -24.74
C SER B 239 19.03 -1.39 -23.78
N GLY B 240 20.17 -1.06 -24.36
CA GLY B 240 21.35 -0.77 -23.57
C GLY B 240 22.10 -2.00 -23.08
N LEU B 241 21.50 -3.18 -23.17
CA LEU B 241 22.20 -4.39 -22.69
C LEU B 241 21.83 -5.77 -23.21
N ASN B 242 22.78 -6.68 -23.07
CA ASN B 242 22.60 -8.09 -23.41
C ASN B 242 22.99 -8.79 -22.13
N SER B 243 22.15 -9.69 -21.64
CA SER B 243 22.43 -10.39 -20.41
C SER B 243 22.29 -11.88 -20.60
N MET B 244 23.09 -12.62 -19.83
CA MET B 244 23.05 -14.08 -19.88
C MET B 244 23.32 -14.60 -18.47
N VAL B 245 22.45 -15.47 -17.98
CA VAL B 245 22.61 -16.01 -16.63
C VAL B 245 23.27 -17.38 -16.71
N LEU B 246 24.30 -17.60 -15.91
CA LEU B 246 25.01 -18.89 -15.86
C LEU B 246 24.68 -19.60 -14.55
N ALA B 247 24.50 -20.91 -14.60
CA ALA B 247 24.12 -21.66 -13.41
C ALA B 247 24.88 -22.97 -13.19
N ASN B 248 24.90 -23.45 -11.95
CA ASN B 248 25.55 -24.72 -11.63
C ASN B 248 24.50 -25.82 -11.91
N ASN B 249 24.85 -27.10 -11.74
CA ASN B 249 23.91 -28.18 -12.08
C ASN B 249 22.53 -28.10 -11.44
N SER B 250 22.50 -27.91 -10.14
CA SER B 250 21.24 -27.83 -9.42
C SER B 250 20.60 -26.49 -9.63
N GLU B 251 21.32 -25.56 -10.25
CA GLU B 251 20.82 -24.20 -10.50
C GLU B 251 20.45 -23.36 -9.27
N ASN B 252 21.14 -23.60 -8.14
CA ASN B 252 20.89 -22.78 -6.96
C ASN B 252 21.95 -21.68 -6.90
N VAL B 253 22.94 -21.77 -7.80
CA VAL B 253 23.95 -20.74 -7.89
C VAL B 253 23.70 -20.04 -9.24
N LEU B 254 23.36 -18.75 -9.23
CA LEU B 254 23.09 -18.03 -10.47
C LEU B 254 24.01 -16.82 -10.58
N LEU B 255 24.77 -16.78 -11.65
CA LEU B 255 25.71 -15.70 -11.85
C LEU B 255 25.53 -15.05 -13.22
N PRO B 256 24.71 -14.01 -13.30
CA PRO B 256 24.50 -13.35 -14.60
C PRO B 256 25.66 -12.43 -14.99
N LEU B 257 25.71 -12.10 -16.28
CA LEU B 257 26.70 -11.20 -16.86
C LEU B 257 25.98 -10.27 -17.82
N ASN B 258 26.28 -8.96 -17.75
CA ASN B 258 25.70 -7.99 -18.66
C ASN B 258 26.86 -7.38 -19.46
N GLU B 259 26.54 -6.88 -20.64
CA GLU B 259 27.48 -6.18 -21.49
C GLU B 259 26.65 -5.03 -22.02
N PRO B 260 27.29 -3.93 -22.43
CA PRO B 260 26.51 -2.81 -22.95
C PRO B 260 26.20 -2.96 -24.45
N VAL B 261 25.25 -2.17 -24.91
CA VAL B 261 24.92 -2.18 -26.31
C VAL B 261 25.30 -0.77 -26.71
N HIS B 262 26.23 -0.64 -27.64
CA HIS B 262 26.69 0.67 -28.06
C HIS B 262 25.87 1.40 -29.11
N GLY B 263 26.16 2.69 -29.26
CA GLY B 263 25.42 3.52 -30.18
C GLY B 263 24.28 4.05 -29.34
N THR B 264 23.06 3.63 -29.66
CA THR B 264 21.89 4.04 -28.90
C THR B 264 21.68 5.54 -28.69
N LYS B 265 20.67 5.88 -27.90
CA LYS B 265 20.30 7.27 -27.61
C LYS B 265 21.07 7.82 -26.42
N ARG B 266 20.82 7.24 -25.25
CA ARG B 266 21.49 7.62 -24.02
C ARG B 266 22.61 6.60 -23.91
N ARG B 267 23.57 6.84 -23.03
CA ARG B 267 24.65 5.89 -22.88
C ARG B 267 24.05 4.69 -22.15
N SER B 268 24.52 3.50 -22.51
CA SER B 268 24.06 2.29 -21.85
C SER B 268 24.31 2.38 -20.34
N GLN B 269 23.35 1.91 -19.56
CA GLN B 269 23.52 1.90 -18.13
C GLN B 269 24.67 0.97 -17.78
N ILE B 270 25.01 0.04 -18.68
CA ILE B 270 26.11 -0.88 -18.39
C ILE B 270 27.45 -0.16 -18.57
N GLN B 271 27.51 0.68 -19.59
CA GLN B 271 28.73 1.43 -19.89
C GLN B 271 28.98 2.47 -18.81
N THR B 272 27.89 3.04 -18.30
CA THR B 272 27.95 4.06 -17.24
C THR B 272 28.64 3.47 -16.00
N PHE B 273 28.39 2.19 -15.75
CA PHE B 273 28.99 1.49 -14.62
C PHE B 273 30.48 1.26 -14.89
N LEU B 274 30.80 0.78 -16.09
CA LEU B 274 32.18 0.50 -16.43
C LEU B 274 33.00 1.79 -16.35
N ASP B 275 32.40 2.89 -16.79
CA ASP B 275 33.05 4.19 -16.77
C ASP B 275 33.35 4.65 -15.36
N HIS B 276 32.34 4.71 -14.49
CA HIS B 276 32.58 5.17 -13.13
C HIS B 276 33.29 4.13 -12.28
N HIS B 277 33.05 2.86 -12.55
CA HIS B 277 33.67 1.82 -11.75
C HIS B 277 35.11 1.63 -12.12
N GLY B 278 35.44 1.90 -13.38
CA GLY B 278 36.79 1.72 -13.84
C GLY B 278 37.06 0.30 -14.32
N GLY B 279 36.08 -0.35 -14.91
CA GLY B 279 36.28 -1.71 -15.40
C GLY B 279 35.17 -2.68 -15.03
N PRO B 280 35.41 -3.99 -15.24
CA PRO B 280 34.42 -5.02 -14.93
C PRO B 280 34.20 -5.10 -13.43
N GLY B 281 33.01 -5.55 -13.02
CA GLY B 281 32.74 -5.67 -11.60
C GLY B 281 31.31 -6.06 -11.31
N VAL B 282 31.04 -6.40 -10.06
CA VAL B 282 29.70 -6.78 -9.66
C VAL B 282 28.80 -5.56 -9.66
N GLN B 283 27.74 -5.65 -10.45
CA GLN B 283 26.77 -4.57 -10.58
C GLN B 283 25.73 -4.60 -9.46
N HIS B 284 25.10 -5.75 -9.26
CA HIS B 284 24.13 -5.91 -8.20
C HIS B 284 24.02 -7.32 -7.66
N MET B 285 23.50 -7.40 -6.45
CA MET B 285 23.31 -8.66 -5.78
C MET B 285 21.86 -8.73 -5.38
N ALA B 286 21.23 -9.84 -5.74
CA ALA B 286 19.82 -10.09 -5.44
C ALA B 286 19.74 -10.90 -4.15
N LEU B 287 19.04 -10.38 -3.18
CA LEU B 287 18.87 -11.02 -1.89
C LEU B 287 17.41 -11.42 -1.72
N ALA B 288 17.19 -12.69 -1.42
CA ALA B 288 15.83 -13.22 -1.25
C ALA B 288 15.31 -13.19 0.17
N SER B 289 14.00 -12.98 0.28
CA SER B 289 13.28 -12.97 1.56
C SER B 289 12.07 -13.88 1.35
N ASP B 290 11.55 -14.47 2.42
CA ASP B 290 10.36 -15.33 2.30
C ASP B 290 9.11 -14.50 2.58
N ASP B 291 9.33 -13.25 2.95
CA ASP B 291 8.28 -12.29 3.26
C ASP B 291 8.84 -10.89 2.95
N VAL B 292 9.12 -10.64 1.69
CA VAL B 292 9.72 -9.39 1.26
C VAL B 292 9.03 -8.11 1.73
N LEU B 293 7.72 -8.14 1.91
CA LEU B 293 7.00 -6.96 2.37
C LEU B 293 7.38 -6.57 3.81
N ARG B 294 7.46 -7.57 4.69
CA ARG B 294 7.86 -7.30 6.06
C ARG B 294 9.30 -6.76 5.99
N THR B 295 10.15 -7.43 5.22
CA THR B 295 11.54 -7.01 5.07
C THR B 295 11.70 -5.58 4.55
N LEU B 296 10.98 -5.24 3.49
CA LEU B 296 11.10 -3.91 2.96
C LEU B 296 10.64 -2.82 3.92
N ARG B 297 9.63 -3.14 4.72
CA ARG B 297 9.14 -2.16 5.67
C ARG B 297 10.27 -1.84 6.65
N GLU B 298 10.97 -2.87 7.10
CA GLU B 298 12.07 -2.68 8.04
C GLU B 298 13.22 -1.87 7.43
N MET B 299 13.57 -2.14 6.19
CA MET B 299 14.67 -1.41 5.55
C MET B 299 14.27 0.04 5.30
N GLN B 300 13.06 0.23 4.78
CA GLN B 300 12.60 1.57 4.49
C GLN B 300 12.45 2.43 5.74
N ALA B 301 12.21 1.80 6.88
CA ALA B 301 12.09 2.55 8.11
C ALA B 301 13.46 3.12 8.50
N ARG B 302 14.53 2.50 7.99
CA ARG B 302 15.88 2.95 8.29
C ARG B 302 16.50 3.91 7.26
N SER B 303 15.87 4.03 6.09
CA SER B 303 16.38 4.89 5.02
C SER B 303 16.75 6.31 5.43
N ALA B 304 15.84 6.94 6.17
CA ALA B 304 16.02 8.31 6.61
C ALA B 304 17.25 8.52 7.50
N MET B 305 17.64 7.52 8.26
CA MET B 305 18.79 7.66 9.14
C MET B 305 20.03 6.84 8.79
N GLY B 306 20.44 6.87 7.53
CA GLY B 306 21.65 6.15 7.17
C GLY B 306 21.45 4.83 6.47
N GLY B 307 20.20 4.39 6.39
CA GLY B 307 19.90 3.14 5.71
C GLY B 307 19.98 3.31 4.21
N PHE B 308 19.43 2.36 3.45
CA PHE B 308 19.43 2.39 1.99
C PHE B 308 18.15 3.00 1.44
N GLU B 309 18.22 3.60 0.26
CA GLU B 309 17.03 4.20 -0.36
C GLU B 309 16.63 3.30 -1.50
N PHE B 310 15.37 3.35 -1.87
CA PHE B 310 14.85 2.52 -2.95
C PHE B 310 14.39 3.38 -4.12
N MET B 311 14.29 2.78 -5.31
CA MET B 311 13.84 3.51 -6.48
C MET B 311 12.39 3.99 -6.24
N ALA B 312 12.06 5.17 -6.76
CA ALA B 312 10.72 5.74 -6.62
C ALA B 312 9.70 4.69 -7.02
N PRO B 313 8.60 4.60 -6.26
CA PRO B 313 7.59 3.59 -6.62
C PRO B 313 6.89 3.98 -7.91
N PRO B 314 6.62 2.99 -8.78
CA PRO B 314 5.93 3.29 -10.05
C PRO B 314 4.56 3.90 -9.72
N THR B 315 3.80 4.26 -10.76
CA THR B 315 2.49 4.86 -10.49
C THR B 315 1.35 3.85 -10.61
N SER B 316 0.17 4.23 -10.11
CA SER B 316 -1.02 3.38 -10.11
C SER B 316 -1.32 2.74 -11.45
N ASP B 317 -0.94 3.40 -12.54
CA ASP B 317 -1.20 2.78 -13.82
C ASP B 317 -0.44 1.47 -13.85
N TYR B 318 0.84 1.52 -13.47
CA TYR B 318 1.67 0.32 -13.45
C TYR B 318 0.98 -0.69 -12.56
N TYR B 319 0.48 -0.22 -11.42
CA TYR B 319 -0.18 -1.12 -10.51
C TYR B 319 -1.55 -1.62 -10.98
N ASP B 320 -2.22 -0.88 -11.85
CA ASP B 320 -3.49 -1.35 -12.37
C ASP B 320 -3.09 -2.55 -13.20
N GLY B 321 -1.96 -2.38 -13.89
CA GLY B 321 -1.44 -3.44 -14.73
C GLY B 321 -1.10 -4.69 -13.93
N VAL B 322 -0.58 -4.53 -12.72
CA VAL B 322 -0.26 -5.74 -11.95
C VAL B 322 -1.54 -6.42 -11.49
N ARG B 323 -2.61 -5.64 -11.35
CA ARG B 323 -3.89 -6.20 -10.93
C ARG B 323 -4.43 -7.07 -12.07
N ARG B 324 -4.12 -6.65 -13.29
CA ARG B 324 -4.57 -7.41 -14.45
C ARG B 324 -3.60 -8.56 -14.72
N ARG B 325 -2.31 -8.29 -14.59
CA ARG B 325 -1.30 -9.32 -14.84
C ARG B 325 -1.30 -10.43 -13.81
N ALA B 326 -1.48 -10.07 -12.54
CA ALA B 326 -1.42 -11.07 -11.49
C ALA B 326 -2.40 -10.89 -10.35
N GLY B 327 -3.59 -10.37 -10.65
CA GLY B 327 -4.59 -10.19 -9.61
C GLY B 327 -5.08 -11.52 -9.03
N ASP B 328 -4.68 -12.63 -9.64
CA ASP B 328 -5.11 -13.93 -9.16
C ASP B 328 -4.15 -14.59 -8.17
N VAL B 329 -3.02 -13.94 -7.89
CA VAL B 329 -2.08 -14.48 -6.89
C VAL B 329 -1.89 -13.48 -5.73
N LEU B 330 -1.94 -12.18 -6.01
CA LEU B 330 -1.79 -11.19 -4.94
C LEU B 330 -3.17 -10.63 -4.58
N THR B 331 -3.35 -10.28 -3.32
CA THR B 331 -4.62 -9.73 -2.83
C THR B 331 -4.51 -8.21 -2.80
N GLU B 332 -5.63 -7.53 -3.03
CA GLU B 332 -5.64 -6.07 -3.02
C GLU B 332 -4.76 -5.50 -1.92
N ALA B 333 -4.93 -6.00 -0.69
CA ALA B 333 -4.15 -5.47 0.42
C ALA B 333 -2.64 -5.72 0.22
N GLN B 334 -2.30 -6.69 -0.65
CA GLN B 334 -0.92 -7.02 -0.96
C GLN B 334 -0.42 -6.11 -2.07
N ILE B 335 -1.22 -6.00 -3.11
CA ILE B 335 -0.87 -5.14 -4.22
C ILE B 335 -0.77 -3.70 -3.72
N LYS B 336 -1.54 -3.39 -2.69
CA LYS B 336 -1.56 -2.06 -2.11
C LYS B 336 -0.23 -1.87 -1.38
N GLU B 337 0.15 -2.88 -0.61
CA GLU B 337 1.42 -2.84 0.11
C GLU B 337 2.54 -2.66 -0.95
N CYS B 338 2.48 -3.43 -2.04
CA CYS B 338 3.49 -3.30 -3.08
C CYS B 338 3.62 -1.89 -3.60
N GLN B 339 2.50 -1.26 -3.88
CA GLN B 339 2.48 0.10 -4.38
C GLN B 339 3.01 1.04 -3.30
N GLU B 340 2.64 0.77 -2.05
CA GLU B 340 3.09 1.62 -0.95
C GLU B 340 4.62 1.57 -0.78
N LEU B 341 5.22 0.40 -0.96
CA LEU B 341 6.67 0.26 -0.80
C LEU B 341 7.43 0.49 -2.10
N GLY B 342 6.78 0.24 -3.23
CA GLY B 342 7.42 0.43 -4.51
C GLY B 342 7.89 -0.88 -5.12
N VAL B 343 7.28 -1.98 -4.71
CA VAL B 343 7.62 -3.29 -5.23
C VAL B 343 7.10 -3.53 -6.64
N LEU B 344 7.94 -4.11 -7.49
CA LEU B 344 7.57 -4.43 -8.86
C LEU B 344 7.13 -5.88 -8.88
N VAL B 345 6.15 -6.19 -9.72
CA VAL B 345 5.62 -7.54 -9.78
C VAL B 345 5.66 -8.18 -11.15
N ASP B 346 6.27 -9.35 -11.20
CA ASP B 346 6.35 -10.06 -12.43
C ASP B 346 5.73 -11.44 -12.27
N ARG B 347 5.16 -11.90 -13.38
CA ARG B 347 4.47 -13.17 -13.48
C ARG B 347 5.34 -14.06 -14.34
N ASP B 348 5.19 -15.36 -14.17
CA ASP B 348 5.99 -16.31 -14.91
C ASP B 348 5.14 -17.51 -15.35
N ASP B 349 5.65 -18.27 -16.30
CA ASP B 349 4.92 -19.45 -16.76
C ASP B 349 4.69 -20.36 -15.55
N GLN B 350 5.61 -20.35 -14.59
CA GLN B 350 5.48 -21.21 -13.42
C GLN B 350 5.69 -20.56 -12.05
N GLY B 351 5.87 -19.24 -12.01
CA GLY B 351 6.06 -18.59 -10.72
C GLY B 351 5.83 -17.10 -10.69
N VAL B 352 5.78 -16.54 -9.48
CA VAL B 352 5.59 -15.10 -9.32
C VAL B 352 6.79 -14.44 -8.65
N LEU B 353 7.26 -13.35 -9.25
CA LEU B 353 8.41 -12.62 -8.74
C LEU B 353 8.16 -11.20 -8.21
N LEU B 354 8.51 -10.96 -6.95
CA LEU B 354 8.41 -9.63 -6.37
C LEU B 354 9.86 -9.13 -6.27
N GLN B 355 10.12 -7.94 -6.79
CA GLN B 355 11.47 -7.39 -6.77
C GLN B 355 11.49 -5.88 -6.58
N ILE B 356 12.59 -5.38 -6.03
CA ILE B 356 12.75 -3.95 -5.86
C ILE B 356 14.24 -3.65 -5.79
N PHE B 357 14.61 -2.52 -6.36
CA PHE B 357 16.00 -2.09 -6.42
C PHE B 357 16.31 -0.87 -5.55
N THR B 358 17.46 -0.92 -4.87
CA THR B 358 17.89 0.19 -4.03
C THR B 358 18.65 1.14 -4.93
N LYS B 359 18.96 2.33 -4.43
CA LYS B 359 19.76 3.28 -5.17
C LYS B 359 21.17 2.77 -4.88
N PRO B 360 22.19 3.32 -5.54
CA PRO B 360 23.57 2.86 -5.27
C PRO B 360 23.90 2.83 -3.77
N VAL B 361 24.56 1.78 -3.32
CA VAL B 361 24.88 1.65 -1.90
C VAL B 361 26.18 2.35 -1.49
N GLY B 362 26.94 2.80 -2.50
CA GLY B 362 28.19 3.49 -2.23
C GLY B 362 28.16 4.88 -2.83
N ASP B 363 29.33 5.50 -2.99
CA ASP B 363 29.43 6.85 -3.53
C ASP B 363 29.18 7.00 -5.02
N ARG B 364 29.45 5.94 -5.80
CA ARG B 364 29.25 6.00 -7.25
C ARG B 364 28.00 5.28 -7.70
N PRO B 365 27.53 5.55 -8.92
CA PRO B 365 26.33 4.89 -9.44
C PRO B 365 26.74 3.57 -10.06
N THR B 366 27.26 2.69 -9.22
CA THR B 366 27.75 1.39 -9.69
C THR B 366 27.04 0.24 -9.01
N LEU B 367 27.46 -0.10 -7.79
CA LEU B 367 26.85 -1.19 -7.06
C LEU B 367 25.49 -0.86 -6.41
N PHE B 368 24.51 -1.74 -6.60
CA PHE B 368 23.23 -1.55 -5.94
C PHE B 368 22.71 -2.94 -5.56
N LEU B 369 21.63 -2.98 -4.80
CA LEU B 369 21.07 -4.23 -4.36
C LEU B 369 19.66 -4.40 -4.90
N GLU B 370 19.24 -5.65 -4.97
CA GLU B 370 17.91 -6.00 -5.40
C GLU B 370 17.34 -6.89 -4.31
N ILE B 371 16.12 -6.60 -3.86
CA ILE B 371 15.49 -7.41 -2.82
C ILE B 371 14.32 -8.15 -3.47
N ILE B 372 14.26 -9.45 -3.30
CA ILE B 372 13.18 -10.18 -3.95
C ILE B 372 12.57 -11.34 -3.21
N GLN B 373 11.45 -11.80 -3.75
CA GLN B 373 10.76 -12.94 -3.21
C GLN B 373 10.18 -13.70 -4.39
N ARG B 374 10.38 -15.01 -4.38
CA ARG B 374 9.90 -15.88 -5.42
C ARG B 374 8.69 -16.70 -4.91
N ILE B 375 7.61 -16.71 -5.70
CA ILE B 375 6.38 -17.46 -5.35
C ILE B 375 6.14 -18.58 -6.37
N GLY B 376 6.24 -19.84 -5.94
CA GLY B 376 5.99 -20.95 -6.85
C GLY B 376 7.07 -22.02 -6.99
N CYS B 377 6.96 -22.82 -8.05
CA CYS B 377 7.90 -23.90 -8.35
C CYS B 377 8.34 -24.74 -7.16
N MET B 378 7.38 -25.14 -6.33
CA MET B 378 7.68 -25.96 -5.17
C MET B 378 7.60 -27.46 -5.53
N GLU B 379 8.51 -28.27 -4.98
CA GLU B 379 8.54 -29.72 -5.23
C GLU B 379 9.21 -30.38 -4.02
N LYS B 380 9.19 -31.71 -3.95
CA LYS B 380 9.79 -32.40 -2.80
C LYS B 380 10.81 -33.47 -3.16
N ASP B 381 11.55 -33.96 -2.17
CA ASP B 381 12.56 -34.99 -2.41
C ASP B 381 12.45 -36.09 -1.36
N GLU B 382 11.37 -36.86 -1.42
CA GLU B 382 11.13 -37.97 -0.49
C GLU B 382 11.16 -37.52 0.96
N LYS B 383 10.98 -36.22 1.19
CA LYS B 383 10.97 -35.67 2.54
C LYS B 383 9.85 -34.66 2.71
N GLY B 384 9.60 -34.25 3.95
CA GLY B 384 8.55 -33.30 4.22
C GLY B 384 8.94 -31.89 3.82
N GLN B 385 10.25 -31.67 3.67
CA GLN B 385 10.76 -30.36 3.28
C GLN B 385 10.53 -30.14 1.78
N GLU B 386 9.75 -29.12 1.45
CA GLU B 386 9.43 -28.81 0.06
C GLU B 386 10.38 -27.74 -0.48
N TYR B 387 11.23 -28.13 -1.43
CA TYR B 387 12.17 -27.20 -2.02
C TYR B 387 11.58 -26.43 -3.22
N GLN B 388 12.15 -25.25 -3.48
CA GLN B 388 11.74 -24.37 -4.58
C GLN B 388 12.76 -24.42 -5.73
N LYS B 389 12.27 -24.57 -6.96
CA LYS B 389 13.14 -24.59 -8.13
C LYS B 389 13.86 -23.24 -8.22
N GLY B 390 15.12 -23.25 -8.63
CA GLY B 390 15.88 -22.01 -8.74
C GLY B 390 15.44 -21.11 -9.89
N GLY B 391 15.47 -19.80 -9.68
CA GLY B 391 15.05 -18.90 -10.74
C GLY B 391 13.55 -18.87 -11.02
N CYS B 392 12.80 -19.44 -10.10
CA CYS B 392 11.34 -19.49 -10.18
C CYS B 392 10.68 -18.10 -10.33
N GLY B 393 10.15 -17.81 -11.52
CA GLY B 393 9.50 -16.54 -11.74
C GLY B 393 10.25 -15.62 -12.70
N GLY B 394 11.47 -15.99 -13.05
CA GLY B 394 12.25 -15.16 -13.95
C GLY B 394 13.17 -14.16 -13.26
N PHE B 395 13.53 -13.10 -13.98
CA PHE B 395 14.44 -12.10 -13.46
C PHE B 395 13.88 -10.68 -13.60
N GLY B 396 12.59 -10.58 -13.91
CA GLY B 396 11.96 -9.27 -14.05
C GLY B 396 11.92 -8.74 -15.47
N LYS B 397 11.91 -9.65 -16.43
CA LYS B 397 11.87 -9.31 -17.84
C LYS B 397 10.64 -8.44 -18.14
N GLY B 398 9.51 -8.80 -17.56
CA GLY B 398 8.29 -8.03 -17.78
C GLY B 398 8.37 -6.63 -17.19
N ASN B 399 9.21 -6.46 -16.18
CA ASN B 399 9.34 -5.15 -15.53
C ASN B 399 10.41 -4.28 -16.16
N PHE B 400 11.14 -4.81 -17.13
CA PHE B 400 12.22 -4.03 -17.73
C PHE B 400 11.72 -2.67 -18.20
N SER B 401 10.65 -2.69 -18.98
CA SER B 401 10.02 -1.49 -19.50
C SER B 401 9.93 -0.42 -18.41
N GLN B 402 9.34 -0.80 -17.27
CA GLN B 402 9.19 0.11 -16.15
C GLN B 402 10.56 0.46 -15.53
N LEU B 403 11.40 -0.56 -15.36
CA LEU B 403 12.70 -0.33 -14.76
C LEU B 403 13.48 0.71 -15.58
N PHE B 404 13.48 0.56 -16.91
CA PHE B 404 14.17 1.52 -17.77
C PHE B 404 13.59 2.93 -17.65
N LYS B 405 12.26 3.02 -17.57
CA LYS B 405 11.58 4.31 -17.46
C LYS B 405 11.93 4.99 -16.13
N SER B 406 12.04 4.19 -15.08
CA SER B 406 12.37 4.73 -13.77
C SER B 406 13.82 5.20 -13.77
N ILE B 407 14.67 4.42 -14.41
CA ILE B 407 16.08 4.76 -14.49
C ILE B 407 16.35 5.99 -15.34
N GLU B 408 15.69 6.06 -16.50
CA GLU B 408 15.87 7.17 -17.41
C GLU B 408 15.38 8.45 -16.74
N ASP B 409 14.15 8.40 -16.23
CA ASP B 409 13.55 9.54 -15.55
C ASP B 409 14.47 10.06 -14.45
N TYR B 410 14.95 9.14 -13.62
CA TYR B 410 15.85 9.53 -12.53
C TYR B 410 17.13 10.11 -13.13
N GLU B 411 17.56 9.55 -14.25
CA GLU B 411 18.77 10.00 -14.94
C GLU B 411 18.61 11.46 -15.40
N LYS B 412 17.60 11.68 -16.24
CA LYS B 412 17.32 13.01 -16.74
C LYS B 412 17.12 13.93 -15.55
N SER B 413 16.51 13.38 -14.49
CA SER B 413 16.26 14.10 -13.24
C SER B 413 17.61 14.58 -12.68
N LEU B 414 18.65 13.76 -12.85
CA LEU B 414 19.97 14.16 -12.38
C LEU B 414 20.54 15.10 -13.45
N GLU B 415 19.75 15.27 -14.52
CA GLU B 415 20.11 16.13 -15.66
C GLU B 415 21.30 15.57 -16.39
N PHE C 20 -21.17 23.48 26.30
CA PHE C 20 -21.41 22.67 27.55
C PHE C 20 -21.93 21.23 27.31
N ASN C 21 -21.14 20.25 27.75
CA ASN C 21 -21.46 18.83 27.64
C ASN C 21 -21.68 18.29 29.06
N PRO C 22 -22.95 18.04 29.44
CA PRO C 22 -23.26 17.54 30.78
C PRO C 22 -22.95 16.08 30.97
N ARG C 23 -22.59 15.40 29.89
CA ARG C 23 -22.27 13.97 29.92
C ARG C 23 -23.33 13.19 30.72
N SER C 24 -24.59 13.36 30.33
CA SER C 24 -25.70 12.71 31.01
C SER C 24 -26.18 11.38 30.40
N ASP C 25 -25.30 10.67 29.70
CA ASP C 25 -25.70 9.38 29.13
C ASP C 25 -26.17 8.47 30.26
N ARG C 26 -27.17 7.63 29.99
CA ARG C 26 -27.70 6.68 30.97
C ARG C 26 -27.04 5.30 30.86
N PHE C 27 -26.23 5.12 29.83
CA PHE C 27 -25.51 3.88 29.66
C PHE C 27 -24.29 4.20 28.84
N HIS C 28 -23.28 3.34 28.90
CA HIS C 28 -22.07 3.62 28.16
C HIS C 28 -22.25 3.35 26.68
N THR C 29 -22.30 4.44 25.91
CA THR C 29 -22.47 4.40 24.45
C THR C 29 -21.13 4.65 23.77
N LEU C 30 -20.47 3.58 23.36
CA LEU C 30 -19.17 3.65 22.73
C LEU C 30 -19.10 4.29 21.34
N ALA C 31 -19.95 3.85 20.40
CA ALA C 31 -19.93 4.42 19.04
C ALA C 31 -20.97 3.81 18.12
N PHE C 32 -21.06 4.33 16.90
CA PHE C 32 -22.00 3.80 15.94
C PHE C 32 -21.52 2.37 15.64
N HIS C 33 -22.43 1.42 15.52
CA HIS C 33 -22.04 0.06 15.19
C HIS C 33 -22.39 -0.29 13.76
N HIS C 34 -23.62 0.03 13.35
CA HIS C 34 -24.03 -0.23 11.98
C HIS C 34 -25.40 0.37 11.68
N VAL C 35 -25.81 0.31 10.44
CA VAL C 35 -27.13 0.81 10.07
C VAL C 35 -27.74 -0.25 9.18
N GLU C 36 -29.00 -0.58 9.45
CA GLU C 36 -29.69 -1.59 8.68
C GLU C 36 -30.83 -1.02 7.85
N LEU C 37 -30.79 -1.28 6.53
CA LEU C 37 -31.89 -0.86 5.66
C LEU C 37 -32.72 -2.10 5.35
N TRP C 38 -34.04 -1.92 5.33
CA TRP C 38 -34.95 -3.01 5.02
C TRP C 38 -35.47 -2.82 3.60
N CYS C 39 -35.61 -3.92 2.88
CA CYS C 39 -36.12 -3.88 1.50
C CYS C 39 -36.70 -5.25 1.13
N ALA C 40 -37.35 -5.32 -0.02
CA ALA C 40 -37.91 -6.57 -0.45
C ALA C 40 -36.86 -7.23 -1.34
N ASP C 41 -35.80 -6.48 -1.65
CA ASP C 41 -34.70 -6.94 -2.49
C ASP C 41 -33.35 -6.39 -1.95
N ALA C 42 -32.71 -7.16 -1.09
CA ALA C 42 -31.45 -6.74 -0.50
C ALA C 42 -30.27 -6.84 -1.47
N ALA C 43 -30.26 -7.86 -2.32
CA ALA C 43 -29.13 -8.02 -3.21
C ALA C 43 -28.95 -6.77 -4.09
N SER C 44 -30.05 -6.31 -4.66
CA SER C 44 -30.01 -5.15 -5.53
C SER C 44 -29.51 -3.93 -4.81
N ALA C 45 -30.03 -3.66 -3.63
CA ALA C 45 -29.59 -2.50 -2.88
C ALA C 45 -28.13 -2.63 -2.45
N ALA C 46 -27.76 -3.78 -1.90
CA ALA C 46 -26.39 -4.02 -1.43
C ALA C 46 -25.38 -3.91 -2.55
N GLY C 47 -25.75 -4.36 -3.74
CA GLY C 47 -24.83 -4.29 -4.85
C GLY C 47 -24.59 -2.87 -5.31
N ARG C 48 -25.68 -2.13 -5.50
CA ARG C 48 -25.55 -0.75 -5.94
C ARG C 48 -24.79 0.07 -4.92
N PHE C 49 -25.10 -0.09 -3.64
CA PHE C 49 -24.38 0.65 -2.60
C PHE C 49 -22.90 0.24 -2.57
N SER C 50 -22.62 -1.04 -2.77
CA SER C 50 -21.23 -1.47 -2.71
C SER C 50 -20.37 -0.71 -3.74
N PHE C 51 -20.85 -0.70 -4.97
CA PHE C 51 -20.21 -0.05 -6.11
C PHE C 51 -20.29 1.49 -6.05
N GLY C 52 -21.40 2.00 -5.51
CA GLY C 52 -21.54 3.45 -5.44
C GLY C 52 -20.80 4.10 -4.28
N LEU C 53 -20.57 3.32 -3.23
CA LEU C 53 -19.91 3.82 -2.03
C LEU C 53 -18.51 3.24 -1.84
N GLY C 54 -18.21 2.20 -2.61
CA GLY C 54 -16.92 1.57 -2.46
C GLY C 54 -16.85 0.85 -1.13
N ALA C 55 -17.84 0.00 -0.85
CA ALA C 55 -17.88 -0.76 0.40
C ALA C 55 -18.07 -2.25 0.09
N PRO C 56 -16.96 -3.00 0.09
CA PRO C 56 -16.98 -4.42 -0.19
C PRO C 56 -17.89 -5.18 0.76
N LEU C 57 -18.50 -6.23 0.26
CA LEU C 57 -19.32 -7.10 1.07
C LEU C 57 -18.36 -7.72 2.09
N ALA C 58 -18.73 -7.71 3.37
CA ALA C 58 -17.89 -8.24 4.46
C ALA C 58 -18.49 -9.39 5.27
N ALA C 59 -19.82 -9.54 5.23
CA ALA C 59 -20.48 -10.62 5.96
C ALA C 59 -21.85 -10.89 5.35
N ARG C 60 -22.36 -12.09 5.55
CA ARG C 60 -23.66 -12.44 5.00
C ARG C 60 -24.43 -13.46 5.83
N SER C 61 -25.76 -13.38 5.78
CA SER C 61 -26.58 -14.35 6.48
C SER C 61 -27.81 -14.59 5.60
N ASP C 62 -27.89 -15.79 5.02
CA ASP C 62 -28.97 -16.13 4.13
C ASP C 62 -29.13 -17.64 3.97
N LEU C 63 -29.83 -18.04 2.91
CA LEU C 63 -30.05 -19.46 2.68
C LEU C 63 -28.74 -20.24 2.67
N SER C 64 -27.67 -19.65 2.12
CA SER C 64 -26.39 -20.34 2.04
C SER C 64 -25.73 -20.58 3.42
N THR C 65 -26.31 -20.03 4.48
CA THR C 65 -25.81 -20.20 5.85
C THR C 65 -26.88 -20.77 6.79
N GLY C 66 -27.90 -21.42 6.21
CA GLY C 66 -28.97 -21.99 7.00
C GLY C 66 -30.05 -21.01 7.46
N ASN C 67 -29.96 -19.75 7.03
CA ASN C 67 -30.95 -18.76 7.44
C ASN C 67 -32.02 -18.75 6.35
N SER C 68 -33.19 -19.30 6.65
CA SER C 68 -34.24 -19.32 5.65
C SER C 68 -35.28 -18.23 5.92
N ALA C 69 -35.02 -17.38 6.91
CA ALA C 69 -35.98 -16.32 7.26
C ALA C 69 -35.68 -15.01 6.56
N HIS C 70 -34.41 -14.64 6.50
CA HIS C 70 -34.06 -13.42 5.82
C HIS C 70 -32.73 -13.46 5.16
N ALA C 71 -32.57 -12.61 4.15
CA ALA C 71 -31.33 -12.48 3.44
C ALA C 71 -30.71 -11.16 3.88
N SER C 72 -29.55 -11.26 4.51
CA SER C 72 -28.84 -10.08 4.96
C SER C 72 -27.43 -10.00 4.41
N LEU C 73 -27.06 -8.80 3.99
CA LEU C 73 -25.75 -8.55 3.45
C LEU C 73 -25.15 -7.35 4.13
N LEU C 74 -23.92 -7.51 4.63
CA LEU C 74 -23.21 -6.43 5.31
C LEU C 74 -22.07 -5.83 4.49
N LEU C 75 -22.14 -4.55 4.19
CA LEU C 75 -21.08 -3.89 3.45
C LEU C 75 -20.23 -3.12 4.44
N ARG C 76 -18.97 -2.94 4.11
CA ARG C 76 -18.10 -2.22 5.02
C ARG C 76 -17.02 -1.42 4.33
N SER C 77 -16.72 -0.26 4.90
CA SER C 77 -15.66 0.57 4.39
C SER C 77 -15.11 1.24 5.63
N GLY C 78 -13.88 0.87 6.02
CA GLY C 78 -13.32 1.44 7.23
C GLY C 78 -14.22 0.98 8.34
N SER C 79 -14.76 1.93 9.11
CA SER C 79 -15.66 1.58 10.20
C SER C 79 -17.14 1.65 9.82
N LEU C 80 -17.42 2.00 8.57
CA LEU C 80 -18.80 2.09 8.15
C LEU C 80 -19.31 0.73 7.87
N SER C 81 -20.46 0.40 8.43
CA SER C 81 -21.10 -0.89 8.22
C SER C 81 -22.56 -0.75 7.84
N PHE C 82 -22.91 -1.16 6.62
CA PHE C 82 -24.29 -1.10 6.15
C PHE C 82 -24.88 -2.50 5.99
N LEU C 83 -25.99 -2.76 6.66
CA LEU C 83 -26.63 -4.06 6.54
C LEU C 83 -27.88 -3.93 5.66
N PHE C 84 -28.04 -4.84 4.71
CA PHE C 84 -29.22 -4.84 3.84
C PHE C 84 -29.92 -6.14 4.05
N THR C 85 -31.20 -6.04 4.38
CA THR C 85 -32.02 -7.20 4.68
C THR C 85 -33.38 -7.20 3.97
N ALA C 86 -33.75 -8.39 3.52
CA ALA C 86 -35.03 -8.63 2.88
C ALA C 86 -35.53 -9.97 3.38
N PRO C 87 -36.84 -10.11 3.57
CA PRO C 87 -37.40 -11.37 4.04
C PRO C 87 -37.60 -12.35 2.90
N TYR C 88 -37.52 -13.64 3.21
CA TYR C 88 -37.80 -14.69 2.24
C TYR C 88 -39.33 -14.83 2.33
N ALA C 89 -39.99 -15.29 1.27
CA ALA C 89 -41.44 -15.40 1.32
C ALA C 89 -42.00 -16.78 1.53
N HIS C 90 -41.42 -17.76 0.85
CA HIS C 90 -41.93 -19.12 0.90
C HIS C 90 -40.97 -20.14 1.54
N GLY C 91 -41.54 -21.00 2.38
CA GLY C 91 -40.75 -22.03 3.03
C GLY C 91 -39.75 -21.46 3.99
N ALA C 92 -40.13 -20.34 4.61
CA ALA C 92 -39.28 -19.66 5.56
C ALA C 92 -39.44 -20.18 6.98
N ASP C 93 -38.33 -20.49 7.63
CA ASP C 93 -38.39 -20.93 9.02
C ASP C 93 -37.86 -19.77 9.85
N ALA C 94 -38.79 -19.00 10.42
CA ALA C 94 -38.45 -17.84 11.23
C ALA C 94 -37.34 -18.09 12.27
N ALA C 95 -37.38 -19.27 12.87
CA ALA C 95 -36.39 -19.61 13.89
C ALA C 95 -34.94 -19.52 13.41
N THR C 96 -34.74 -19.64 12.10
CA THR C 96 -33.39 -19.60 11.55
C THR C 96 -32.84 -18.21 11.34
N ALA C 97 -33.54 -17.20 11.84
CA ALA C 97 -33.09 -15.82 11.66
C ALA C 97 -31.84 -15.52 12.48
N ALA C 98 -30.86 -14.91 11.84
CA ALA C 98 -29.63 -14.56 12.52
C ALA C 98 -29.91 -13.30 13.36
N LEU C 99 -30.85 -12.48 12.92
CA LEU C 99 -31.24 -11.30 13.68
C LEU C 99 -32.59 -11.68 14.28
N PRO C 100 -32.59 -12.14 15.54
CA PRO C 100 -33.82 -12.55 16.23
C PRO C 100 -34.93 -11.50 16.30
N SER C 101 -34.56 -10.24 16.13
CA SER C 101 -35.56 -9.18 16.14
C SER C 101 -36.33 -9.18 14.81
N PHE C 102 -35.80 -9.88 13.81
CA PHE C 102 -36.49 -9.91 12.53
C PHE C 102 -37.90 -10.52 12.53
N SER C 103 -38.79 -9.86 11.80
CA SER C 103 -40.16 -10.32 11.64
C SER C 103 -40.52 -10.14 10.16
N ALA C 104 -40.80 -11.25 9.50
CA ALA C 104 -41.14 -11.21 8.08
C ALA C 104 -42.31 -10.26 7.73
N ALA C 105 -43.39 -10.36 8.49
CA ALA C 105 -44.58 -9.55 8.24
C ALA C 105 -44.31 -8.08 8.43
N ALA C 106 -43.60 -7.75 9.51
CA ALA C 106 -43.26 -6.38 9.80
C ALA C 106 -42.35 -5.87 8.66
N ALA C 107 -41.46 -6.74 8.17
CA ALA C 107 -40.58 -6.34 7.08
C ALA C 107 -41.33 -6.12 5.76
N ARG C 108 -42.27 -7.00 5.42
CA ARG C 108 -43.03 -6.81 4.18
C ARG C 108 -43.85 -5.52 4.26
N ARG C 109 -44.42 -5.23 5.42
CA ARG C 109 -45.24 -4.02 5.62
C ARG C 109 -44.37 -2.77 5.50
N PHE C 110 -43.16 -2.85 6.05
CA PHE C 110 -42.22 -1.74 6.03
C PHE C 110 -41.79 -1.33 4.62
N ALA C 111 -41.41 -2.32 3.82
CA ALA C 111 -40.97 -2.06 2.45
C ALA C 111 -42.11 -1.45 1.66
N ALA C 112 -43.32 -1.96 1.84
CA ALA C 112 -44.48 -1.45 1.11
C ALA C 112 -44.79 -0.03 1.57
N ASP C 113 -44.60 0.23 2.86
CA ASP C 113 -44.87 1.56 3.42
C ASP C 113 -43.83 2.59 3.05
N HIS C 114 -42.57 2.22 3.18
CA HIS C 114 -41.51 3.17 2.92
C HIS C 114 -40.62 2.99 1.71
N GLY C 115 -40.55 1.79 1.15
CA GLY C 115 -39.63 1.57 0.04
C GLY C 115 -38.28 1.36 0.71
N LEU C 116 -37.19 1.55 -0.03
CA LEU C 116 -35.84 1.39 0.52
C LEU C 116 -35.60 2.47 1.60
N ALA C 117 -35.37 2.03 2.83
CA ALA C 117 -35.18 2.94 3.93
C ALA C 117 -34.50 2.29 5.13
N VAL C 118 -34.01 3.14 6.00
CA VAL C 118 -33.36 2.72 7.22
C VAL C 118 -34.37 2.23 8.25
N ARG C 119 -34.17 1.00 8.69
CA ARG C 119 -35.01 0.39 9.69
C ARG C 119 -34.30 0.51 11.06
N ALA C 120 -32.98 0.35 11.06
CA ALA C 120 -32.25 0.42 12.32
C ALA C 120 -30.99 1.29 12.35
N VAL C 121 -30.86 2.02 13.46
CA VAL C 121 -29.68 2.80 13.72
C VAL C 121 -29.08 2.04 14.90
N ALA C 122 -27.92 1.41 14.73
CA ALA C 122 -27.32 0.64 15.85
C ALA C 122 -26.09 1.26 16.48
N LEU C 123 -26.08 1.24 17.81
CA LEU C 123 -24.98 1.80 18.59
C LEU C 123 -24.32 0.68 19.35
N ARG C 124 -22.99 0.75 19.52
CA ARG C 124 -22.29 -0.25 20.33
C ARG C 124 -22.34 0.29 21.75
N VAL C 125 -22.75 -0.53 22.71
CA VAL C 125 -22.83 -0.08 24.09
C VAL C 125 -22.06 -1.06 24.98
N ALA C 126 -21.91 -0.69 26.25
CA ALA C 126 -21.19 -1.51 27.21
C ALA C 126 -21.91 -2.83 27.38
N ASP C 127 -23.20 -2.74 27.73
CA ASP C 127 -24.07 -3.90 27.96
C ASP C 127 -25.39 -3.60 27.28
N ALA C 128 -25.73 -4.38 26.25
CA ALA C 128 -26.98 -4.14 25.54
C ALA C 128 -28.16 -4.30 26.49
N GLU C 129 -28.07 -5.25 27.41
CA GLU C 129 -29.15 -5.48 28.36
C GLU C 129 -29.32 -4.26 29.25
N ASP C 130 -28.20 -3.70 29.69
CA ASP C 130 -28.18 -2.52 30.56
C ASP C 130 -28.74 -1.31 29.82
N ALA C 131 -28.33 -1.14 28.56
CA ALA C 131 -28.81 -0.02 27.77
C ALA C 131 -30.35 -0.05 27.65
N PHE C 132 -30.88 -1.24 27.34
CA PHE C 132 -32.34 -1.44 27.20
C PHE C 132 -33.10 -1.09 28.48
N ARG C 133 -32.65 -1.67 29.61
CA ARG C 133 -33.28 -1.45 30.91
C ARG C 133 -33.25 0.02 31.31
N ALA C 134 -32.09 0.64 31.12
CA ALA C 134 -31.96 2.04 31.46
C ALA C 134 -32.84 2.85 30.52
N SER C 135 -33.01 2.36 29.30
CA SER C 135 -33.82 3.08 28.32
C SER C 135 -35.30 2.98 28.63
N VAL C 136 -35.78 1.78 28.90
CA VAL C 136 -37.20 1.66 29.22
C VAL C 136 -37.50 2.26 30.60
N ALA C 137 -36.53 2.26 31.50
CA ALA C 137 -36.73 2.88 32.81
C ALA C 137 -37.01 4.37 32.60
N ALA C 138 -36.52 4.93 31.50
CA ALA C 138 -36.70 6.34 31.21
C ALA C 138 -37.69 6.68 30.06
N GLY C 139 -38.64 5.81 29.79
CA GLY C 139 -39.62 6.15 28.77
C GLY C 139 -39.56 5.56 27.38
N ALA C 140 -38.47 4.90 27.03
CA ALA C 140 -38.36 4.32 25.70
C ALA C 140 -39.42 3.23 25.46
N ARG C 141 -39.97 3.20 24.24
CA ARG C 141 -40.96 2.21 23.82
C ARG C 141 -40.16 1.00 23.41
N PRO C 142 -40.37 -0.14 24.07
CA PRO C 142 -39.58 -1.28 23.64
C PRO C 142 -39.91 -1.81 22.24
N ALA C 143 -38.88 -2.27 21.54
CA ALA C 143 -39.08 -2.83 20.22
C ALA C 143 -38.72 -4.32 20.24
N PHE C 144 -37.66 -4.69 20.97
CA PHE C 144 -37.23 -6.10 21.10
C PHE C 144 -36.37 -6.28 22.36
N GLY C 145 -36.77 -7.22 23.20
CA GLY C 145 -36.07 -7.47 24.45
C GLY C 145 -34.66 -7.96 24.27
N PRO C 146 -33.81 -7.70 25.27
CA PRO C 146 -32.41 -8.12 25.23
C PRO C 146 -32.27 -9.62 25.03
N VAL C 147 -31.35 -10.03 24.18
CA VAL C 147 -31.12 -11.45 24.01
C VAL C 147 -29.63 -11.63 23.86
N ASP C 148 -29.13 -12.78 24.28
CA ASP C 148 -27.72 -13.09 24.16
C ASP C 148 -27.65 -13.81 22.81
N LEU C 149 -26.69 -13.46 21.97
CA LEU C 149 -26.59 -14.09 20.66
C LEU C 149 -25.51 -15.16 20.65
N GLY C 150 -24.76 -15.23 21.74
CA GLY C 150 -23.67 -16.19 21.84
C GLY C 150 -22.34 -15.48 21.78
N ARG C 151 -21.30 -16.16 22.26
CA ARG C 151 -19.95 -15.62 22.28
C ARG C 151 -19.86 -14.25 22.91
N GLY C 152 -20.74 -13.97 23.87
CA GLY C 152 -20.71 -12.70 24.56
C GLY C 152 -21.53 -11.59 23.91
N PHE C 153 -22.03 -11.84 22.71
CA PHE C 153 -22.82 -10.83 22.03
C PHE C 153 -24.21 -10.65 22.62
N ARG C 154 -24.61 -9.39 22.78
CA ARG C 154 -25.94 -9.05 23.28
C ARG C 154 -26.61 -8.06 22.32
N LEU C 155 -27.94 -8.11 22.23
CA LEU C 155 -28.69 -7.24 21.35
C LEU C 155 -30.04 -6.89 21.92
N ALA C 156 -30.45 -5.64 21.73
CA ALA C 156 -31.75 -5.16 22.18
C ALA C 156 -32.15 -4.02 21.23
N GLU C 157 -33.40 -3.57 21.29
CA GLU C 157 -33.86 -2.49 20.39
C GLU C 157 -35.05 -1.77 21.01
N VAL C 158 -35.13 -0.47 20.79
CA VAL C 158 -36.23 0.32 21.29
C VAL C 158 -36.65 1.22 20.15
N GLU C 159 -37.79 1.87 20.28
CA GLU C 159 -38.28 2.76 19.23
C GLU C 159 -37.61 4.12 19.25
N LEU C 160 -37.09 4.54 18.09
CA LEU C 160 -36.41 5.83 17.94
C LEU C 160 -37.44 6.88 17.44
N TYR C 161 -37.95 6.70 16.22
CA TYR C 161 -39.00 7.55 15.66
C TYR C 161 -39.70 6.73 14.56
N GLY C 162 -40.99 6.97 14.36
CA GLY C 162 -41.72 6.19 13.36
C GLY C 162 -41.43 4.70 13.45
N ASP C 163 -41.10 4.08 12.31
CA ASP C 163 -40.78 2.64 12.23
C ASP C 163 -39.27 2.39 12.34
N VAL C 164 -38.51 3.38 12.76
CA VAL C 164 -37.08 3.19 12.87
C VAL C 164 -36.76 2.84 14.31
N VAL C 165 -35.90 1.84 14.53
CA VAL C 165 -35.55 1.46 15.90
C VAL C 165 -34.10 1.79 16.28
N LEU C 166 -33.85 1.97 17.56
CA LEU C 166 -32.47 2.22 18.00
C LEU C 166 -32.05 0.83 18.49
N ARG C 167 -31.02 0.27 17.88
CA ARG C 167 -30.57 -1.04 18.25
C ARG C 167 -29.29 -0.98 19.09
N TYR C 168 -29.23 -1.77 20.15
CA TYR C 168 -28.05 -1.82 21.01
C TYR C 168 -27.37 -3.17 20.85
N VAL C 169 -26.07 -3.16 20.61
CA VAL C 169 -25.32 -4.40 20.55
C VAL C 169 -24.11 -4.20 21.47
N SER C 170 -23.62 -5.30 22.04
CA SER C 170 -22.47 -5.27 22.94
C SER C 170 -21.75 -6.60 22.84
N TYR C 171 -20.45 -6.57 23.07
CA TYR C 171 -19.64 -7.78 23.01
C TYR C 171 -18.25 -7.49 23.55
N PRO C 172 -17.56 -8.53 24.05
CA PRO C 172 -16.21 -8.30 24.58
C PRO C 172 -15.21 -7.94 23.47
N ASP C 173 -14.28 -7.06 23.83
CA ASP C 173 -13.24 -6.59 22.92
C ASP C 173 -12.48 -7.72 22.23
N GLY C 174 -12.49 -8.89 22.86
CA GLY C 174 -11.81 -10.03 22.30
C GLY C 174 -12.68 -10.77 21.31
N ALA C 175 -13.84 -10.19 21.00
CA ALA C 175 -14.76 -10.81 20.04
C ALA C 175 -14.75 -9.99 18.76
N ALA C 176 -14.10 -8.83 18.83
CA ALA C 176 -14.02 -7.94 17.68
C ALA C 176 -13.45 -8.65 16.46
N GLY C 177 -13.18 -9.95 16.60
CA GLY C 177 -12.64 -10.73 15.50
C GLY C 177 -13.79 -11.27 14.66
N GLU C 178 -15.01 -11.08 15.16
CA GLU C 178 -16.21 -11.53 14.47
C GLU C 178 -16.53 -10.67 13.23
N PRO C 179 -16.80 -11.30 12.08
CA PRO C 179 -17.12 -10.55 10.86
C PRO C 179 -18.24 -9.53 11.06
N PHE C 180 -19.17 -9.80 11.98
CA PHE C 180 -20.27 -8.88 12.27
C PHE C 180 -21.01 -9.30 13.53
N LEU C 181 -21.87 -10.30 13.40
CA LEU C 181 -22.65 -10.80 14.53
C LEU C 181 -22.68 -12.32 14.39
N PRO C 182 -22.98 -13.04 15.48
CA PRO C 182 -23.05 -14.51 15.42
C PRO C 182 -24.08 -14.99 14.42
N GLY C 183 -23.70 -15.90 13.54
CA GLY C 183 -24.65 -16.38 12.56
C GLY C 183 -24.34 -15.80 11.20
N PHE C 184 -23.59 -14.71 11.17
CA PHE C 184 -23.20 -14.12 9.91
C PHE C 184 -21.86 -14.75 9.52
N GLU C 185 -21.73 -15.06 8.25
CA GLU C 185 -20.53 -15.66 7.74
C GLU C 185 -19.60 -14.56 7.21
N GLY C 186 -18.31 -14.71 7.47
CA GLY C 186 -17.34 -13.74 6.97
C GLY C 186 -17.20 -13.83 5.45
N VAL C 187 -16.94 -12.70 4.83
CA VAL C 187 -16.77 -12.68 3.39
C VAL C 187 -15.54 -11.86 3.06
N ALA C 188 -14.52 -12.54 2.54
CA ALA C 188 -13.27 -11.87 2.19
C ALA C 188 -13.41 -11.10 0.88
N SER C 189 -12.77 -9.95 0.82
CA SER C 189 -12.82 -9.11 -0.36
C SER C 189 -11.39 -8.91 -0.84
N PRO C 190 -10.70 -10.01 -1.18
CA PRO C 190 -9.31 -9.86 -1.65
C PRO C 190 -9.20 -8.93 -2.87
N GLY C 191 -10.08 -9.09 -3.84
CA GLY C 191 -10.00 -8.22 -5.01
C GLY C 191 -10.71 -6.89 -4.83
N ALA C 192 -11.17 -6.60 -3.61
CA ALA C 192 -11.91 -5.37 -3.41
C ALA C 192 -11.25 -4.31 -2.54
N ALA C 193 -11.30 -3.09 -3.05
CA ALA C 193 -10.74 -1.91 -2.41
C ALA C 193 -11.86 -0.88 -2.16
N ASP C 194 -11.67 -0.02 -1.17
CA ASP C 194 -12.68 0.98 -0.84
C ASP C 194 -12.38 2.33 -1.48
N TYR C 195 -13.18 3.36 -1.18
CA TYR C 195 -12.96 4.68 -1.76
C TYR C 195 -12.57 5.70 -0.69
N GLY C 196 -12.29 5.22 0.51
CA GLY C 196 -11.91 6.13 1.58
C GLY C 196 -13.00 6.51 2.57
N LEU C 197 -14.21 5.97 2.43
CA LEU C 197 -15.26 6.30 3.41
C LEU C 197 -14.85 5.54 4.66
N SER C 198 -14.85 6.21 5.81
CA SER C 198 -14.37 5.62 7.06
C SER C 198 -15.30 5.46 8.25
N ARG C 199 -16.26 6.36 8.40
CA ARG C 199 -17.16 6.30 9.52
C ARG C 199 -18.37 7.18 9.37
N PHE C 200 -19.41 6.88 10.15
CA PHE C 200 -20.63 7.67 10.17
C PHE C 200 -20.33 8.91 10.97
N ASP C 201 -20.81 10.06 10.51
CA ASP C 201 -20.58 11.27 11.25
C ASP C 201 -21.88 11.59 11.98
N HIS C 202 -22.99 11.55 11.27
CA HIS C 202 -24.29 11.81 11.88
C HIS C 202 -25.43 11.19 11.07
N ILE C 203 -26.51 10.81 11.77
CA ILE C 203 -27.69 10.19 11.15
C ILE C 203 -28.88 11.01 11.59
N VAL C 204 -29.57 11.59 10.60
CA VAL C 204 -30.67 12.52 10.85
C VAL C 204 -32.06 12.01 10.57
N GLY C 205 -32.97 12.24 11.51
CA GLY C 205 -34.35 11.83 11.33
C GLY C 205 -35.28 13.04 11.12
N ASN C 206 -36.39 12.80 10.41
CA ASN C 206 -37.40 13.84 10.16
C ASN C 206 -38.65 13.41 10.93
N VAL C 207 -39.18 14.32 11.73
CA VAL C 207 -40.37 14.04 12.51
C VAL C 207 -41.37 15.16 12.33
N PRO C 208 -42.66 14.86 12.52
CA PRO C 208 -43.65 15.93 12.35
C PRO C 208 -43.51 16.99 13.46
N GLU C 209 -43.21 16.57 14.69
CA GLU C 209 -43.04 17.52 15.81
C GLU C 209 -41.75 17.24 16.59
N LEU C 210 -40.82 18.19 16.52
CA LEU C 210 -39.54 18.07 17.19
C LEU C 210 -39.56 17.95 18.71
N ALA C 211 -40.12 18.95 19.38
CA ALA C 211 -40.19 18.98 20.84
C ALA C 211 -40.56 17.63 21.46
N PRO C 212 -41.77 17.13 21.18
CA PRO C 212 -42.10 15.86 21.78
C PRO C 212 -41.17 14.70 21.38
N ALA C 213 -40.68 14.70 20.15
CA ALA C 213 -39.80 13.60 19.72
C ALA C 213 -38.43 13.67 20.41
N ALA C 214 -37.92 14.89 20.51
CA ALA C 214 -36.63 15.15 21.13
C ALA C 214 -36.68 14.87 22.62
N ALA C 215 -37.77 15.27 23.26
CA ALA C 215 -37.95 15.04 24.69
C ALA C 215 -37.92 13.54 24.93
N TYR C 216 -38.68 12.82 24.11
CA TYR C 216 -38.75 11.38 24.22
C TYR C 216 -37.38 10.70 24.03
N PHE C 217 -36.68 11.06 22.96
CA PHE C 217 -35.38 10.46 22.65
C PHE C 217 -34.30 10.84 23.66
N ALA C 218 -34.09 12.13 23.85
CA ALA C 218 -33.11 12.62 24.80
C ALA C 218 -33.49 12.07 26.19
N GLY C 219 -34.80 11.99 26.43
CA GLY C 219 -35.33 11.51 27.68
C GLY C 219 -34.81 10.13 28.10
N PHE C 220 -34.86 9.16 27.18
CA PHE C 220 -34.44 7.80 27.52
C PHE C 220 -32.98 7.45 27.34
N THR C 221 -32.28 8.24 26.53
CA THR C 221 -30.84 8.01 26.31
C THR C 221 -29.95 8.86 27.21
N GLY C 222 -30.42 10.07 27.52
CA GLY C 222 -29.59 10.95 28.30
C GLY C 222 -28.66 11.69 27.36
N PHE C 223 -28.78 11.43 26.06
CA PHE C 223 -27.96 12.13 25.07
C PHE C 223 -28.28 13.60 25.29
N HIS C 224 -27.29 14.47 25.13
CA HIS C 224 -27.50 15.89 25.38
C HIS C 224 -27.52 16.70 24.10
N GLU C 225 -28.06 17.92 24.18
CA GLU C 225 -28.10 18.78 23.01
C GLU C 225 -26.70 19.27 22.66
N PHE C 226 -26.35 19.14 21.39
CA PHE C 226 -25.05 19.55 20.89
C PHE C 226 -25.19 20.84 20.09
N ALA C 227 -26.28 20.95 19.35
CA ALA C 227 -26.52 22.15 18.54
C ALA C 227 -27.97 22.20 18.12
N GLU C 228 -28.39 23.34 17.59
CA GLU C 228 -29.76 23.45 17.13
C GLU C 228 -29.91 24.59 16.11
N PHE C 229 -30.98 24.56 15.35
CA PHE C 229 -31.20 25.58 14.34
C PHE C 229 -32.68 25.84 14.22
N THR C 230 -33.04 27.07 13.87
CA THR C 230 -34.42 27.48 13.73
C THR C 230 -34.55 28.67 12.77
N GLY C 240 -37.57 26.27 5.76
CA GLY C 240 -38.40 26.07 6.93
C GLY C 240 -38.20 24.76 7.71
N LEU C 241 -37.22 24.74 8.60
CA LEU C 241 -36.97 23.57 9.42
C LEU C 241 -36.23 23.95 10.68
N ASN C 242 -36.58 23.33 11.79
CA ASN C 242 -35.91 23.56 13.04
C ASN C 242 -35.26 22.22 13.29
N SER C 243 -34.16 22.22 14.03
CA SER C 243 -33.49 20.97 14.30
C SER C 243 -32.67 21.05 15.54
N MET C 244 -32.35 19.89 16.07
CA MET C 244 -31.56 19.79 17.27
C MET C 244 -30.69 18.56 17.08
N VAL C 245 -29.46 18.65 17.52
CA VAL C 245 -28.51 17.55 17.41
C VAL C 245 -28.27 17.03 18.80
N LEU C 246 -28.52 15.74 18.99
CA LEU C 246 -28.30 15.12 20.28
C LEU C 246 -27.02 14.29 20.18
N ALA C 247 -26.28 14.20 21.28
CA ALA C 247 -25.02 13.46 21.29
C ALA C 247 -24.76 12.63 22.54
N ASN C 248 -23.91 11.60 22.39
CA ASN C 248 -23.57 10.79 23.55
C ASN C 248 -22.52 11.53 24.37
N ASN C 249 -21.96 10.89 25.38
CA ASN C 249 -20.96 11.57 26.20
C ASN C 249 -19.69 11.97 25.43
N SER C 250 -19.04 11.01 24.77
CA SER C 250 -17.82 11.29 24.03
C SER C 250 -18.12 12.08 22.78
N GLU C 251 -19.42 12.27 22.55
CA GLU C 251 -19.88 13.03 21.40
C GLU C 251 -19.44 12.46 20.05
N ASN C 252 -19.19 11.16 19.98
CA ASN C 252 -18.82 10.58 18.72
C ASN C 252 -20.08 9.98 18.09
N VAL C 253 -21.18 10.12 18.78
CA VAL C 253 -22.47 9.68 18.27
C VAL C 253 -23.31 10.95 18.18
N LEU C 254 -23.70 11.31 16.95
CA LEU C 254 -24.49 12.51 16.72
C LEU C 254 -25.78 12.14 15.98
N LEU C 255 -26.91 12.30 16.65
CA LEU C 255 -28.20 11.95 16.07
C LEU C 255 -29.18 13.10 16.07
N PRO C 256 -29.15 13.93 15.02
CA PRO C 256 -30.05 15.10 14.87
C PRO C 256 -31.50 14.77 14.48
N LEU C 257 -32.39 15.71 14.71
CA LEU C 257 -33.80 15.57 14.38
C LEU C 257 -34.27 16.84 13.72
N ASN C 258 -35.10 16.73 12.70
CA ASN C 258 -35.63 17.91 12.04
C ASN C 258 -37.14 17.84 12.11
N GLU C 259 -37.76 19.01 12.03
CA GLU C 259 -39.21 19.09 11.97
C GLU C 259 -39.41 20.16 10.91
N PRO C 260 -40.57 20.16 10.24
CA PRO C 260 -40.78 21.20 9.22
C PRO C 260 -41.33 22.45 9.90
N VAL C 261 -41.13 23.61 9.30
CA VAL C 261 -41.69 24.85 9.85
C VAL C 261 -42.80 25.22 8.88
N HIS C 262 -44.02 25.30 9.38
CA HIS C 262 -45.14 25.59 8.50
C HIS C 262 -45.27 27.00 7.95
N GLY C 263 -46.29 27.19 7.11
CA GLY C 263 -46.50 28.47 6.46
C GLY C 263 -45.51 28.44 5.32
N THR C 264 -44.42 29.19 5.48
CA THR C 264 -43.34 29.24 4.50
C THR C 264 -43.77 29.64 3.07
N LYS C 265 -42.84 30.27 2.35
CA LYS C 265 -43.08 30.71 0.99
C LYS C 265 -43.11 29.53 0.01
N ARG C 266 -42.91 28.33 0.54
CA ARG C 266 -42.90 27.10 -0.26
C ARG C 266 -42.98 25.89 0.68
N ARG C 267 -43.28 24.73 0.12
CA ARG C 267 -43.40 23.51 0.92
C ARG C 267 -42.03 23.13 1.52
N SER C 268 -42.04 22.79 2.81
CA SER C 268 -40.81 22.38 3.51
C SER C 268 -40.26 21.06 3.00
N GLN C 269 -38.96 20.99 2.77
CA GLN C 269 -38.36 19.75 2.31
C GLN C 269 -38.55 18.63 3.33
N ILE C 270 -38.72 19.01 4.58
CA ILE C 270 -38.92 18.04 5.65
C ILE C 270 -40.30 17.39 5.51
N GLN C 271 -41.29 18.18 5.09
CA GLN C 271 -42.63 17.68 4.89
C GLN C 271 -42.70 16.80 3.63
N THR C 272 -41.94 17.17 2.62
CA THR C 272 -41.93 16.41 1.39
C THR C 272 -41.44 15.03 1.76
N PHE C 273 -40.41 14.96 2.61
CA PHE C 273 -39.90 13.67 3.05
C PHE C 273 -41.01 12.94 3.77
N LEU C 274 -41.63 13.60 4.74
CA LEU C 274 -42.70 12.94 5.49
C LEU C 274 -43.84 12.40 4.60
N ASP C 275 -44.23 13.16 3.59
CA ASP C 275 -45.30 12.73 2.70
C ASP C 275 -44.96 11.51 1.86
N HIS C 276 -43.76 11.54 1.26
CA HIS C 276 -43.35 10.45 0.37
C HIS C 276 -42.90 9.25 1.13
N HIS C 277 -42.30 9.48 2.29
CA HIS C 277 -41.81 8.37 3.11
C HIS C 277 -42.96 7.71 3.83
N GLY C 278 -43.98 8.50 4.17
CA GLY C 278 -45.12 7.95 4.86
C GLY C 278 -44.98 7.92 6.36
N GLY C 279 -44.32 8.93 6.93
CA GLY C 279 -44.15 8.98 8.37
C GLY C 279 -42.73 9.34 8.74
N PRO C 280 -42.42 9.40 10.04
CA PRO C 280 -41.05 9.75 10.45
C PRO C 280 -40.03 8.78 9.85
N GLY C 281 -38.79 9.24 9.72
CA GLY C 281 -37.76 8.36 9.17
C GLY C 281 -36.42 9.02 9.03
N VAL C 282 -35.40 8.23 8.74
CA VAL C 282 -34.06 8.74 8.54
C VAL C 282 -34.02 9.45 7.17
N GLN C 283 -33.71 10.75 7.22
CA GLN C 283 -33.62 11.58 6.03
C GLN C 283 -32.28 11.43 5.34
N HIS C 284 -31.20 11.65 6.08
CA HIS C 284 -29.87 11.48 5.49
C HIS C 284 -28.85 10.95 6.47
N MET C 285 -27.81 10.33 5.94
CA MET C 285 -26.70 9.83 6.75
C MET C 285 -25.46 10.53 6.21
N ALA C 286 -24.66 11.09 7.11
CA ALA C 286 -23.45 11.76 6.72
C ALA C 286 -22.29 10.78 6.87
N LEU C 287 -21.55 10.57 5.80
CA LEU C 287 -20.44 9.66 5.85
C LEU C 287 -19.15 10.45 5.64
N ALA C 288 -18.20 10.25 6.54
CA ALA C 288 -16.92 10.96 6.47
C ALA C 288 -15.76 10.20 5.86
N SER C 289 -14.88 10.99 5.27
CA SER C 289 -13.66 10.51 4.64
C SER C 289 -12.51 11.39 5.17
N ASP C 290 -11.30 10.89 5.10
CA ASP C 290 -10.19 11.68 5.56
C ASP C 290 -9.59 12.39 4.36
N ASP C 291 -10.13 12.09 3.19
CA ASP C 291 -9.69 12.74 1.95
C ASP C 291 -10.90 12.77 1.03
N VAL C 292 -11.89 13.54 1.44
CA VAL C 292 -13.13 13.58 0.69
C VAL C 292 -13.04 13.82 -0.81
N LEU C 293 -12.11 14.67 -1.23
CA LEU C 293 -11.93 14.95 -2.66
C LEU C 293 -11.54 13.70 -3.42
N ARG C 294 -10.61 12.94 -2.86
CA ARG C 294 -10.19 11.72 -3.50
C ARG C 294 -11.40 10.77 -3.57
N THR C 295 -12.14 10.70 -2.47
CA THR C 295 -13.30 9.84 -2.33
C THR C 295 -14.41 10.21 -3.33
N LEU C 296 -14.66 11.51 -3.50
CA LEU C 296 -15.69 11.95 -4.43
C LEU C 296 -15.35 11.67 -5.90
N ARG C 297 -14.07 11.72 -6.26
CA ARG C 297 -13.69 11.40 -7.62
C ARG C 297 -14.02 9.93 -7.88
N GLU C 298 -13.73 9.05 -6.92
CA GLU C 298 -14.04 7.63 -7.08
C GLU C 298 -15.55 7.46 -7.24
N MET C 299 -16.29 8.16 -6.38
CA MET C 299 -17.74 8.05 -6.39
C MET C 299 -18.38 8.59 -7.66
N GLN C 300 -17.95 9.76 -8.11
CA GLN C 300 -18.56 10.36 -9.29
C GLN C 300 -18.17 9.73 -10.62
N ALA C 301 -17.08 8.95 -10.61
CA ALA C 301 -16.67 8.30 -11.84
C ALA C 301 -17.66 7.15 -12.10
N ARG C 302 -18.49 6.84 -11.12
CA ARG C 302 -19.41 5.73 -11.29
C ARG C 302 -20.86 6.15 -11.43
N SER C 303 -21.16 7.41 -11.17
CA SER C 303 -22.54 7.90 -11.28
C SER C 303 -23.21 7.50 -12.59
N ALA C 304 -22.51 7.66 -13.71
CA ALA C 304 -23.09 7.33 -15.00
C ALA C 304 -23.42 5.86 -15.21
N MET C 305 -22.73 4.95 -14.52
CA MET C 305 -23.03 3.53 -14.71
C MET C 305 -23.74 2.86 -13.55
N GLY C 306 -24.58 3.60 -12.84
CA GLY C 306 -25.34 2.98 -11.77
C GLY C 306 -24.95 3.34 -10.36
N GLY C 307 -23.86 4.07 -10.18
CA GLY C 307 -23.49 4.50 -8.84
C GLY C 307 -24.40 5.67 -8.46
N PHE C 308 -24.04 6.41 -7.41
CA PHE C 308 -24.87 7.53 -6.98
C PHE C 308 -24.63 8.85 -7.70
N GLU C 309 -25.71 9.61 -7.88
CA GLU C 309 -25.63 10.91 -8.52
C GLU C 309 -25.57 11.94 -7.43
N PHE C 310 -25.05 13.11 -7.78
CA PHE C 310 -24.90 14.19 -6.82
C PHE C 310 -25.62 15.47 -7.23
N MET C 311 -25.77 16.34 -6.25
CA MET C 311 -26.35 17.67 -6.39
C MET C 311 -25.43 18.46 -7.36
N ALA C 312 -25.97 19.01 -8.45
CA ALA C 312 -25.17 19.76 -9.42
C ALA C 312 -24.28 20.77 -8.69
N PRO C 313 -23.06 21.01 -9.19
CA PRO C 313 -22.17 21.97 -8.53
C PRO C 313 -22.75 23.38 -8.47
N PRO C 314 -22.45 24.12 -7.39
CA PRO C 314 -22.99 25.49 -7.31
C PRO C 314 -22.29 26.26 -8.41
N THR C 315 -22.84 27.40 -8.85
CA THR C 315 -22.18 28.17 -9.89
C THR C 315 -20.94 28.87 -9.31
N SER C 316 -20.11 29.42 -10.21
CA SER C 316 -18.87 30.10 -9.82
C SER C 316 -18.99 31.19 -8.75
N ASP C 317 -20.10 31.92 -8.73
CA ASP C 317 -20.24 32.97 -7.76
C ASP C 317 -20.21 32.42 -6.33
N TYR C 318 -20.65 31.17 -6.17
CA TYR C 318 -20.64 30.57 -4.85
C TYR C 318 -19.18 30.36 -4.40
N TYR C 319 -18.34 29.86 -5.30
CA TYR C 319 -16.95 29.61 -4.94
C TYR C 319 -16.17 30.89 -4.74
N ASP C 320 -16.65 31.98 -5.33
CA ASP C 320 -15.97 33.24 -5.10
C ASP C 320 -16.26 33.53 -3.62
N GLY C 321 -17.42 33.08 -3.15
CA GLY C 321 -17.80 33.26 -1.76
C GLY C 321 -16.91 32.43 -0.86
N VAL C 322 -16.62 31.22 -1.31
CA VAL C 322 -15.75 30.33 -0.54
C VAL C 322 -14.38 30.96 -0.41
N ARG C 323 -13.99 31.76 -1.40
CA ARG C 323 -12.70 32.40 -1.28
C ARG C 323 -12.81 33.43 -0.12
N ARG C 324 -13.81 34.31 -0.18
CA ARG C 324 -13.97 35.31 0.87
C ARG C 324 -14.12 34.73 2.25
N ARG C 325 -14.75 33.56 2.35
CA ARG C 325 -14.99 32.94 3.64
C ARG C 325 -13.91 31.98 4.12
N ALA C 326 -13.20 31.34 3.21
CA ALA C 326 -12.20 30.38 3.66
C ALA C 326 -10.91 30.42 2.88
N GLY C 327 -10.71 31.50 2.13
CA GLY C 327 -9.52 31.63 1.32
C GLY C 327 -8.25 31.60 2.17
N ASP C 328 -8.39 31.63 3.48
CA ASP C 328 -7.21 31.64 4.34
C ASP C 328 -6.86 30.23 4.80
N VAL C 329 -7.76 29.28 4.55
CA VAL C 329 -7.54 27.91 4.96
C VAL C 329 -7.45 26.99 3.77
N LEU C 330 -8.08 27.39 2.66
CA LEU C 330 -8.06 26.58 1.46
C LEU C 330 -7.34 27.32 0.33
N THR C 331 -6.50 26.63 -0.41
CA THR C 331 -5.78 27.22 -1.53
C THR C 331 -6.68 27.29 -2.76
N GLU C 332 -6.28 28.08 -3.74
CA GLU C 332 -7.03 28.21 -4.99
C GLU C 332 -7.17 26.84 -5.66
N ALA C 333 -6.08 26.07 -5.68
CA ALA C 333 -6.15 24.75 -6.29
C ALA C 333 -7.16 23.87 -5.55
N GLN C 334 -7.18 23.96 -4.22
CA GLN C 334 -8.11 23.17 -3.45
C GLN C 334 -9.55 23.64 -3.64
N ILE C 335 -9.77 24.94 -3.73
CA ILE C 335 -11.13 25.44 -3.94
C ILE C 335 -11.67 25.02 -5.32
N LYS C 336 -10.81 25.06 -6.32
CA LYS C 336 -11.18 24.69 -7.67
C LYS C 336 -11.58 23.21 -7.74
N GLU C 337 -10.85 22.38 -6.99
CA GLU C 337 -11.13 20.96 -6.94
C GLU C 337 -12.52 20.79 -6.40
N CYS C 338 -12.80 21.51 -5.32
CA CYS C 338 -14.09 21.47 -4.67
C CYS C 338 -15.16 21.88 -5.65
N GLN C 339 -14.88 22.92 -6.44
CA GLN C 339 -15.83 23.42 -7.42
C GLN C 339 -16.09 22.38 -8.49
N GLU C 340 -15.03 21.72 -8.96
CA GLU C 340 -15.16 20.73 -10.01
C GLU C 340 -16.04 19.57 -9.58
N LEU C 341 -15.96 19.22 -8.30
CA LEU C 341 -16.74 18.12 -7.74
C LEU C 341 -18.12 18.51 -7.15
N GLY C 342 -18.38 19.79 -6.99
CA GLY C 342 -19.65 20.21 -6.42
C GLY C 342 -19.61 20.35 -4.90
N VAL C 343 -18.41 20.22 -4.32
CA VAL C 343 -18.22 20.33 -2.86
C VAL C 343 -18.51 21.71 -2.32
N LEU C 344 -19.24 21.74 -1.21
CA LEU C 344 -19.62 22.96 -0.52
C LEU C 344 -18.70 23.14 0.68
N VAL C 345 -18.43 24.40 1.03
CA VAL C 345 -17.51 24.68 2.12
C VAL C 345 -18.07 25.59 3.21
N ASP C 346 -17.77 25.25 4.45
CA ASP C 346 -18.20 26.09 5.57
C ASP C 346 -17.24 25.97 6.72
N ARG C 347 -17.28 26.96 7.61
CA ARG C 347 -16.40 26.95 8.77
C ARG C 347 -16.97 27.59 10.03
N ASP C 348 -16.12 27.67 11.04
CA ASP C 348 -16.53 28.27 12.31
C ASP C 348 -15.26 28.55 13.08
N ASP C 349 -15.43 28.73 14.39
CA ASP C 349 -14.31 29.06 15.29
C ASP C 349 -12.99 28.35 14.99
N GLN C 350 -12.98 27.02 14.96
CA GLN C 350 -11.73 26.32 14.71
C GLN C 350 -11.83 25.13 13.75
N GLY C 351 -12.78 25.17 12.83
CA GLY C 351 -12.91 24.06 11.90
C GLY C 351 -13.49 24.37 10.53
N VAL C 352 -13.12 23.52 9.58
CA VAL C 352 -13.59 23.66 8.21
C VAL C 352 -14.43 22.44 7.86
N LEU C 353 -15.61 22.69 7.33
CA LEU C 353 -16.51 21.60 6.92
C LEU C 353 -16.60 21.52 5.38
N LEU C 354 -16.32 20.33 4.86
CA LEU C 354 -16.41 20.06 3.44
C LEU C 354 -17.59 19.07 3.29
N GLN C 355 -18.62 19.45 2.52
CA GLN C 355 -19.80 18.60 2.38
C GLN C 355 -20.46 18.57 1.02
N ILE C 356 -21.06 17.43 0.70
CA ILE C 356 -21.79 17.30 -0.55
C ILE C 356 -22.94 16.32 -0.33
N PHE C 357 -24.05 16.59 -0.99
CA PHE C 357 -25.24 15.77 -0.89
C PHE C 357 -25.52 15.02 -2.17
N THR C 358 -25.88 13.75 -2.02
CA THR C 358 -26.23 12.95 -3.18
C THR C 358 -27.73 13.15 -3.42
N LYS C 359 -28.19 12.78 -4.60
CA LYS C 359 -29.62 12.84 -4.86
C LYS C 359 -30.20 11.60 -4.13
N PRO C 360 -31.53 11.44 -4.11
CA PRO C 360 -32.04 10.25 -3.39
C PRO C 360 -31.36 8.94 -3.86
N VAL C 361 -31.17 8.03 -2.92
CA VAL C 361 -30.52 6.77 -3.22
C VAL C 361 -31.50 5.71 -3.71
N GLY C 362 -32.79 6.00 -3.56
CA GLY C 362 -33.80 5.07 -4.00
C GLY C 362 -34.78 5.79 -4.91
N ASP C 363 -35.93 5.16 -5.17
CA ASP C 363 -36.95 5.73 -6.04
C ASP C 363 -37.68 6.94 -5.46
N ARG C 364 -37.91 6.93 -4.16
CA ARG C 364 -38.64 7.99 -3.49
C ARG C 364 -37.73 9.15 -3.12
N PRO C 365 -38.26 10.39 -3.17
CA PRO C 365 -37.48 11.58 -2.84
C PRO C 365 -37.40 11.68 -1.33
N THR C 366 -36.72 10.71 -0.73
CA THR C 366 -36.63 10.68 0.71
C THR C 366 -35.22 10.56 1.27
N LEU C 367 -34.75 9.34 1.44
CA LEU C 367 -33.42 9.13 1.98
C LEU C 367 -32.27 9.52 1.02
N PHE C 368 -31.31 10.29 1.50
CA PHE C 368 -30.15 10.60 0.66
C PHE C 368 -28.89 10.56 1.53
N LEU C 369 -27.73 10.73 0.92
CA LEU C 369 -26.48 10.68 1.66
C LEU C 369 -25.72 12.00 1.65
N GLU C 370 -24.79 12.15 2.59
CA GLU C 370 -23.96 13.34 2.66
C GLU C 370 -22.53 12.87 2.83
N ILE C 371 -21.64 13.31 1.93
CA ILE C 371 -20.24 12.91 2.04
C ILE C 371 -19.50 14.13 2.56
N ILE C 372 -18.70 13.94 3.61
CA ILE C 372 -17.99 15.04 4.22
C ILE C 372 -16.60 14.74 4.73
N GLN C 373 -15.96 15.83 5.15
CA GLN C 373 -14.64 15.81 5.77
C GLN C 373 -14.56 16.99 6.73
N ARG C 374 -14.03 16.73 7.91
CA ARG C 374 -13.88 17.79 8.90
C ARG C 374 -12.37 18.00 9.05
N ILE C 375 -11.96 19.26 8.96
CA ILE C 375 -10.56 19.61 9.11
C ILE C 375 -10.37 20.54 10.30
N GLY C 376 -9.53 20.13 11.25
CA GLY C 376 -9.28 20.93 12.43
C GLY C 376 -9.66 20.29 13.76
N CYS C 377 -9.83 21.13 14.79
CA CYS C 377 -10.19 20.71 16.13
C CYS C 377 -9.40 19.49 16.66
N MET C 378 -8.08 19.54 16.51
CA MET C 378 -7.24 18.41 16.95
C MET C 378 -6.62 18.58 18.35
N GLU C 379 -7.43 18.55 19.41
CA GLU C 379 -6.92 18.72 20.79
C GLU C 379 -6.12 17.52 21.34
N LYS C 380 -5.58 17.72 22.55
CA LYS C 380 -4.78 16.74 23.32
C LYS C 380 -4.11 15.54 22.62
N ASP C 381 -4.07 14.41 23.32
CA ASP C 381 -3.47 13.18 22.82
C ASP C 381 -2.07 13.36 22.24
N GLU C 382 -1.99 13.59 20.93
CA GLU C 382 -0.71 13.78 20.26
C GLU C 382 0.21 12.57 20.39
N LYS C 383 1.46 12.73 19.99
CA LYS C 383 2.45 11.67 20.05
C LYS C 383 1.99 10.43 19.29
N GLY C 384 1.75 10.60 17.99
CA GLY C 384 1.31 9.50 17.17
C GLY C 384 -0.08 9.74 16.60
N GLN C 385 -1.09 9.57 17.43
CA GLN C 385 -2.47 9.77 17.01
C GLN C 385 -3.20 10.71 17.96
N GLU C 386 -3.76 11.79 17.41
CA GLU C 386 -4.49 12.77 18.21
C GLU C 386 -5.97 12.39 18.23
N TYR C 387 -6.82 13.39 18.49
CA TYR C 387 -8.28 13.18 18.52
C TYR C 387 -8.95 14.47 18.01
N GLN C 388 -9.94 14.31 17.13
CA GLN C 388 -10.68 15.45 16.59
C GLN C 388 -12.02 15.54 17.31
N LYS C 389 -12.41 16.73 17.74
CA LYS C 389 -13.70 16.89 18.42
C LYS C 389 -14.82 16.59 17.43
N GLY C 390 -15.91 16.00 17.92
CA GLY C 390 -17.00 15.70 17.01
C GLY C 390 -17.58 17.03 16.55
N GLY C 391 -18.26 17.04 15.40
CA GLY C 391 -18.87 18.27 14.91
C GLY C 391 -17.92 19.37 14.46
N CYS C 392 -16.62 19.07 14.43
CA CYS C 392 -15.61 20.03 14.01
C CYS C 392 -15.98 20.70 12.69
N GLY C 393 -16.36 21.97 12.76
CA GLY C 393 -16.72 22.68 11.54
C GLY C 393 -18.18 22.99 11.42
N GLY C 394 -19.00 22.28 12.19
CA GLY C 394 -20.44 22.53 12.15
C GLY C 394 -21.16 21.53 11.27
N PHE C 395 -22.34 21.91 10.83
CA PHE C 395 -23.13 21.00 9.99
C PHE C 395 -23.55 21.64 8.67
N GLY C 396 -22.93 22.77 8.34
CA GLY C 396 -23.21 23.45 7.10
C GLY C 396 -24.26 24.55 7.15
N LYS C 397 -24.32 25.27 8.25
CA LYS C 397 -25.29 26.36 8.40
C LYS C 397 -24.98 27.42 7.35
N GLY C 398 -23.70 27.64 7.11
CA GLY C 398 -23.29 28.62 6.13
C GLY C 398 -23.61 28.20 4.69
N ASN C 399 -24.32 27.09 4.51
CA ASN C 399 -24.64 26.62 3.17
C ASN C 399 -26.11 26.39 2.88
N PHE C 400 -26.96 26.63 3.86
CA PHE C 400 -28.39 26.43 3.68
C PHE C 400 -28.94 27.17 2.45
N SER C 401 -28.51 28.41 2.26
CA SER C 401 -29.00 29.19 1.12
C SER C 401 -28.63 28.53 -0.21
N GLN C 402 -27.39 28.06 -0.33
CA GLN C 402 -26.97 27.43 -1.58
C GLN C 402 -27.71 26.09 -1.79
N LEU C 403 -28.08 25.41 -0.71
CA LEU C 403 -28.80 24.14 -0.85
C LEU C 403 -30.23 24.43 -1.29
N PHE C 404 -30.80 25.52 -0.79
CA PHE C 404 -32.15 25.89 -1.17
C PHE C 404 -32.12 26.29 -2.64
N LYS C 405 -31.06 26.98 -3.03
CA LYS C 405 -30.87 27.45 -4.41
C LYS C 405 -30.66 26.29 -5.39
N SER C 406 -30.00 25.23 -4.95
CA SER C 406 -29.75 24.09 -5.82
C SER C 406 -31.04 23.34 -6.13
N ILE C 407 -31.83 23.02 -5.11
CA ILE C 407 -33.06 22.30 -5.36
C ILE C 407 -33.97 23.23 -6.14
N GLU C 408 -33.87 24.52 -5.85
CA GLU C 408 -34.68 25.51 -6.54
C GLU C 408 -34.41 25.41 -8.03
N ASP C 409 -33.12 25.33 -8.39
CA ASP C 409 -32.75 25.21 -9.80
C ASP C 409 -33.18 23.90 -10.44
N TYR C 410 -33.27 22.83 -9.64
CA TYR C 410 -33.68 21.55 -10.18
C TYR C 410 -35.18 21.66 -10.48
N GLU C 411 -35.95 22.02 -9.46
CA GLU C 411 -37.39 22.16 -9.64
C GLU C 411 -37.62 23.13 -10.80
N LYS C 412 -36.71 24.10 -10.96
CA LYS C 412 -36.82 25.07 -12.04
C LYS C 412 -36.37 24.44 -13.35
N SER C 413 -36.82 23.20 -13.57
CA SER C 413 -36.51 22.46 -14.79
C SER C 413 -37.62 21.49 -15.12
N LEU C 414 -37.96 21.43 -16.41
CA LEU C 414 -39.02 20.56 -16.89
C LEU C 414 -38.37 19.38 -17.67
N PHE D 17 -32.51 -33.05 -34.59
CA PHE D 17 -32.02 -31.69 -34.26
C PHE D 17 -32.82 -30.60 -35.02
N VAL D 18 -32.71 -30.56 -36.35
CA VAL D 18 -33.49 -29.57 -37.12
C VAL D 18 -34.96 -30.04 -37.17
N ARG D 19 -35.78 -29.47 -36.30
CA ARG D 19 -37.19 -29.86 -36.23
C ARG D 19 -38.01 -29.10 -37.25
N PHE D 20 -39.05 -29.75 -37.75
CA PHE D 20 -39.88 -29.11 -38.76
C PHE D 20 -40.38 -27.76 -38.23
N ASN D 21 -40.47 -26.79 -39.14
CA ASN D 21 -40.99 -25.48 -38.79
C ASN D 21 -42.19 -25.28 -39.66
N PRO D 22 -43.38 -25.45 -39.09
CA PRO D 22 -44.63 -25.28 -39.84
C PRO D 22 -45.05 -23.82 -40.03
N ARG D 23 -44.19 -22.90 -39.59
CA ARG D 23 -44.43 -21.45 -39.66
C ARG D 23 -45.86 -21.16 -39.36
N SER D 24 -46.30 -21.55 -38.17
CA SER D 24 -47.67 -21.38 -37.76
C SER D 24 -48.02 -20.22 -36.84
N ASP D 25 -47.17 -19.19 -36.74
CA ASP D 25 -47.49 -18.06 -35.86
C ASP D 25 -48.89 -17.53 -36.17
N ARG D 26 -49.63 -17.14 -35.14
CA ARG D 26 -50.97 -16.62 -35.30
C ARG D 26 -50.98 -15.12 -35.56
N PHE D 27 -49.81 -14.51 -35.45
CA PHE D 27 -49.66 -13.09 -35.68
C PHE D 27 -48.20 -12.88 -36.01
N HIS D 28 -47.89 -11.85 -36.77
CA HIS D 28 -46.51 -11.56 -37.15
C HIS D 28 -45.71 -11.07 -35.92
N THR D 29 -44.75 -11.91 -35.52
CA THR D 29 -43.88 -11.70 -34.37
C THR D 29 -42.51 -11.32 -34.86
N LEU D 30 -42.18 -10.03 -34.77
CA LEU D 30 -40.90 -9.50 -35.23
C LEU D 30 -39.62 -9.88 -34.45
N ALA D 31 -39.66 -9.67 -33.14
CA ALA D 31 -38.48 -9.92 -32.32
C ALA D 31 -38.73 -9.60 -30.86
N PHE D 32 -37.75 -9.92 -30.04
CA PHE D 32 -37.84 -9.60 -28.63
C PHE D 32 -37.81 -8.06 -28.60
N HIS D 33 -38.57 -7.45 -27.70
CA HIS D 33 -38.55 -6.00 -27.64
C HIS D 33 -37.92 -5.58 -26.33
N HIS D 34 -38.36 -6.17 -25.22
CA HIS D 34 -37.79 -5.89 -23.91
C HIS D 34 -38.27 -6.85 -22.81
N VAL D 35 -37.66 -6.72 -21.66
CA VAL D 35 -38.05 -7.53 -20.52
C VAL D 35 -38.21 -6.57 -19.39
N GLU D 36 -39.27 -6.74 -18.59
CA GLU D 36 -39.53 -5.87 -17.45
C GLU D 36 -39.55 -6.58 -16.12
N LEU D 37 -38.86 -6.01 -15.15
CA LEU D 37 -38.85 -6.58 -13.81
C LEU D 37 -39.58 -5.58 -12.91
N TRP D 38 -40.56 -6.07 -12.15
CA TRP D 38 -41.30 -5.24 -11.21
C TRP D 38 -40.47 -5.39 -9.95
N CYS D 39 -39.89 -4.31 -9.47
CA CYS D 39 -39.00 -4.37 -8.31
C CYS D 39 -39.50 -3.73 -7.04
N ALA D 40 -38.65 -3.86 -6.02
CA ALA D 40 -38.94 -3.25 -4.72
C ALA D 40 -38.47 -1.79 -4.85
N ASP D 41 -37.31 -1.61 -5.49
CA ASP D 41 -36.73 -0.29 -5.73
C ASP D 41 -36.06 -0.36 -7.08
N ALA D 42 -36.62 0.35 -8.04
CA ALA D 42 -36.11 0.35 -9.39
C ALA D 42 -34.69 0.89 -9.51
N ALA D 43 -34.39 1.93 -8.75
CA ALA D 43 -33.06 2.55 -8.77
C ALA D 43 -31.96 1.54 -8.39
N SER D 44 -32.17 0.77 -7.34
CA SER D 44 -31.16 -0.19 -6.89
C SER D 44 -30.93 -1.29 -7.92
N ALA D 45 -32.03 -1.82 -8.47
CA ALA D 45 -31.95 -2.88 -9.45
C ALA D 45 -31.34 -2.40 -10.76
N ALA D 46 -31.84 -1.28 -11.28
CA ALA D 46 -31.33 -0.74 -12.53
C ALA D 46 -29.86 -0.35 -12.35
N GLY D 47 -29.54 0.24 -11.20
CA GLY D 47 -28.19 0.64 -10.91
C GLY D 47 -27.23 -0.56 -10.89
N ARG D 48 -27.58 -1.64 -10.19
CA ARG D 48 -26.66 -2.77 -10.17
C ARG D 48 -26.50 -3.44 -11.56
N PHE D 49 -27.62 -3.73 -12.24
CA PHE D 49 -27.59 -4.32 -13.57
C PHE D 49 -26.86 -3.45 -14.58
N SER D 50 -26.94 -2.13 -14.42
CA SER D 50 -26.25 -1.25 -15.35
C SER D 50 -24.72 -1.45 -15.32
N PHE D 51 -24.10 -1.42 -14.15
CA PHE D 51 -22.66 -1.65 -14.16
C PHE D 51 -22.31 -3.12 -14.19
N GLY D 52 -23.19 -3.99 -13.70
CA GLY D 52 -22.90 -5.41 -13.68
C GLY D 52 -22.96 -6.04 -15.05
N LEU D 53 -23.70 -5.40 -15.94
CA LEU D 53 -23.92 -5.87 -17.31
C LEU D 53 -23.33 -4.97 -18.40
N GLY D 54 -23.02 -3.71 -18.06
CA GLY D 54 -22.51 -2.79 -19.05
C GLY D 54 -23.69 -2.31 -19.89
N ALA D 55 -24.75 -1.84 -19.22
CA ALA D 55 -25.93 -1.37 -19.92
C ALA D 55 -26.34 0.01 -19.44
N PRO D 56 -25.82 1.07 -20.06
CA PRO D 56 -26.16 2.43 -19.64
C PRO D 56 -27.67 2.72 -19.66
N LEU D 57 -28.08 3.67 -18.84
CA LEU D 57 -29.47 4.07 -18.79
C LEU D 57 -29.76 4.75 -20.13
N ALA D 58 -30.92 4.47 -20.71
CA ALA D 58 -31.32 5.03 -22.00
C ALA D 58 -32.70 5.74 -22.01
N ALA D 59 -33.56 5.42 -21.04
CA ALA D 59 -34.88 6.05 -20.96
C ALA D 59 -35.44 6.01 -19.55
N ARG D 60 -36.37 6.91 -19.27
CA ARG D 60 -36.98 6.95 -17.95
C ARG D 60 -38.35 7.61 -17.89
N SER D 61 -39.12 7.20 -16.89
CA SER D 61 -40.45 7.72 -16.66
C SER D 61 -40.62 7.60 -15.18
N ASP D 62 -40.69 8.75 -14.52
CA ASP D 62 -40.80 8.80 -13.08
C ASP D 62 -41.24 10.21 -12.71
N LEU D 63 -41.15 10.55 -11.43
CA LEU D 63 -41.56 11.86 -10.94
C LEU D 63 -40.94 12.99 -11.76
N SER D 64 -39.70 12.83 -12.17
CA SER D 64 -39.05 13.86 -12.95
C SER D 64 -39.63 13.99 -14.34
N THR D 65 -40.36 12.98 -14.81
CA THR D 65 -40.96 13.13 -16.15
C THR D 65 -42.46 13.27 -16.02
N GLY D 66 -42.94 13.50 -14.81
CA GLY D 66 -44.37 13.68 -14.61
C GLY D 66 -45.14 12.43 -14.29
N ASN D 67 -44.46 11.30 -14.19
CA ASN D 67 -45.14 10.06 -13.85
C ASN D 67 -45.02 10.02 -12.33
N SER D 68 -46.14 10.03 -11.62
CA SER D 68 -46.09 10.00 -10.17
C SER D 68 -46.66 8.71 -9.67
N ALA D 69 -46.87 7.76 -10.58
CA ALA D 69 -47.42 6.44 -10.25
C ALA D 69 -46.34 5.38 -10.08
N HIS D 70 -45.38 5.36 -11.00
CA HIS D 70 -44.30 4.39 -10.93
C HIS D 70 -43.01 4.98 -11.46
N ALA D 71 -41.90 4.52 -10.89
CA ALA D 71 -40.57 4.93 -11.31
C ALA D 71 -40.12 3.81 -12.25
N SER D 72 -39.75 4.16 -13.47
CA SER D 72 -39.28 3.16 -14.41
C SER D 72 -37.95 3.57 -15.04
N LEU D 73 -37.03 2.62 -15.08
CA LEU D 73 -35.71 2.86 -15.65
C LEU D 73 -35.45 1.82 -16.73
N LEU D 74 -35.01 2.28 -17.89
CA LEU D 74 -34.74 1.39 -19.01
C LEU D 74 -33.24 1.30 -19.35
N LEU D 75 -32.65 0.14 -19.18
CA LEU D 75 -31.24 -0.06 -19.50
C LEU D 75 -31.12 -0.63 -20.90
N ARG D 76 -30.06 -0.25 -21.61
CA ARG D 76 -29.88 -0.77 -22.93
C ARG D 76 -28.40 -1.04 -23.25
N SER D 77 -28.18 -2.12 -23.99
CA SER D 77 -26.86 -2.50 -24.46
C SER D 77 -27.19 -3.12 -25.80
N GLY D 78 -26.81 -2.45 -26.89
CA GLY D 78 -27.15 -2.98 -28.20
C GLY D 78 -28.67 -2.98 -28.34
N SER D 79 -29.26 -4.13 -28.69
CA SER D 79 -30.70 -4.28 -28.85
C SER D 79 -31.34 -4.80 -27.57
N LEU D 80 -30.51 -5.09 -26.57
CA LEU D 80 -30.98 -5.54 -25.26
C LEU D 80 -31.63 -4.38 -24.51
N SER D 81 -32.87 -4.57 -24.05
CA SER D 81 -33.54 -3.53 -23.28
C SER D 81 -34.09 -4.13 -22.01
N PHE D 82 -33.62 -3.63 -20.88
CA PHE D 82 -34.11 -4.07 -19.57
C PHE D 82 -34.89 -2.94 -18.91
N LEU D 83 -36.15 -3.20 -18.55
CA LEU D 83 -36.96 -2.20 -17.88
C LEU D 83 -37.21 -2.60 -16.44
N PHE D 84 -36.86 -1.70 -15.51
CA PHE D 84 -37.06 -1.93 -14.08
C PHE D 84 -38.13 -0.93 -13.59
N THR D 85 -39.17 -1.46 -12.95
CA THR D 85 -40.28 -0.63 -12.53
C THR D 85 -40.69 -0.88 -11.11
N ALA D 86 -40.87 0.20 -10.36
CA ALA D 86 -41.32 0.12 -8.96
C ALA D 86 -42.43 1.16 -8.70
N PRO D 87 -43.38 0.84 -7.81
CA PRO D 87 -44.47 1.76 -7.50
C PRO D 87 -44.12 2.82 -6.46
N TYR D 88 -44.65 4.02 -6.65
CA TYR D 88 -44.49 5.07 -5.66
C TYR D 88 -45.58 4.73 -4.65
N ALA D 89 -45.51 5.27 -3.44
CA ALA D 89 -46.52 4.92 -2.43
C ALA D 89 -47.59 5.95 -2.13
N HIS D 90 -47.19 7.21 -2.03
CA HIS D 90 -48.16 8.24 -1.71
C HIS D 90 -48.24 9.33 -2.77
N GLY D 91 -49.40 9.97 -2.85
CA GLY D 91 -49.59 11.03 -3.83
C GLY D 91 -49.53 10.46 -5.24
N ALA D 92 -49.72 9.15 -5.35
CA ALA D 92 -49.66 8.51 -6.65
C ALA D 92 -50.91 8.65 -7.50
N ASP D 93 -50.81 9.43 -8.57
CA ASP D 93 -51.94 9.62 -9.49
C ASP D 93 -51.79 8.59 -10.61
N ALA D 94 -52.50 7.48 -10.47
CA ALA D 94 -52.44 6.37 -11.42
C ALA D 94 -52.51 6.75 -12.90
N ALA D 95 -53.19 7.84 -13.20
CA ALA D 95 -53.34 8.27 -14.58
C ALA D 95 -52.03 8.78 -15.19
N THR D 96 -51.04 9.04 -14.36
CA THR D 96 -49.80 9.53 -14.91
C THR D 96 -48.85 8.41 -15.36
N ALA D 97 -49.27 7.17 -15.16
CA ALA D 97 -48.46 5.98 -15.53
C ALA D 97 -48.09 5.91 -17.01
N ALA D 98 -46.80 5.74 -17.32
CA ALA D 98 -46.40 5.69 -18.72
C ALA D 98 -46.79 4.34 -19.30
N LEU D 99 -46.92 3.34 -18.44
CA LEU D 99 -47.35 2.01 -18.85
C LEU D 99 -48.74 1.89 -18.24
N PRO D 100 -49.79 2.03 -19.05
CA PRO D 100 -51.12 1.92 -18.48
C PRO D 100 -51.47 0.55 -17.86
N SER D 101 -50.68 -0.48 -18.15
CA SER D 101 -50.97 -1.80 -17.58
C SER D 101 -50.47 -1.94 -16.13
N PHE D 102 -49.64 -1.00 -15.70
CA PHE D 102 -49.11 -1.04 -14.34
C PHE D 102 -50.17 -1.00 -13.25
N SER D 103 -49.90 -1.72 -12.16
CA SER D 103 -50.80 -1.76 -11.01
C SER D 103 -49.99 -1.73 -9.74
N ALA D 104 -50.10 -0.63 -8.99
CA ALA D 104 -49.33 -0.45 -7.77
C ALA D 104 -49.47 -1.60 -6.78
N ALA D 105 -50.71 -2.01 -6.55
CA ALA D 105 -50.96 -3.08 -5.61
C ALA D 105 -50.34 -4.38 -6.10
N ALA D 106 -50.55 -4.68 -7.37
CA ALA D 106 -50.02 -5.90 -7.93
C ALA D 106 -48.49 -5.90 -7.85
N ALA D 107 -47.89 -4.76 -8.19
CA ALA D 107 -46.44 -4.61 -8.17
C ALA D 107 -45.81 -4.85 -6.80
N ARG D 108 -46.40 -4.27 -5.75
CA ARG D 108 -45.92 -4.44 -4.37
C ARG D 108 -46.00 -5.89 -3.97
N ARG D 109 -47.13 -6.52 -4.31
CA ARG D 109 -47.36 -7.92 -4.00
C ARG D 109 -46.31 -8.77 -4.73
N PHE D 110 -46.09 -8.46 -6.00
CA PHE D 110 -45.13 -9.17 -6.82
C PHE D 110 -43.72 -9.17 -6.17
N ALA D 111 -43.26 -7.99 -5.77
CA ALA D 111 -41.95 -7.82 -5.14
C ALA D 111 -41.77 -8.66 -3.88
N ALA D 112 -42.78 -8.66 -3.01
CA ALA D 112 -42.73 -9.42 -1.77
C ALA D 112 -42.83 -10.90 -2.10
N ASP D 113 -43.67 -11.20 -3.09
CA ASP D 113 -43.86 -12.56 -3.51
C ASP D 113 -42.60 -13.24 -4.02
N HIS D 114 -41.87 -12.60 -4.93
CA HIS D 114 -40.71 -13.27 -5.52
C HIS D 114 -39.31 -12.70 -5.32
N GLY D 115 -39.21 -11.52 -4.74
CA GLY D 115 -37.91 -10.88 -4.63
C GLY D 115 -37.72 -10.38 -6.05
N LEU D 116 -36.49 -10.10 -6.48
CA LEU D 116 -36.23 -9.62 -7.83
C LEU D 116 -36.70 -10.61 -8.90
N ALA D 117 -37.59 -10.17 -9.80
CA ALA D 117 -38.12 -11.09 -10.82
C ALA D 117 -38.73 -10.48 -12.08
N VAL D 118 -38.85 -11.31 -13.11
CA VAL D 118 -39.43 -10.86 -14.38
C VAL D 118 -40.96 -10.94 -14.40
N ARG D 119 -41.57 -9.79 -14.68
CA ARG D 119 -43.02 -9.64 -14.77
C ARG D 119 -43.51 -9.74 -16.21
N ALA D 120 -42.79 -9.10 -17.13
CA ALA D 120 -43.18 -9.13 -18.54
C ALA D 120 -42.09 -9.46 -19.52
N VAL D 121 -42.44 -10.34 -20.46
CA VAL D 121 -41.55 -10.68 -21.55
C VAL D 121 -42.23 -9.97 -22.72
N ALA D 122 -41.56 -9.00 -23.33
CA ALA D 122 -42.19 -8.28 -24.45
C ALA D 122 -41.63 -8.54 -25.83
N LEU D 123 -42.55 -8.71 -26.78
CA LEU D 123 -42.24 -8.98 -28.15
C LEU D 123 -42.74 -7.82 -29.01
N ARG D 124 -42.02 -7.54 -30.08
CA ARG D 124 -42.48 -6.53 -30.99
C ARG D 124 -43.31 -7.35 -31.98
N VAL D 125 -44.48 -6.86 -32.32
CA VAL D 125 -45.32 -7.56 -33.26
C VAL D 125 -45.78 -6.57 -34.34
N ALA D 126 -46.26 -7.06 -35.47
CA ALA D 126 -46.74 -6.19 -36.54
C ALA D 126 -47.84 -5.27 -36.01
N ASP D 127 -48.72 -5.82 -35.17
CA ASP D 127 -49.83 -5.06 -34.60
C ASP D 127 -50.32 -5.69 -33.30
N ALA D 128 -50.11 -4.97 -32.21
CA ALA D 128 -50.48 -5.45 -30.89
C ALA D 128 -51.98 -5.72 -30.72
N GLU D 129 -52.82 -4.97 -31.43
CA GLU D 129 -54.27 -5.19 -31.32
C GLU D 129 -54.65 -6.55 -31.95
N ASP D 130 -54.14 -6.83 -33.14
CA ASP D 130 -54.44 -8.09 -33.80
C ASP D 130 -53.74 -9.27 -33.09
N ALA D 131 -52.58 -8.99 -32.49
CA ALA D 131 -51.85 -10.04 -31.78
C ALA D 131 -52.66 -10.48 -30.56
N PHE D 132 -53.27 -9.49 -29.89
CA PHE D 132 -54.10 -9.76 -28.73
C PHE D 132 -55.32 -10.55 -29.20
N ARG D 133 -56.03 -10.01 -30.19
CA ARG D 133 -57.22 -10.67 -30.69
C ARG D 133 -56.95 -12.12 -31.15
N ALA D 134 -55.96 -12.31 -32.00
CA ALA D 134 -55.67 -13.65 -32.45
C ALA D 134 -55.34 -14.53 -31.26
N SER D 135 -54.67 -13.97 -30.25
CA SER D 135 -54.29 -14.72 -29.03
C SER D 135 -55.47 -15.15 -28.18
N VAL D 136 -56.32 -14.21 -27.79
CA VAL D 136 -57.47 -14.60 -26.98
C VAL D 136 -58.45 -15.49 -27.78
N ALA D 137 -58.55 -15.33 -29.10
CA ALA D 137 -59.45 -16.22 -29.87
C ALA D 137 -58.91 -17.65 -29.78
N ALA D 138 -57.61 -17.79 -29.57
CA ALA D 138 -57.02 -19.11 -29.50
C ALA D 138 -56.69 -19.57 -28.09
N GLY D 139 -57.39 -19.00 -27.10
CA GLY D 139 -57.20 -19.39 -25.71
C GLY D 139 -56.40 -18.53 -24.74
N ALA D 140 -55.68 -17.53 -25.21
CA ALA D 140 -54.89 -16.71 -24.28
C ALA D 140 -55.77 -16.06 -23.22
N ARG D 141 -55.29 -15.99 -21.98
CA ARG D 141 -56.04 -15.31 -20.91
C ARG D 141 -55.58 -13.85 -20.98
N PRO D 142 -56.50 -12.92 -21.25
CA PRO D 142 -56.13 -11.51 -21.33
C PRO D 142 -55.59 -10.94 -20.02
N ALA D 143 -54.64 -10.03 -20.11
CA ALA D 143 -54.08 -9.41 -18.91
C ALA D 143 -54.30 -7.91 -18.95
N PHE D 144 -54.18 -7.33 -20.14
CA PHE D 144 -54.42 -5.91 -20.33
C PHE D 144 -54.78 -5.68 -21.78
N GLY D 145 -55.94 -5.06 -21.99
CA GLY D 145 -56.44 -4.82 -23.33
C GLY D 145 -55.58 -3.89 -24.13
N PRO D 146 -55.60 -4.02 -25.46
CA PRO D 146 -54.81 -3.18 -26.35
C PRO D 146 -55.18 -1.71 -26.15
N VAL D 147 -54.17 -0.84 -26.21
CA VAL D 147 -54.36 0.59 -26.07
C VAL D 147 -53.38 1.25 -26.99
N ASP D 148 -53.67 2.50 -27.37
CA ASP D 148 -52.75 3.25 -28.20
C ASP D 148 -51.98 4.05 -27.18
N LEU D 149 -50.70 4.26 -27.41
CA LEU D 149 -49.89 5.03 -26.46
C LEU D 149 -49.52 6.37 -27.09
N GLY D 150 -49.69 6.46 -28.40
CA GLY D 150 -49.34 7.68 -29.11
C GLY D 150 -48.34 7.36 -30.19
N ARG D 151 -48.25 8.23 -31.19
CA ARG D 151 -47.34 8.09 -32.32
C ARG D 151 -47.35 6.72 -33.00
N GLY D 152 -48.51 6.07 -33.05
CA GLY D 152 -48.59 4.77 -33.70
C GLY D 152 -48.18 3.58 -32.84
N PHE D 153 -47.90 3.83 -31.56
CA PHE D 153 -47.52 2.78 -30.62
C PHE D 153 -48.73 2.09 -30.01
N ARG D 154 -48.70 0.76 -29.97
CA ARG D 154 -49.77 -0.02 -29.36
C ARG D 154 -49.19 -1.05 -28.39
N LEU D 155 -49.93 -1.36 -27.34
CA LEU D 155 -49.50 -2.33 -26.34
C LEU D 155 -50.69 -3.17 -25.85
N ALA D 156 -50.41 -4.40 -25.46
CA ALA D 156 -51.44 -5.30 -24.94
C ALA D 156 -50.72 -6.42 -24.23
N GLU D 157 -51.42 -7.13 -23.35
CA GLU D 157 -50.83 -8.23 -22.56
C GLU D 157 -51.77 -9.43 -22.32
N VAL D 158 -51.17 -10.61 -22.29
CA VAL D 158 -51.92 -11.82 -21.98
C VAL D 158 -51.04 -12.56 -20.99
N GLU D 159 -51.62 -13.50 -20.27
CA GLU D 159 -50.88 -14.26 -19.26
C GLU D 159 -49.97 -15.32 -19.92
N LEU D 160 -48.71 -15.39 -19.52
CA LEU D 160 -47.78 -16.35 -20.13
C LEU D 160 -47.77 -17.60 -19.26
N TYR D 161 -47.16 -17.50 -18.08
CA TYR D 161 -47.13 -18.57 -17.07
C TYR D 161 -47.02 -17.93 -15.70
N GLY D 162 -47.79 -18.41 -14.73
CA GLY D 162 -47.79 -17.81 -13.40
C GLY D 162 -48.22 -16.35 -13.51
N ASP D 163 -47.48 -15.45 -12.88
CA ASP D 163 -47.80 -14.03 -12.94
C ASP D 163 -46.92 -13.24 -13.91
N VAL D 164 -46.40 -13.95 -14.90
CA VAL D 164 -45.58 -13.37 -15.93
C VAL D 164 -46.50 -13.16 -17.12
N VAL D 165 -46.41 -11.99 -17.76
CA VAL D 165 -47.24 -11.73 -18.91
C VAL D 165 -46.37 -11.68 -20.16
N LEU D 166 -47.00 -11.91 -21.31
CA LEU D 166 -46.36 -11.81 -22.60
C LEU D 166 -46.94 -10.50 -23.13
N ARG D 167 -46.08 -9.49 -23.26
CA ARG D 167 -46.49 -8.19 -23.74
C ARG D 167 -46.27 -8.01 -25.24
N TYR D 168 -47.23 -7.41 -25.93
CA TYR D 168 -47.11 -7.17 -27.35
C TYR D 168 -46.95 -5.67 -27.54
N VAL D 169 -46.02 -5.30 -28.42
CA VAL D 169 -45.71 -3.92 -28.74
C VAL D 169 -45.58 -3.77 -30.27
N SER D 170 -46.21 -2.74 -30.82
CA SER D 170 -46.14 -2.49 -32.26
C SER D 170 -46.10 -0.98 -32.49
N TYR D 171 -45.43 -0.59 -33.56
CA TYR D 171 -45.28 0.81 -33.93
C TYR D 171 -44.72 0.87 -35.35
N PRO D 172 -44.92 2.00 -36.05
CA PRO D 172 -44.40 2.12 -37.42
C PRO D 172 -42.90 1.91 -37.40
N ASP D 173 -42.35 1.31 -38.46
CA ASP D 173 -40.91 1.07 -38.50
C ASP D 173 -40.15 2.36 -38.37
N GLY D 174 -40.77 3.45 -38.85
CA GLY D 174 -40.14 4.75 -38.82
C GLY D 174 -40.19 5.44 -37.48
N ALA D 175 -40.91 4.85 -36.54
CA ALA D 175 -40.98 5.42 -35.21
C ALA D 175 -39.96 4.76 -34.27
N ALA D 176 -39.13 3.89 -34.82
CA ALA D 176 -38.11 3.17 -34.05
C ALA D 176 -37.05 4.09 -33.45
N GLY D 177 -37.15 5.39 -33.76
CA GLY D 177 -36.19 6.33 -33.23
C GLY D 177 -36.51 6.72 -31.82
N GLU D 178 -37.64 6.26 -31.31
CA GLU D 178 -38.02 6.61 -29.96
C GLU D 178 -37.20 5.99 -28.86
N PRO D 179 -36.94 6.77 -27.78
CA PRO D 179 -36.16 6.31 -26.64
C PRO D 179 -36.62 4.93 -26.20
N PHE D 180 -37.92 4.80 -25.95
CA PHE D 180 -38.48 3.51 -25.55
C PHE D 180 -39.94 3.39 -25.98
N LEU D 181 -40.81 4.00 -25.17
CA LEU D 181 -42.23 4.01 -25.41
C LEU D 181 -42.70 5.43 -25.12
N PRO D 182 -43.79 5.87 -25.78
CA PRO D 182 -44.25 7.24 -25.51
C PRO D 182 -44.40 7.45 -23.99
N GLY D 183 -44.05 8.63 -23.53
CA GLY D 183 -44.13 8.91 -22.11
C GLY D 183 -42.78 8.75 -21.46
N PHE D 184 -41.88 8.06 -22.14
CA PHE D 184 -40.54 7.86 -21.60
C PHE D 184 -39.60 8.90 -22.18
N GLU D 185 -38.85 9.54 -21.29
CA GLU D 185 -37.88 10.53 -21.66
C GLU D 185 -36.56 9.79 -21.93
N GLY D 186 -35.86 10.21 -22.98
CA GLY D 186 -34.59 9.60 -23.34
C GLY D 186 -33.48 10.10 -22.43
N VAL D 187 -32.48 9.25 -22.23
CA VAL D 187 -31.38 9.59 -21.37
C VAL D 187 -30.11 9.34 -22.14
N ALA D 188 -29.31 10.39 -22.27
CA ALA D 188 -28.04 10.31 -22.99
C ALA D 188 -26.95 9.67 -22.14
N SER D 189 -26.01 9.03 -22.81
CA SER D 189 -24.88 8.37 -22.15
C SER D 189 -23.56 8.92 -22.70
N PRO D 190 -23.14 10.10 -22.22
CA PRO D 190 -21.90 10.78 -22.64
C PRO D 190 -20.68 9.96 -22.22
N GLY D 191 -20.45 9.90 -20.91
CA GLY D 191 -19.33 9.13 -20.39
C GLY D 191 -19.82 7.72 -20.11
N ALA D 192 -20.33 7.05 -21.15
CA ALA D 192 -20.84 5.70 -20.98
C ALA D 192 -20.43 4.73 -22.09
N ALA D 193 -20.14 3.49 -21.69
CA ALA D 193 -19.73 2.44 -22.63
C ALA D 193 -20.37 1.12 -22.20
N ASP D 194 -20.74 0.28 -23.16
CA ASP D 194 -21.32 -0.99 -22.80
C ASP D 194 -20.24 -2.08 -22.80
N TYR D 195 -20.58 -3.31 -22.44
CA TYR D 195 -19.57 -4.37 -22.43
C TYR D 195 -19.73 -5.35 -23.60
N GLY D 196 -20.55 -5.01 -24.59
CA GLY D 196 -20.67 -5.91 -25.72
C GLY D 196 -21.91 -6.82 -25.80
N LEU D 197 -22.79 -6.79 -24.82
CA LEU D 197 -24.01 -7.63 -24.90
C LEU D 197 -24.86 -6.92 -25.94
N SER D 198 -25.44 -7.68 -26.87
CA SER D 198 -26.20 -7.07 -27.95
C SER D 198 -27.69 -7.39 -28.03
N ARG D 199 -28.07 -8.61 -27.69
CA ARG D 199 -29.46 -8.98 -27.77
C ARG D 199 -29.81 -10.16 -26.90
N PHE D 200 -31.12 -10.33 -26.69
CA PHE D 200 -31.63 -11.48 -25.95
C PHE D 200 -31.55 -12.69 -26.88
N ASP D 201 -31.15 -13.85 -26.35
CA ASP D 201 -31.09 -15.04 -27.19
C ASP D 201 -32.34 -15.84 -26.92
N HIS D 202 -32.52 -16.23 -25.66
CA HIS D 202 -33.69 -16.97 -25.20
C HIS D 202 -34.05 -16.63 -23.75
N ILE D 203 -35.32 -16.84 -23.43
CA ILE D 203 -35.83 -16.55 -22.10
C ILE D 203 -36.58 -17.78 -21.66
N VAL D 204 -36.15 -18.31 -20.53
CA VAL D 204 -36.66 -19.57 -20.02
C VAL D 204 -37.58 -19.49 -18.82
N GLY D 205 -38.70 -20.19 -18.91
CA GLY D 205 -39.65 -20.22 -17.82
C GLY D 205 -39.75 -21.61 -17.25
N ASN D 206 -39.96 -21.68 -15.94
CA ASN D 206 -40.15 -22.94 -15.23
C ASN D 206 -41.62 -23.07 -14.85
N VAL D 207 -42.20 -24.24 -15.06
CA VAL D 207 -43.59 -24.50 -14.73
C VAL D 207 -43.65 -25.88 -14.11
N PRO D 208 -44.67 -26.14 -13.27
CA PRO D 208 -44.76 -27.47 -12.66
C PRO D 208 -45.07 -28.58 -13.70
N GLU D 209 -45.78 -28.24 -14.77
CA GLU D 209 -46.06 -29.26 -15.79
C GLU D 209 -45.91 -28.69 -17.19
N LEU D 210 -45.01 -29.29 -17.95
CA LEU D 210 -44.72 -28.84 -19.31
C LEU D 210 -45.85 -28.95 -20.38
N ALA D 211 -46.49 -30.11 -20.52
CA ALA D 211 -47.54 -30.28 -21.52
C ALA D 211 -48.67 -29.24 -21.45
N PRO D 212 -49.31 -29.08 -20.28
CA PRO D 212 -50.39 -28.08 -20.22
C PRO D 212 -49.89 -26.66 -20.42
N ALA D 213 -48.69 -26.36 -19.93
CA ALA D 213 -48.18 -25.00 -20.12
C ALA D 213 -47.85 -24.78 -21.59
N ALA D 214 -47.24 -25.78 -22.23
CA ALA D 214 -46.88 -25.66 -23.63
C ALA D 214 -48.13 -25.60 -24.51
N ALA D 215 -49.14 -26.41 -24.17
CA ALA D 215 -50.36 -26.45 -24.96
C ALA D 215 -51.04 -25.10 -25.01
N TYR D 216 -51.07 -24.45 -23.84
CA TYR D 216 -51.69 -23.15 -23.73
C TYR D 216 -50.84 -22.13 -24.48
N PHE D 217 -49.55 -22.12 -24.18
CA PHE D 217 -48.61 -21.16 -24.81
C PHE D 217 -48.49 -21.31 -26.33
N ALA D 218 -48.17 -22.52 -26.79
CA ALA D 218 -48.05 -22.76 -28.21
C ALA D 218 -49.41 -22.62 -28.87
N GLY D 219 -50.47 -22.94 -28.14
CA GLY D 219 -51.82 -22.85 -28.67
C GLY D 219 -52.25 -21.44 -29.07
N PHE D 220 -52.00 -20.45 -28.20
CA PHE D 220 -52.43 -19.10 -28.55
C PHE D 220 -51.47 -18.29 -29.41
N THR D 221 -50.19 -18.68 -29.43
CA THR D 221 -49.21 -17.96 -30.24
C THR D 221 -49.06 -18.65 -31.60
N GLY D 222 -49.09 -19.97 -31.58
CA GLY D 222 -48.90 -20.70 -32.80
C GLY D 222 -47.42 -20.94 -32.94
N PHE D 223 -46.65 -20.62 -31.89
CA PHE D 223 -45.21 -20.84 -31.93
C PHE D 223 -45.01 -22.35 -32.05
N HIS D 224 -43.86 -22.76 -32.56
CA HIS D 224 -43.60 -24.19 -32.76
C HIS D 224 -42.39 -24.66 -31.98
N GLU D 225 -42.27 -25.96 -31.81
CA GLU D 225 -41.15 -26.48 -31.06
C GLU D 225 -39.88 -26.43 -31.89
N PHE D 226 -38.82 -25.89 -31.30
CA PHE D 226 -37.50 -25.74 -31.94
C PHE D 226 -36.55 -26.85 -31.49
N ALA D 227 -36.67 -27.28 -30.24
CA ALA D 227 -35.82 -28.33 -29.69
C ALA D 227 -36.38 -28.81 -28.38
N GLU D 228 -35.72 -29.81 -27.81
CA GLU D 228 -36.13 -30.36 -26.53
C GLU D 228 -35.00 -31.15 -25.90
N PHE D 229 -35.00 -31.21 -24.57
CA PHE D 229 -34.04 -31.97 -23.77
C PHE D 229 -34.96 -32.73 -22.84
N THR D 230 -34.91 -34.06 -22.94
CA THR D 230 -35.77 -34.96 -22.16
C THR D 230 -35.02 -36.05 -21.36
N THR D 231 -35.56 -36.39 -20.20
CA THR D 231 -34.99 -37.42 -19.34
C THR D 231 -36.10 -38.12 -18.53
N GLU D 238 -27.96 -37.86 -12.18
CA GLU D 238 -29.25 -37.93 -12.89
C GLU D 238 -29.50 -36.66 -13.74
N SER D 239 -30.76 -36.27 -13.85
CA SER D 239 -31.17 -35.09 -14.62
C SER D 239 -32.57 -34.76 -14.15
N GLY D 240 -32.72 -33.64 -13.44
CA GLY D 240 -34.03 -33.33 -12.91
C GLY D 240 -34.99 -32.54 -13.79
N LEU D 241 -34.92 -32.69 -15.11
CA LEU D 241 -35.84 -31.93 -15.97
C LEU D 241 -36.13 -32.39 -17.40
N ASN D 242 -37.16 -31.75 -17.95
CA ASN D 242 -37.59 -31.93 -19.32
C ASN D 242 -37.77 -30.47 -19.76
N SER D 243 -37.22 -30.12 -20.91
CA SER D 243 -37.31 -28.77 -21.44
C SER D 243 -37.70 -28.81 -22.91
N MET D 244 -38.38 -27.75 -23.34
CA MET D 244 -38.78 -27.66 -24.74
C MET D 244 -38.78 -26.19 -25.13
N VAL D 245 -38.10 -25.89 -26.24
CA VAL D 245 -38.01 -24.54 -26.75
C VAL D 245 -39.08 -24.24 -27.79
N LEU D 246 -39.84 -23.17 -27.55
CA LEU D 246 -40.87 -22.75 -28.50
C LEU D 246 -40.29 -21.56 -29.28
N ALA D 247 -40.68 -21.41 -30.55
CA ALA D 247 -40.15 -20.34 -31.39
C ALA D 247 -41.14 -19.74 -32.39
N ASN D 248 -40.90 -18.50 -32.81
CA ASN D 248 -41.75 -17.86 -33.83
C ASN D 248 -41.28 -18.36 -35.20
N ASN D 249 -41.93 -17.92 -36.27
CA ASN D 249 -41.62 -18.39 -37.62
C ASN D 249 -40.19 -18.25 -38.06
N SER D 250 -39.62 -17.07 -37.86
CA SER D 250 -38.24 -16.82 -38.24
C SER D 250 -37.24 -17.37 -37.21
N GLU D 251 -37.75 -17.90 -36.11
CA GLU D 251 -36.89 -18.44 -35.04
C GLU D 251 -35.92 -17.49 -34.29
N ASN D 252 -36.17 -16.18 -34.31
CA ASN D 252 -35.28 -15.27 -33.59
C ASN D 252 -35.82 -15.01 -32.17
N VAL D 253 -37.03 -15.48 -31.92
CA VAL D 253 -37.65 -15.37 -30.62
C VAL D 253 -37.72 -16.76 -30.05
N LEU D 254 -36.91 -17.04 -29.03
CA LEU D 254 -36.89 -18.35 -28.44
C LEU D 254 -37.32 -18.33 -26.98
N LEU D 255 -38.45 -18.98 -26.68
CA LEU D 255 -38.95 -19.06 -25.32
C LEU D 255 -39.07 -20.50 -24.82
N PRO D 256 -38.04 -21.01 -24.12
CA PRO D 256 -38.10 -22.38 -23.60
C PRO D 256 -38.91 -22.47 -22.29
N LEU D 257 -39.27 -23.69 -21.91
CA LEU D 257 -40.02 -23.98 -20.70
C LEU D 257 -39.41 -25.21 -20.03
N ASN D 258 -39.30 -25.20 -18.70
CA ASN D 258 -38.78 -26.38 -17.99
C ASN D 258 -39.83 -26.84 -17.00
N GLU D 259 -39.88 -28.16 -16.77
CA GLU D 259 -40.76 -28.73 -15.78
C GLU D 259 -39.82 -29.63 -14.94
N PRO D 260 -40.18 -29.89 -13.69
CA PRO D 260 -39.28 -30.74 -12.91
C PRO D 260 -39.54 -32.24 -13.09
N VAL D 261 -38.53 -33.05 -12.79
CA VAL D 261 -38.69 -34.50 -12.83
C VAL D 261 -38.61 -34.89 -11.36
N HIS D 262 -39.67 -35.47 -10.82
CA HIS D 262 -39.69 -35.85 -9.41
C HIS D 262 -39.17 -37.26 -9.14
N GLY D 263 -39.26 -37.66 -7.87
CA GLY D 263 -38.79 -38.97 -7.47
C GLY D 263 -37.36 -39.14 -7.94
N THR D 264 -36.45 -38.39 -7.34
CA THR D 264 -35.05 -38.45 -7.76
C THR D 264 -34.03 -38.44 -6.61
N LYS D 265 -32.76 -38.31 -6.97
CA LYS D 265 -31.68 -38.29 -5.98
C LYS D 265 -31.94 -37.10 -5.07
N ARG D 266 -31.43 -35.93 -5.45
CA ARG D 266 -31.71 -34.74 -4.68
C ARG D 266 -32.85 -34.04 -5.44
N ARG D 267 -33.32 -32.93 -4.90
CA ARG D 267 -34.43 -32.21 -5.50
C ARG D 267 -34.07 -31.68 -6.89
N SER D 268 -35.04 -31.76 -7.79
CA SER D 268 -34.87 -31.22 -9.13
C SER D 268 -34.66 -29.73 -8.88
N GLN D 269 -33.67 -29.15 -9.54
CA GLN D 269 -33.46 -27.74 -9.34
C GLN D 269 -34.61 -26.95 -9.98
N ILE D 270 -35.48 -27.62 -10.71
CA ILE D 270 -36.61 -26.89 -11.28
C ILE D 270 -37.61 -26.73 -10.15
N GLN D 271 -37.73 -27.79 -9.35
CA GLN D 271 -38.64 -27.79 -8.21
C GLN D 271 -38.15 -26.79 -7.15
N THR D 272 -36.83 -26.73 -6.96
CA THR D 272 -36.22 -25.79 -6.00
C THR D 272 -36.64 -24.37 -6.37
N PHE D 273 -36.60 -24.06 -7.66
CA PHE D 273 -37.00 -22.73 -8.12
C PHE D 273 -38.46 -22.46 -7.78
N LEU D 274 -39.34 -23.39 -8.14
CA LEU D 274 -40.76 -23.24 -7.89
C LEU D 274 -41.01 -23.04 -6.40
N ASP D 275 -40.31 -23.81 -5.58
CA ASP D 275 -40.44 -23.72 -4.11
C ASP D 275 -40.06 -22.36 -3.56
N HIS D 276 -38.88 -21.85 -3.91
CA HIS D 276 -38.48 -20.55 -3.39
C HIS D 276 -39.16 -19.40 -4.11
N HIS D 277 -39.38 -19.56 -5.41
CA HIS D 277 -40.00 -18.48 -6.16
C HIS D 277 -41.46 -18.33 -5.75
N GLY D 278 -42.10 -19.46 -5.44
CA GLY D 278 -43.49 -19.44 -5.07
C GLY D 278 -44.37 -19.66 -6.29
N GLY D 279 -43.92 -20.48 -7.24
CA GLY D 279 -44.75 -20.74 -8.43
C GLY D 279 -44.00 -20.63 -9.76
N PRO D 280 -44.72 -20.62 -10.89
CA PRO D 280 -44.07 -20.52 -12.19
C PRO D 280 -43.38 -19.16 -12.36
N GLY D 281 -42.35 -19.12 -13.21
CA GLY D 281 -41.65 -17.87 -13.44
C GLY D 281 -40.41 -18.00 -14.32
N VAL D 282 -39.86 -16.86 -14.73
CA VAL D 282 -38.68 -16.83 -15.55
C VAL D 282 -37.46 -17.32 -14.76
N GLN D 283 -36.85 -18.39 -15.24
CA GLN D 283 -35.65 -18.95 -14.58
C GLN D 283 -34.35 -18.23 -14.97
N HIS D 284 -34.04 -18.13 -16.26
CA HIS D 284 -32.85 -17.43 -16.70
C HIS D 284 -33.06 -16.76 -18.03
N MET D 285 -32.23 -15.76 -18.30
CA MET D 285 -32.27 -15.03 -19.55
C MET D 285 -30.90 -15.17 -20.18
N ALA D 286 -30.87 -15.55 -21.45
CA ALA D 286 -29.65 -15.71 -22.19
C ALA D 286 -29.41 -14.47 -23.01
N LEU D 287 -28.28 -13.82 -22.73
CA LEU D 287 -27.89 -12.59 -23.40
C LEU D 287 -26.68 -12.86 -24.27
N ALA D 288 -26.84 -12.53 -25.54
CA ALA D 288 -25.78 -12.74 -26.51
C ALA D 288 -24.81 -11.56 -26.70
N SER D 289 -23.54 -11.92 -26.92
CA SER D 289 -22.45 -10.99 -27.19
C SER D 289 -21.78 -11.47 -28.48
N ASP D 290 -21.21 -10.55 -29.26
CA ASP D 290 -20.50 -10.94 -30.48
C ASP D 290 -19.01 -11.07 -30.16
N ASP D 291 -18.67 -10.88 -28.89
CA ASP D 291 -17.30 -10.99 -28.38
C ASP D 291 -17.43 -11.27 -26.89
N VAL D 292 -18.03 -12.41 -26.57
CA VAL D 292 -18.26 -12.80 -25.19
C VAL D 292 -17.05 -12.80 -24.27
N LEU D 293 -15.85 -13.07 -24.79
CA LEU D 293 -14.66 -13.07 -23.92
C LEU D 293 -14.39 -11.67 -23.40
N ARG D 294 -14.47 -10.66 -24.27
CA ARG D 294 -14.25 -9.29 -23.80
C ARG D 294 -15.39 -8.92 -22.84
N THR D 295 -16.61 -9.31 -23.18
CA THR D 295 -17.75 -9.01 -22.33
C THR D 295 -17.62 -9.60 -20.93
N LEU D 296 -17.25 -10.88 -20.83
CA LEU D 296 -17.10 -11.49 -19.53
C LEU D 296 -15.99 -10.88 -18.70
N ARG D 297 -14.91 -10.46 -19.35
CA ARG D 297 -13.80 -9.86 -18.62
C ARG D 297 -14.29 -8.61 -17.93
N GLU D 298 -15.11 -7.82 -18.64
CA GLU D 298 -15.67 -6.60 -18.08
C GLU D 298 -16.58 -6.93 -16.92
N MET D 299 -17.43 -7.93 -17.11
CA MET D 299 -18.38 -8.27 -16.05
C MET D 299 -17.64 -8.80 -14.82
N GLN D 300 -16.75 -9.77 -15.03
CA GLN D 300 -16.03 -10.34 -13.90
C GLN D 300 -15.22 -9.32 -13.15
N ALA D 301 -14.82 -8.28 -13.87
CA ALA D 301 -14.07 -7.20 -13.30
C ALA D 301 -14.84 -6.49 -12.18
N ARG D 302 -16.16 -6.44 -12.30
CA ARG D 302 -16.98 -5.77 -11.30
C ARG D 302 -17.64 -6.69 -10.27
N SER D 303 -17.40 -8.00 -10.38
CA SER D 303 -17.97 -8.98 -9.44
C SER D 303 -17.64 -8.66 -7.98
N ALA D 304 -16.39 -8.27 -7.72
CA ALA D 304 -15.96 -7.99 -6.34
C ALA D 304 -16.66 -6.83 -5.66
N MET D 305 -17.08 -5.84 -6.44
CA MET D 305 -17.73 -4.66 -5.89
C MET D 305 -19.21 -4.46 -6.20
N GLY D 306 -20.00 -5.51 -6.03
CA GLY D 306 -21.43 -5.38 -6.26
C GLY D 306 -21.91 -5.91 -7.58
N GLY D 307 -20.98 -6.42 -8.39
CA GLY D 307 -21.39 -6.96 -9.68
C GLY D 307 -21.99 -8.34 -9.60
N PHE D 308 -22.02 -9.05 -10.71
CA PHE D 308 -22.56 -10.40 -10.71
C PHE D 308 -21.42 -11.40 -10.62
N GLU D 309 -21.65 -12.53 -9.98
CA GLU D 309 -20.63 -13.56 -9.87
C GLU D 309 -21.00 -14.70 -10.79
N PHE D 310 -19.99 -15.45 -11.20
CA PHE D 310 -20.19 -16.57 -12.11
C PHE D 310 -19.85 -17.89 -11.42
N MET D 311 -20.30 -19.00 -12.02
CA MET D 311 -20.03 -20.33 -11.48
C MET D 311 -18.52 -20.58 -11.63
N ALA D 312 -17.90 -21.24 -10.66
CA ALA D 312 -16.47 -21.53 -10.74
C ALA D 312 -16.13 -22.24 -12.04
N PRO D 313 -15.02 -21.87 -12.66
CA PRO D 313 -14.63 -22.51 -13.92
C PRO D 313 -14.40 -24.00 -13.67
N PRO D 314 -14.78 -24.86 -14.62
CA PRO D 314 -14.53 -26.28 -14.36
C PRO D 314 -13.04 -26.58 -14.32
N THR D 315 -12.68 -27.83 -14.07
CA THR D 315 -11.27 -28.25 -14.00
C THR D 315 -10.64 -28.45 -15.38
N SER D 316 -9.31 -28.44 -15.42
CA SER D 316 -8.51 -28.62 -16.63
C SER D 316 -8.91 -29.79 -17.51
N ASP D 317 -9.46 -30.83 -16.91
CA ASP D 317 -9.86 -31.98 -17.72
C ASP D 317 -10.99 -31.59 -18.64
N TYR D 318 -11.95 -30.84 -18.11
CA TYR D 318 -13.09 -30.40 -18.93
C TYR D 318 -12.53 -29.70 -20.15
N TYR D 319 -11.54 -28.84 -19.90
CA TYR D 319 -10.95 -28.10 -20.98
C TYR D 319 -10.09 -28.99 -21.87
N ASP D 320 -9.48 -30.03 -21.29
CA ASP D 320 -8.70 -30.95 -22.11
C ASP D 320 -9.76 -31.51 -23.06
N GLY D 321 -10.97 -31.67 -22.51
CA GLY D 321 -12.08 -32.17 -23.29
C GLY D 321 -12.54 -31.20 -24.35
N VAL D 322 -12.51 -29.90 -24.06
CA VAL D 322 -12.93 -28.94 -25.08
C VAL D 322 -11.85 -28.92 -26.16
N ARG D 323 -10.59 -29.05 -25.75
CA ARG D 323 -9.48 -29.08 -26.69
C ARG D 323 -9.75 -30.11 -27.80
N ARG D 324 -10.21 -31.28 -27.40
CA ARG D 324 -10.51 -32.33 -28.36
C ARG D 324 -11.95 -32.24 -28.88
N ARG D 325 -12.84 -31.62 -28.10
CA ARG D 325 -14.23 -31.53 -28.51
C ARG D 325 -14.36 -30.53 -29.64
N ALA D 326 -13.52 -29.50 -29.65
CA ALA D 326 -13.61 -28.48 -30.70
C ALA D 326 -12.33 -27.67 -30.88
N GLY D 327 -11.19 -28.36 -30.83
CA GLY D 327 -9.91 -27.69 -31.01
C GLY D 327 -9.75 -27.13 -32.41
N ASP D 328 -10.55 -27.63 -33.34
CA ASP D 328 -10.47 -27.17 -34.72
C ASP D 328 -11.08 -25.77 -34.92
N VAL D 329 -12.07 -25.40 -34.10
CA VAL D 329 -12.66 -24.07 -34.28
C VAL D 329 -12.07 -23.00 -33.36
N LEU D 330 -11.72 -23.37 -32.13
CA LEU D 330 -11.15 -22.41 -31.19
C LEU D 330 -9.64 -22.58 -31.14
N THR D 331 -8.93 -21.47 -30.89
CA THR D 331 -7.47 -21.47 -30.81
C THR D 331 -7.01 -21.65 -29.38
N GLU D 332 -5.89 -22.33 -29.19
CA GLU D 332 -5.34 -22.53 -27.84
C GLU D 332 -5.36 -21.23 -27.02
N ALA D 333 -5.23 -20.08 -27.68
CA ALA D 333 -5.25 -18.80 -26.98
C ALA D 333 -6.66 -18.54 -26.48
N GLN D 334 -7.64 -18.83 -27.34
CA GLN D 334 -9.05 -18.66 -27.01
C GLN D 334 -9.50 -19.70 -25.99
N ILE D 335 -9.20 -20.96 -26.27
CA ILE D 335 -9.58 -22.03 -25.36
C ILE D 335 -8.99 -21.80 -23.98
N LYS D 336 -7.91 -21.03 -23.94
CA LYS D 336 -7.25 -20.75 -22.67
C LYS D 336 -7.93 -19.56 -22.00
N GLU D 337 -8.44 -18.64 -22.80
CA GLU D 337 -9.17 -17.50 -22.25
C GLU D 337 -10.42 -18.08 -21.59
N CYS D 338 -11.07 -19.01 -22.29
CA CYS D 338 -12.29 -19.65 -21.78
C CYS D 338 -12.06 -20.28 -20.41
N GLN D 339 -10.91 -20.91 -20.24
CA GLN D 339 -10.62 -21.56 -18.97
C GLN D 339 -10.36 -20.54 -17.90
N GLU D 340 -9.73 -19.44 -18.28
CA GLU D 340 -9.45 -18.38 -17.32
C GLU D 340 -10.75 -17.73 -16.84
N LEU D 341 -11.73 -17.62 -17.73
CA LEU D 341 -13.03 -17.00 -17.39
C LEU D 341 -14.05 -18.00 -16.89
N GLY D 342 -13.88 -19.26 -17.29
CA GLY D 342 -14.81 -20.30 -16.88
C GLY D 342 -15.94 -20.56 -17.87
N VAL D 343 -15.78 -20.16 -19.11
CA VAL D 343 -16.87 -20.39 -20.05
C VAL D 343 -16.85 -21.81 -20.57
N LEU D 344 -18.03 -22.36 -20.79
CA LEU D 344 -18.16 -23.72 -21.27
C LEU D 344 -18.34 -23.62 -22.76
N VAL D 345 -17.93 -24.69 -23.45
CA VAL D 345 -17.99 -24.72 -24.91
C VAL D 345 -18.72 -25.92 -25.47
N ASP D 346 -19.76 -25.68 -26.25
CA ASP D 346 -20.48 -26.78 -26.88
C ASP D 346 -20.37 -26.63 -28.40
N ARG D 347 -20.77 -27.66 -29.13
CA ARG D 347 -20.66 -27.66 -30.59
C ARG D 347 -21.70 -28.56 -31.25
N ASP D 348 -21.90 -28.40 -32.57
CA ASP D 348 -22.84 -29.25 -33.27
C ASP D 348 -22.67 -29.26 -34.79
N ASP D 349 -23.49 -30.04 -35.47
CA ASP D 349 -23.42 -30.16 -36.94
C ASP D 349 -23.49 -28.81 -37.66
N GLN D 350 -23.83 -27.74 -36.97
CA GLN D 350 -23.94 -26.44 -37.64
C GLN D 350 -23.32 -25.24 -36.92
N GLY D 351 -22.78 -25.43 -35.71
CA GLY D 351 -22.20 -24.29 -35.02
C GLY D 351 -21.58 -24.51 -33.65
N VAL D 352 -20.91 -23.47 -33.16
CA VAL D 352 -20.24 -23.50 -31.86
C VAL D 352 -20.89 -22.56 -30.86
N LEU D 353 -21.07 -23.04 -29.63
CA LEU D 353 -21.69 -22.23 -28.58
C LEU D 353 -20.81 -22.01 -27.35
N LEU D 354 -20.50 -20.75 -27.06
CA LEU D 354 -19.77 -20.41 -25.84
C LEU D 354 -20.85 -19.91 -24.86
N GLN D 355 -20.87 -20.45 -23.65
CA GLN D 355 -21.86 -20.04 -22.66
C GLN D 355 -21.34 -20.05 -21.24
N ILE D 356 -21.89 -19.19 -20.41
CA ILE D 356 -21.51 -19.16 -19.00
C ILE D 356 -22.73 -18.66 -18.21
N PHE D 357 -22.84 -19.12 -16.98
CA PHE D 357 -23.95 -18.81 -16.08
C PHE D 357 -23.52 -18.10 -14.81
N THR D 358 -24.30 -17.09 -14.42
CA THR D 358 -24.05 -16.33 -13.20
C THR D 358 -24.69 -17.03 -12.02
N LYS D 359 -24.31 -16.64 -10.80
CA LYS D 359 -24.96 -17.18 -9.62
C LYS D 359 -26.29 -16.40 -9.61
N PRO D 360 -27.26 -16.78 -8.77
CA PRO D 360 -28.54 -16.04 -8.74
C PRO D 360 -28.35 -14.54 -8.64
N VAL D 361 -29.13 -13.78 -9.41
CA VAL D 361 -28.98 -12.30 -9.42
C VAL D 361 -29.74 -11.55 -8.34
N GLY D 362 -30.58 -12.27 -7.60
CA GLY D 362 -31.34 -11.64 -6.54
C GLY D 362 -31.03 -12.37 -5.25
N ASP D 363 -31.94 -12.27 -4.29
CA ASP D 363 -31.77 -12.90 -2.99
C ASP D 363 -32.02 -14.41 -2.92
N ARG D 364 -32.80 -14.93 -3.86
CA ARG D 364 -33.14 -16.35 -3.83
C ARG D 364 -32.46 -17.14 -4.93
N PRO D 365 -32.33 -18.46 -4.74
CA PRO D 365 -31.68 -19.27 -5.79
C PRO D 365 -32.71 -19.48 -6.87
N THR D 366 -33.17 -18.39 -7.45
CA THR D 366 -34.17 -18.47 -8.49
C THR D 366 -33.70 -17.97 -9.85
N LEU D 367 -33.79 -16.67 -10.04
CA LEU D 367 -33.40 -16.06 -11.30
C LEU D 367 -31.89 -15.92 -11.45
N PHE D 368 -31.38 -16.27 -12.62
CA PHE D 368 -29.96 -16.09 -12.90
C PHE D 368 -29.86 -15.73 -14.36
N LEU D 369 -28.65 -15.50 -14.84
CA LEU D 369 -28.43 -15.14 -16.22
C LEU D 369 -27.43 -16.09 -16.89
N GLU D 370 -27.46 -16.07 -18.22
CA GLU D 370 -26.58 -16.84 -19.07
C GLU D 370 -26.01 -15.85 -20.08
N ILE D 371 -24.69 -15.87 -20.27
CA ILE D 371 -24.06 -15.01 -21.24
C ILE D 371 -23.48 -15.92 -22.30
N ILE D 372 -23.78 -15.63 -23.56
CA ILE D 372 -23.29 -16.49 -24.63
C ILE D 372 -22.88 -15.79 -25.89
N GLN D 373 -22.39 -16.61 -26.81
CA GLN D 373 -21.94 -16.17 -28.12
C GLN D 373 -22.08 -17.37 -29.04
N ARG D 374 -22.74 -17.16 -30.18
CA ARG D 374 -22.89 -18.28 -31.10
C ARG D 374 -21.99 -18.07 -32.31
N ILE D 375 -21.34 -19.13 -32.75
CA ILE D 375 -20.45 -19.09 -33.91
C ILE D 375 -20.92 -20.05 -35.01
N GLY D 376 -21.26 -19.52 -36.18
CA GLY D 376 -21.71 -20.36 -37.29
C GLY D 376 -23.08 -20.04 -37.90
N CYS D 377 -23.55 -20.93 -38.77
CA CYS D 377 -24.84 -20.79 -39.43
C CYS D 377 -24.97 -19.42 -40.05
N MET D 378 -23.91 -19.02 -40.75
CA MET D 378 -23.85 -17.70 -41.38
C MET D 378 -24.43 -17.56 -42.79
N GLU D 379 -25.74 -17.74 -42.88
CA GLU D 379 -26.42 -17.56 -44.15
C GLU D 379 -26.49 -16.04 -44.28
N LYS D 380 -26.41 -15.51 -45.50
CA LYS D 380 -26.47 -14.05 -45.67
C LYS D 380 -27.49 -13.57 -46.69
N ASP D 381 -27.88 -12.31 -46.57
CA ASP D 381 -28.85 -11.71 -47.49
C ASP D 381 -28.23 -10.46 -48.12
N GLU D 382 -27.62 -10.63 -49.29
CA GLU D 382 -26.97 -9.54 -50.01
C GLU D 382 -25.74 -9.03 -49.26
N LYS D 383 -24.65 -8.81 -49.99
CA LYS D 383 -23.42 -8.31 -49.40
C LYS D 383 -23.63 -6.96 -48.72
N GLY D 384 -23.74 -6.99 -47.39
CA GLY D 384 -23.95 -5.77 -46.64
C GLY D 384 -24.71 -6.03 -45.35
N GLN D 385 -25.43 -7.15 -45.33
CA GLN D 385 -26.20 -7.52 -44.15
C GLN D 385 -26.33 -9.04 -44.05
N GLU D 386 -25.31 -9.69 -43.49
CA GLU D 386 -25.31 -11.13 -43.32
C GLU D 386 -25.91 -11.48 -41.97
N TYR D 387 -26.74 -12.53 -41.94
CA TYR D 387 -27.37 -12.93 -40.68
C TYR D 387 -26.93 -14.32 -40.20
N GLN D 388 -27.43 -14.68 -39.04
CA GLN D 388 -27.11 -15.97 -38.42
C GLN D 388 -28.42 -16.67 -38.05
N LYS D 389 -28.52 -17.95 -38.42
CA LYS D 389 -29.69 -18.74 -38.11
C LYS D 389 -29.89 -18.84 -36.60
N GLY D 390 -31.08 -18.48 -36.12
CA GLY D 390 -31.37 -18.54 -34.70
C GLY D 390 -31.08 -19.91 -34.12
N GLY D 391 -30.56 -19.94 -32.89
CA GLY D 391 -30.27 -21.22 -32.24
C GLY D 391 -28.94 -21.86 -32.59
N CYS D 392 -28.19 -21.22 -33.46
CA CYS D 392 -26.87 -21.67 -33.88
C CYS D 392 -26.00 -22.25 -32.76
N GLY D 393 -25.89 -23.58 -32.71
CA GLY D 393 -25.05 -24.22 -31.69
C GLY D 393 -25.79 -24.96 -30.58
N GLY D 394 -27.12 -24.94 -30.63
CA GLY D 394 -27.87 -25.64 -29.61
C GLY D 394 -27.99 -24.81 -28.36
N PHE D 395 -28.26 -25.48 -27.23
CA PHE D 395 -28.40 -24.77 -25.97
C PHE D 395 -27.46 -25.26 -24.87
N GLY D 396 -26.51 -26.12 -25.25
CA GLY D 396 -25.53 -26.63 -24.29
C GLY D 396 -25.78 -28.01 -23.71
N LYS D 397 -26.44 -28.88 -24.46
CA LYS D 397 -26.72 -30.23 -23.99
C LYS D 397 -25.41 -30.92 -23.62
N GLY D 398 -24.40 -30.78 -24.47
CA GLY D 398 -23.11 -31.38 -24.20
C GLY D 398 -22.54 -30.93 -22.87
N ASN D 399 -22.87 -29.71 -22.46
CA ASN D 399 -22.37 -29.16 -21.21
C ASN D 399 -23.21 -29.50 -19.99
N PHE D 400 -24.34 -30.18 -20.21
CA PHE D 400 -25.24 -30.53 -19.12
C PHE D 400 -24.54 -31.24 -17.97
N SER D 401 -23.93 -32.38 -18.25
CA SER D 401 -23.23 -33.15 -17.22
C SER D 401 -22.36 -32.27 -16.34
N GLN D 402 -21.58 -31.39 -16.98
CA GLN D 402 -20.69 -30.48 -16.25
C GLN D 402 -21.50 -29.48 -15.41
N LEU D 403 -22.55 -28.93 -16.02
CA LEU D 403 -23.40 -27.98 -15.30
C LEU D 403 -23.88 -28.70 -14.03
N PHE D 404 -24.46 -29.88 -14.21
CA PHE D 404 -24.95 -30.68 -13.08
C PHE D 404 -23.84 -30.88 -12.04
N LYS D 405 -22.63 -31.16 -12.50
CA LYS D 405 -21.51 -31.37 -11.58
C LYS D 405 -21.23 -30.08 -10.81
N SER D 406 -21.35 -28.96 -11.51
CA SER D 406 -21.12 -27.66 -10.90
C SER D 406 -22.17 -27.44 -9.81
N ILE D 407 -23.44 -27.53 -10.22
CA ILE D 407 -24.57 -27.31 -9.32
C ILE D 407 -24.53 -28.23 -8.10
N GLU D 408 -24.53 -29.54 -8.37
CA GLU D 408 -24.50 -30.57 -7.34
C GLU D 408 -23.39 -30.33 -6.32
N ASP D 409 -22.22 -29.95 -6.81
CA ASP D 409 -21.05 -29.68 -5.95
C ASP D 409 -21.32 -28.50 -5.02
N TYR D 410 -21.70 -27.36 -5.59
CA TYR D 410 -21.97 -26.16 -4.79
C TYR D 410 -22.99 -26.50 -3.69
N GLU D 411 -24.08 -27.20 -4.07
CA GLU D 411 -25.14 -27.60 -3.14
C GLU D 411 -24.62 -28.50 -2.03
N LYS D 412 -23.35 -28.90 -2.14
CA LYS D 412 -22.73 -29.77 -1.14
C LYS D 412 -21.69 -28.99 -0.35
N SER D 413 -20.99 -28.08 -1.03
CA SER D 413 -19.99 -27.24 -0.38
C SER D 413 -20.69 -26.42 0.68
N LEU D 414 -21.97 -26.13 0.44
CA LEU D 414 -22.78 -25.35 1.37
C LEU D 414 -23.47 -26.17 2.45
N GLU D 415 -24.07 -27.30 2.04
CA GLU D 415 -24.76 -28.16 3.00
C GLU D 415 -23.81 -28.92 3.93
#